data_6N55
#
_entry.id   6N55
#
_cell.length_a   92.747
_cell.length_b   85.764
_cell.length_c   153.367
_cell.angle_alpha   90.00
_cell.angle_beta   95.39
_cell.angle_gamma   90.00
#
_symmetry.space_group_name_H-M   'P 1 21 1'
#
loop_
_entity.id
_entity.type
_entity.pdbx_description
1 polymer 'Uridine-cytidine kinase 2'
2 non-polymer 'PHOSPHATE ION'
3 non-polymer GLYCEROL
4 non-polymer "2'-azido-2'-deoxyuridine"
5 water water
#
_entity_poly.entity_id   1
_entity_poly.type   'polypeptide(L)'
_entity_poly.pdbx_seq_one_letter_code
;GPLGSMAGDSEQTLQNHQQPNGGEPFLIGVSGGTASGKSSVCAKIVQLLGQNEVDYRQKQVVILSQDSFYRVLTSEQKAK
ALKGQFNFDHPDAFDNELILKTLKEITEGKTVQIPVYDFVSHSRKEETVTVYPADVVLFEGILAFYSQEVRDLFQMKLFV
DTDADTRLSRRVLRDISERGRDLEQILSQYITFVKPAFEEFCLPTKKYADVIIPRGADNLVAINLIVQHIQDILNGGPSK
RQTNGCLNGYTPSRK
;
_entity_poly.pdbx_strand_id   A,B,C,D,E,F,G,H
#
# COMPACT_ATOMS: atom_id res chain seq x y z
N GLU A 24 2.03 16.68 -27.57
CA GLU A 24 1.04 15.78 -27.00
C GLU A 24 1.62 14.38 -26.81
N PRO A 25 2.30 14.16 -25.68
CA PRO A 25 2.90 12.85 -25.42
C PRO A 25 1.84 11.79 -25.19
N PHE A 26 2.16 10.57 -25.62
CA PHE A 26 1.26 9.43 -25.49
C PHE A 26 1.56 8.73 -24.16
N LEU A 27 0.60 8.77 -23.24
CA LEU A 27 0.75 8.15 -21.93
C LEU A 27 0.06 6.79 -21.90
N ILE A 28 0.80 5.77 -21.50
CA ILE A 28 0.30 4.39 -21.47
C ILE A 28 0.42 3.89 -20.04
N GLY A 29 -0.73 3.58 -19.44
CA GLY A 29 -0.76 3.08 -18.07
C GLY A 29 -0.70 1.57 -18.05
N VAL A 30 0.24 1.04 -17.28
CA VAL A 30 0.43 -0.40 -17.12
C VAL A 30 0.28 -0.73 -15.64
N SER A 31 -0.74 -1.53 -15.31
CA SER A 31 -1.00 -1.92 -13.94
C SER A 31 -1.00 -3.44 -13.83
N GLY A 32 -1.24 -3.90 -12.62
CA GLY A 32 -1.23 -5.32 -12.32
C GLY A 32 -0.55 -5.56 -10.98
N GLY A 33 -0.80 -6.73 -10.41
CA GLY A 33 -0.23 -7.07 -9.12
C GLY A 33 1.29 -7.13 -9.18
N THR A 34 1.87 -7.23 -7.98
CA THR A 34 3.32 -7.37 -7.90
C THR A 34 3.76 -8.69 -8.53
N ALA A 35 4.95 -8.67 -9.11
CA ALA A 35 5.54 -9.84 -9.77
C ALA A 35 4.63 -10.40 -10.87
N SER A 36 3.87 -9.52 -11.52
CA SER A 36 3.09 -9.92 -12.68
C SER A 36 3.83 -9.72 -13.98
N GLY A 37 4.86 -8.88 -13.98
CA GLY A 37 5.62 -8.57 -15.16
C GLY A 37 5.47 -7.16 -15.70
N LYS A 38 4.96 -6.22 -14.90
CA LYS A 38 4.80 -4.85 -15.38
C LYS A 38 6.14 -4.25 -15.77
N SER A 39 7.12 -4.33 -14.86
CA SER A 39 8.43 -3.74 -15.15
C SER A 39 9.15 -4.48 -16.27
N SER A 40 8.97 -5.80 -16.34
CA SER A 40 9.65 -6.57 -17.38
C SER A 40 9.03 -6.33 -18.75
N VAL A 41 7.70 -6.17 -18.81
CA VAL A 41 7.05 -5.86 -20.07
C VAL A 41 7.50 -4.49 -20.58
N CYS A 42 7.48 -3.48 -19.72
CA CYS A 42 7.91 -2.14 -20.12
C CYS A 42 9.37 -2.13 -20.55
N ALA A 43 10.22 -2.89 -19.85
CA ALA A 43 11.62 -2.96 -20.23
C ALA A 43 11.82 -3.61 -21.59
N LYS A 44 11.08 -4.71 -21.85
CA LYS A 44 11.18 -5.37 -23.14
C LYS A 44 10.69 -4.47 -24.27
N ILE A 45 9.63 -3.69 -24.01
CA ILE A 45 9.11 -2.79 -25.04
C ILE A 45 10.15 -1.72 -25.37
N VAL A 46 10.71 -1.08 -24.34
CA VAL A 46 11.70 -0.03 -24.57
C VAL A 46 12.97 -0.60 -25.20
N GLN A 47 13.40 -1.78 -24.75
CA GLN A 47 14.57 -2.40 -25.33
C GLN A 47 14.34 -2.76 -26.80
N LEU A 48 13.18 -3.30 -27.12
CA LEU A 48 12.89 -3.65 -28.52
C LEU A 48 12.76 -2.42 -29.40
N LEU A 49 12.37 -1.28 -28.83
CA LEU A 49 12.30 -0.04 -29.58
C LEU A 49 13.64 0.67 -29.68
N GLY A 50 14.72 0.07 -29.19
CA GLY A 50 16.04 0.65 -29.27
C GLY A 50 16.26 1.89 -28.43
N GLN A 51 15.40 2.16 -27.46
CA GLN A 51 15.56 3.35 -26.63
C GLN A 51 16.71 3.22 -25.64
N ASN A 52 17.16 1.99 -25.35
CA ASN A 52 18.27 1.81 -24.42
C ASN A 52 19.57 2.35 -24.98
N GLU A 53 19.72 2.37 -26.31
CA GLU A 53 20.95 2.84 -26.93
C GLU A 53 20.99 4.35 -27.08
N VAL A 54 19.82 5.00 -27.18
CA VAL A 54 19.79 6.44 -27.36
C VAL A 54 20.14 7.14 -26.06
N ASP A 55 20.67 8.35 -26.17
CA ASP A 55 21.00 9.14 -24.99
C ASP A 55 19.72 9.52 -24.24
N TYR A 56 19.91 9.84 -22.95
CA TYR A 56 18.76 10.18 -22.11
C TYR A 56 18.07 11.46 -22.54
N ARG A 57 18.73 12.29 -23.36
CA ARG A 57 18.09 13.49 -23.87
C ARG A 57 17.21 13.19 -25.08
N GLN A 58 17.68 12.31 -25.96
CA GLN A 58 16.97 11.98 -27.20
C GLN A 58 16.10 10.73 -27.07
N LYS A 59 15.79 10.31 -25.84
CA LYS A 59 14.90 9.17 -25.65
C LYS A 59 13.47 9.55 -26.00
N GLN A 60 12.86 8.77 -26.89
CA GLN A 60 11.49 9.03 -27.31
C GLN A 60 10.46 8.23 -26.50
N VAL A 61 10.89 7.17 -25.82
CA VAL A 61 10.01 6.36 -24.98
C VAL A 61 10.69 6.17 -23.63
N VAL A 62 10.05 6.66 -22.56
CA VAL A 62 10.58 6.57 -21.22
C VAL A 62 9.61 5.75 -20.36
N ILE A 63 10.14 5.24 -19.25
CA ILE A 63 9.37 4.41 -18.33
C ILE A 63 9.35 5.09 -16.97
N LEU A 64 8.15 5.20 -16.38
CA LEU A 64 7.98 5.75 -15.04
C LEU A 64 7.48 4.65 -14.12
N SER A 65 8.15 4.49 -12.98
CA SER A 65 7.77 3.51 -11.97
C SER A 65 7.05 4.19 -10.82
N GLN A 66 5.91 3.60 -10.40
CA GLN A 66 5.16 4.19 -9.29
C GLN A 66 5.97 4.15 -8.00
N ASP A 67 6.82 3.14 -7.82
CA ASP A 67 7.65 3.05 -6.62
C ASP A 67 8.66 4.19 -6.51
N SER A 68 8.89 4.93 -7.59
CA SER A 68 9.73 6.13 -7.51
C SER A 68 9.03 7.28 -6.80
N PHE A 69 7.72 7.19 -6.57
CA PHE A 69 6.94 8.26 -5.96
C PHE A 69 6.41 7.88 -4.59
N TYR A 70 7.19 7.13 -3.82
CA TYR A 70 6.81 6.84 -2.44
C TYR A 70 6.83 8.12 -1.61
N ARG A 71 5.91 8.21 -0.66
CA ARG A 71 5.81 9.39 0.18
C ARG A 71 7.04 9.50 1.09
N VAL A 72 7.23 10.70 1.64
CA VAL A 72 8.38 10.98 2.48
C VAL A 72 8.24 10.20 3.79
N LEU A 73 9.20 9.31 4.05
CA LEU A 73 9.17 8.49 5.27
C LEU A 73 9.92 9.17 6.40
N GLN A 85 5.86 -3.77 9.53
CA GLN A 85 4.97 -3.09 10.46
C GLN A 85 4.16 -1.98 9.76
N PHE A 86 4.59 -1.61 8.55
CA PHE A 86 3.93 -0.59 7.77
C PHE A 86 3.54 -1.14 6.40
N ASN A 87 2.40 -0.70 5.90
CA ASN A 87 1.86 -1.18 4.62
C ASN A 87 2.33 -0.25 3.50
N PHE A 88 3.27 -0.72 2.69
CA PHE A 88 3.76 0.05 1.56
C PHE A 88 3.01 -0.25 0.27
N ASP A 89 2.02 -1.13 0.30
CA ASP A 89 1.17 -1.40 -0.84
C ASP A 89 -0.14 -0.63 -0.80
N HIS A 90 -0.35 0.19 0.24
CA HIS A 90 -1.56 0.98 0.41
C HIS A 90 -1.46 2.27 -0.40
N PRO A 91 -2.57 2.75 -0.96
CA PRO A 91 -2.52 4.00 -1.74
C PRO A 91 -1.96 5.18 -0.97
N ASP A 92 -2.11 5.20 0.36
CA ASP A 92 -1.61 6.33 1.15
C ASP A 92 -0.09 6.42 1.13
N ALA A 93 0.60 5.32 0.85
CA ALA A 93 2.06 5.33 0.86
C ALA A 93 2.67 5.89 -0.41
N PHE A 94 1.85 6.39 -1.34
CA PHE A 94 2.33 6.93 -2.60
C PHE A 94 1.96 8.40 -2.70
N ASP A 95 2.94 9.22 -3.11
CA ASP A 95 2.71 10.65 -3.31
C ASP A 95 1.76 10.88 -4.48
N ASN A 96 0.46 10.83 -4.22
CA ASN A 96 -0.53 10.94 -5.29
C ASN A 96 -0.46 12.29 -5.99
N GLU A 97 -0.16 13.36 -5.25
CA GLU A 97 -0.10 14.67 -5.86
C GLU A 97 1.15 14.86 -6.70
N LEU A 98 2.26 14.27 -6.28
CA LEU A 98 3.47 14.35 -7.09
C LEU A 98 3.33 13.55 -8.38
N ILE A 99 2.69 12.38 -8.31
CA ILE A 99 2.44 11.59 -9.51
C ILE A 99 1.59 12.39 -10.50
N LEU A 100 0.50 12.99 -10.01
CA LEU A 100 -0.40 13.74 -10.88
C LEU A 100 0.29 14.97 -11.45
N LYS A 101 1.06 15.68 -10.62
CA LYS A 101 1.76 16.86 -11.12
C LYS A 101 2.83 16.49 -12.14
N THR A 102 3.61 15.43 -11.86
CA THR A 102 4.65 15.02 -12.79
C THR A 102 4.05 14.55 -14.11
N LEU A 103 3.02 13.70 -14.05
CA LEU A 103 2.41 13.19 -15.26
C LEU A 103 1.76 14.32 -16.07
N LYS A 104 1.16 15.29 -15.39
CA LYS A 104 0.55 16.41 -16.09
C LYS A 104 1.61 17.29 -16.73
N GLU A 105 2.70 17.57 -16.02
CA GLU A 105 3.77 18.35 -16.61
C GLU A 105 4.43 17.64 -17.78
N ILE A 106 4.41 16.30 -17.78
CA ILE A 106 4.94 15.56 -18.91
C ILE A 106 4.07 15.77 -20.14
N THR A 107 2.74 15.76 -19.95
CA THR A 107 1.85 16.02 -21.08
C THR A 107 2.01 17.43 -21.62
N GLU A 108 2.41 18.38 -20.77
CA GLU A 108 2.65 19.74 -21.21
C GLU A 108 3.98 19.92 -21.92
N GLY A 109 4.73 18.84 -22.14
CA GLY A 109 6.00 18.92 -22.82
C GLY A 109 7.13 19.49 -21.99
N LYS A 110 6.98 19.54 -20.67
CA LYS A 110 8.01 20.10 -19.80
C LYS A 110 8.97 19.01 -19.34
N THR A 111 10.17 19.43 -18.99
CA THR A 111 11.16 18.51 -18.42
C THR A 111 10.92 18.38 -16.92
N VAL A 112 10.87 17.14 -16.44
CA VAL A 112 10.56 16.87 -15.04
C VAL A 112 11.67 16.04 -14.44
N GLN A 113 11.80 16.13 -13.12
CA GLN A 113 12.76 15.35 -12.36
C GLN A 113 12.00 14.41 -11.43
N ILE A 114 12.37 13.15 -11.45
CA ILE A 114 11.66 12.09 -10.72
C ILE A 114 12.53 11.67 -9.53
N PRO A 115 11.97 11.55 -8.34
CA PRO A 115 12.77 11.08 -7.20
C PRO A 115 13.22 9.65 -7.39
N VAL A 116 14.28 9.28 -6.67
CA VAL A 116 14.80 7.92 -6.65
C VAL A 116 14.49 7.31 -5.29
N TYR A 117 14.15 6.02 -5.29
CA TYR A 117 13.75 5.32 -4.08
C TYR A 117 14.36 3.93 -4.07
N ASP A 118 15.03 3.60 -2.97
CA ASP A 118 15.63 2.28 -2.78
C ASP A 118 14.69 1.44 -1.93
N PHE A 119 14.39 0.23 -2.40
CA PHE A 119 13.43 -0.63 -1.72
C PHE A 119 13.99 -1.25 -0.44
N VAL A 120 15.29 -1.19 -0.22
CA VAL A 120 15.88 -1.84 0.95
C VAL A 120 15.77 -0.95 2.18
N SER A 121 16.24 0.30 2.07
CA SER A 121 16.31 1.21 3.21
C SER A 121 15.10 2.13 3.33
N HIS A 122 14.20 2.12 2.35
CA HIS A 122 13.01 2.98 2.35
C HIS A 122 13.40 4.46 2.48
N SER A 123 14.29 4.91 1.60
CA SER A 123 14.81 6.27 1.63
C SER A 123 14.71 6.90 0.25
N ARG A 124 14.29 8.16 0.23
CA ARG A 124 14.25 8.96 -0.99
C ARG A 124 15.52 9.79 -1.06
N LYS A 125 16.45 9.38 -1.93
CA LYS A 125 17.72 10.08 -2.04
C LYS A 125 17.52 11.48 -2.64
N GLU A 126 18.47 12.37 -2.33
CA GLU A 126 18.38 13.74 -2.81
C GLU A 126 18.55 13.85 -4.32
N GLU A 127 19.23 12.88 -4.93
CA GLU A 127 19.41 12.88 -6.37
C GLU A 127 18.07 12.68 -7.08
N THR A 128 17.94 13.31 -8.24
CA THR A 128 16.72 13.21 -9.04
C THR A 128 17.08 12.76 -10.45
N VAL A 129 16.22 11.95 -11.06
CA VAL A 129 16.38 11.52 -12.43
C VAL A 129 15.65 12.51 -13.33
N THR A 130 16.37 13.15 -14.24
CA THR A 130 15.79 14.12 -15.15
C THR A 130 15.25 13.41 -16.38
N VAL A 131 13.97 13.63 -16.67
CA VAL A 131 13.29 12.99 -17.80
C VAL A 131 12.89 14.08 -18.78
N TYR A 132 13.56 14.11 -19.93
CA TYR A 132 13.28 15.09 -20.97
C TYR A 132 11.99 14.72 -21.72
N PRO A 133 11.37 15.67 -22.39
CA PRO A 133 10.10 15.39 -23.08
C PRO A 133 10.23 14.24 -24.07
N ALA A 134 9.42 13.22 -23.89
CA ALA A 134 9.39 12.06 -24.76
C ALA A 134 8.04 11.95 -25.46
N ASP A 135 8.01 11.18 -26.53
CA ASP A 135 6.79 11.02 -27.32
C ASP A 135 5.83 10.04 -26.65
N VAL A 136 6.36 8.96 -26.07
CA VAL A 136 5.55 7.95 -25.39
C VAL A 136 6.12 7.75 -24.00
N VAL A 137 5.24 7.72 -22.99
CA VAL A 137 5.62 7.57 -21.59
C VAL A 137 4.88 6.37 -21.03
N LEU A 138 5.62 5.42 -20.47
CA LEU A 138 5.05 4.24 -19.82
C LEU A 138 5.08 4.47 -18.31
N PHE A 139 3.91 4.40 -17.68
CA PHE A 139 3.80 4.52 -16.22
C PHE A 139 3.31 3.17 -15.69
N GLU A 140 4.19 2.43 -15.04
CA GLU A 140 3.86 1.15 -14.44
C GLU A 140 3.67 1.30 -12.95
N GLY A 141 2.70 0.59 -12.40
CA GLY A 141 2.43 0.65 -10.98
C GLY A 141 1.26 -0.20 -10.54
N ILE A 142 1.32 -0.73 -9.32
CA ILE A 142 0.25 -1.58 -8.81
C ILE A 142 -1.05 -0.80 -8.67
N LEU A 143 -0.96 0.51 -8.47
CA LEU A 143 -2.13 1.37 -8.28
C LEU A 143 -2.18 2.47 -9.32
N ALA A 144 -1.71 2.20 -10.54
CA ALA A 144 -1.69 3.23 -11.57
C ALA A 144 -3.10 3.62 -12.00
N PHE A 145 -4.06 2.70 -11.90
CA PHE A 145 -5.44 2.99 -12.25
C PHE A 145 -6.31 3.28 -11.04
N TYR A 146 -5.71 3.49 -9.86
CA TYR A 146 -6.49 3.72 -8.66
C TYR A 146 -7.08 5.13 -8.64
N SER A 147 -6.26 6.15 -8.89
CA SER A 147 -6.72 7.52 -8.89
C SER A 147 -7.44 7.84 -10.20
N GLN A 148 -8.65 8.37 -10.09
CA GLN A 148 -9.40 8.76 -11.28
C GLN A 148 -8.67 9.84 -12.06
N GLU A 149 -8.04 10.77 -11.36
CA GLU A 149 -7.29 11.84 -12.03
C GLU A 149 -6.12 11.28 -12.82
N VAL A 150 -5.51 10.20 -12.34
CA VAL A 150 -4.41 9.59 -13.07
C VAL A 150 -4.92 8.69 -14.19
N ARG A 151 -6.09 8.07 -14.00
CA ARG A 151 -6.65 7.19 -15.02
C ARG A 151 -6.87 7.95 -16.33
N ASP A 152 -7.60 9.06 -16.27
CA ASP A 152 -7.97 9.79 -17.48
C ASP A 152 -6.77 10.38 -18.21
N LEU A 153 -5.58 10.41 -17.59
CA LEU A 153 -4.39 10.86 -18.30
C LEU A 153 -3.95 9.86 -19.36
N PHE A 154 -4.21 8.58 -19.13
CA PHE A 154 -3.72 7.53 -20.02
C PHE A 154 -4.65 7.35 -21.22
N GLN A 155 -4.09 7.45 -22.43
CA GLN A 155 -4.87 7.18 -23.63
C GLN A 155 -5.08 5.68 -23.84
N MET A 156 -4.11 4.86 -23.46
CA MET A 156 -4.25 3.41 -23.49
C MET A 156 -3.86 2.87 -22.12
N LYS A 157 -4.68 1.97 -21.59
CA LYS A 157 -4.49 1.41 -20.26
C LYS A 157 -4.35 -0.10 -20.37
N LEU A 158 -3.17 -0.62 -20.02
CA LEU A 158 -2.87 -2.03 -20.06
C LEU A 158 -2.81 -2.60 -18.66
N PHE A 159 -3.28 -3.84 -18.51
CA PHE A 159 -3.27 -4.53 -17.22
C PHE A 159 -2.62 -5.89 -17.41
N VAL A 160 -1.53 -6.14 -16.68
CA VAL A 160 -0.81 -7.40 -16.76
C VAL A 160 -1.43 -8.34 -15.74
N ASP A 161 -2.36 -9.19 -16.19
CA ASP A 161 -3.10 -10.08 -15.30
C ASP A 161 -2.38 -11.41 -15.20
N THR A 162 -1.77 -11.66 -14.04
CA THR A 162 -1.08 -12.91 -13.76
C THR A 162 -1.67 -13.53 -12.50
N ASP A 163 -1.79 -14.86 -12.51
CA ASP A 163 -2.43 -15.57 -11.40
C ASP A 163 -1.72 -15.27 -10.08
N ALA A 164 -2.50 -15.30 -9.00
CA ALA A 164 -1.99 -14.85 -7.69
C ALA A 164 -0.85 -15.73 -7.20
N ASP A 165 -1.03 -17.05 -7.27
CA ASP A 165 0.02 -17.95 -6.80
C ASP A 165 1.27 -17.85 -7.69
N THR A 166 1.08 -17.73 -9.00
CA THR A 166 2.21 -17.53 -9.90
C THR A 166 2.98 -16.26 -9.54
N ARG A 167 2.26 -15.17 -9.25
CA ARG A 167 2.93 -13.93 -8.86
C ARG A 167 3.65 -14.09 -7.53
N LEU A 168 3.08 -14.86 -6.61
CA LEU A 168 3.75 -15.11 -5.33
C LEU A 168 5.02 -15.91 -5.54
N SER A 169 4.98 -16.91 -6.41
CA SER A 169 6.18 -17.68 -6.72
C SER A 169 7.27 -16.77 -7.30
N ARG A 170 6.89 -15.79 -8.10
CA ARG A 170 7.88 -14.89 -8.68
C ARG A 170 8.44 -13.93 -7.65
N ARG A 171 7.58 -13.41 -6.76
CA ARG A 171 8.05 -12.45 -5.77
C ARG A 171 8.88 -13.13 -4.67
N VAL A 172 8.51 -14.35 -4.29
CA VAL A 172 9.26 -15.07 -3.26
C VAL A 172 10.71 -15.26 -3.70
N LEU A 173 10.90 -15.73 -4.94
CA LEU A 173 12.26 -15.87 -5.46
C LEU A 173 12.92 -14.51 -5.65
N ARG A 174 12.14 -13.47 -5.96
CA ARG A 174 12.70 -12.16 -6.21
C ARG A 174 13.10 -11.45 -4.92
N ASP A 175 12.39 -11.71 -3.83
CA ASP A 175 12.62 -10.97 -2.59
C ASP A 175 13.83 -11.49 -1.82
N ILE A 176 14.17 -12.76 -1.98
CA ILE A 176 15.35 -13.29 -1.29
C ILE A 176 16.63 -12.97 -2.05
N SER A 177 16.59 -13.11 -3.38
CA SER A 177 17.79 -12.82 -4.18
C SER A 177 18.12 -11.34 -4.16
N GLU A 178 17.12 -10.48 -4.31
CA GLU A 178 17.33 -9.04 -4.27
C GLU A 178 17.11 -8.49 -2.87
N ARG A 181 15.26 -10.40 2.92
CA ARG A 181 15.17 -10.83 4.31
C ARG A 181 14.81 -12.31 4.42
N ASP A 182 14.35 -12.72 5.59
CA ASP A 182 14.03 -14.13 5.83
C ASP A 182 12.79 -14.55 5.05
N LEU A 183 12.73 -15.83 4.71
CA LEU A 183 11.62 -16.35 3.92
C LEU A 183 10.31 -16.32 4.72
N GLU A 184 10.38 -16.51 6.03
CA GLU A 184 9.17 -16.43 6.85
C GLU A 184 8.63 -15.01 6.92
N GLN A 185 9.51 -14.01 6.90
CA GLN A 185 9.04 -12.62 6.94
C GLN A 185 8.48 -12.19 5.59
N ILE A 186 8.95 -12.79 4.50
CA ILE A 186 8.44 -12.42 3.18
C ILE A 186 7.02 -12.95 2.98
N LEU A 187 6.76 -14.18 3.41
CA LEU A 187 5.40 -14.71 3.34
C LEU A 187 4.47 -14.01 4.32
N SER A 188 5.00 -13.59 5.48
CA SER A 188 4.18 -12.85 6.43
C SER A 188 3.77 -11.49 5.88
N GLN A 189 4.71 -10.79 5.24
CA GLN A 189 4.38 -9.48 4.68
C GLN A 189 3.42 -9.60 3.50
N TYR A 190 3.61 -10.63 2.66
CA TYR A 190 2.74 -10.79 1.50
C TYR A 190 1.32 -11.12 1.90
N ILE A 191 1.14 -11.97 2.91
CA ILE A 191 -0.20 -12.36 3.34
C ILE A 191 -0.87 -11.22 4.10
N THR A 192 -0.08 -10.45 4.86
CA THR A 192 -0.67 -9.41 5.70
C THR A 192 -0.87 -8.10 4.95
N PHE A 193 0.04 -7.77 4.04
CA PHE A 193 0.00 -6.45 3.39
C PHE A 193 -0.19 -6.55 1.88
N VAL A 194 0.63 -7.32 1.17
CA VAL A 194 0.60 -7.31 -0.28
C VAL A 194 -0.72 -7.88 -0.80
N LYS A 195 -1.06 -9.10 -0.37
CA LYS A 195 -2.28 -9.74 -0.84
C LYS A 195 -3.54 -8.94 -0.54
N PRO A 196 -3.78 -8.45 0.69
CA PRO A 196 -5.01 -7.68 0.92
C PRO A 196 -5.07 -6.39 0.13
N ALA A 197 -3.94 -5.71 -0.07
CA ALA A 197 -3.94 -4.46 -0.82
C ALA A 197 -4.19 -4.70 -2.29
N PHE A 198 -3.78 -5.86 -2.81
CA PHE A 198 -4.03 -6.15 -4.22
C PHE A 198 -5.52 -6.38 -4.48
N GLU A 199 -6.19 -7.11 -3.58
CA GLU A 199 -7.60 -7.43 -3.78
C GLU A 199 -8.50 -6.25 -3.47
N GLU A 200 -8.11 -5.38 -2.55
CA GLU A 200 -8.95 -4.24 -2.16
C GLU A 200 -8.77 -3.04 -3.07
N PHE A 201 -7.55 -2.79 -3.56
CA PHE A 201 -7.25 -1.58 -4.32
C PHE A 201 -6.88 -1.85 -5.77
N CYS A 202 -6.08 -2.88 -6.04
CA CYS A 202 -5.64 -3.12 -7.40
C CYS A 202 -6.69 -3.86 -8.22
N LEU A 203 -7.19 -4.98 -7.69
CA LEU A 203 -8.16 -5.78 -8.42
C LEU A 203 -9.38 -5.00 -8.91
N PRO A 204 -9.99 -4.10 -8.13
CA PRO A 204 -11.11 -3.32 -8.68
C PRO A 204 -10.73 -2.42 -9.84
N THR A 205 -9.45 -2.06 -9.97
CA THR A 205 -9.02 -1.18 -11.05
C THR A 205 -8.74 -1.94 -12.35
N LYS A 206 -8.92 -3.26 -12.36
CA LYS A 206 -8.72 -4.03 -13.58
C LYS A 206 -9.79 -3.71 -14.61
N LYS A 207 -10.96 -3.25 -14.18
CA LYS A 207 -12.05 -2.94 -15.11
C LYS A 207 -11.77 -1.68 -15.92
N TYR A 208 -10.84 -0.83 -15.48
CA TYR A 208 -10.48 0.36 -16.24
C TYR A 208 -9.45 0.07 -17.32
N ALA A 209 -9.09 -1.19 -17.54
CA ALA A 209 -8.10 -1.54 -18.53
C ALA A 209 -8.71 -1.58 -19.93
N ASP A 210 -7.93 -1.18 -20.92
CA ASP A 210 -8.32 -1.32 -22.31
C ASP A 210 -7.84 -2.62 -22.93
N VAL A 211 -6.66 -3.10 -22.52
CA VAL A 211 -6.10 -4.35 -23.00
C VAL A 211 -5.49 -5.09 -21.82
N ILE A 212 -5.71 -6.39 -21.75
CA ILE A 212 -5.20 -7.24 -20.68
C ILE A 212 -4.16 -8.19 -21.25
N ILE A 213 -2.98 -8.20 -20.64
CA ILE A 213 -1.89 -9.09 -21.04
C ILE A 213 -1.83 -10.25 -20.07
N PRO A 214 -2.06 -11.49 -20.51
CA PRO A 214 -2.40 -12.58 -19.57
C PRO A 214 -1.24 -13.24 -18.84
N ARG A 215 0.01 -13.02 -19.23
CA ARG A 215 1.09 -13.69 -18.51
C ARG A 215 2.34 -12.85 -18.29
N GLY A 216 2.47 -11.67 -18.89
CA GLY A 216 3.61 -10.82 -18.60
C GLY A 216 4.67 -10.80 -19.67
N ALA A 217 5.94 -10.85 -19.26
CA ALA A 217 7.04 -10.68 -20.20
C ALA A 217 7.15 -11.85 -21.16
N ASP A 218 6.75 -13.05 -20.74
CA ASP A 218 6.81 -14.22 -21.61
C ASP A 218 5.85 -14.11 -22.79
N ASN A 219 4.83 -13.26 -22.68
CA ASN A 219 3.87 -13.07 -23.77
C ASN A 219 4.52 -12.21 -24.84
N LEU A 220 5.27 -12.85 -25.73
CA LEU A 220 5.96 -12.12 -26.78
C LEU A 220 5.00 -11.61 -27.84
N VAL A 221 3.85 -12.28 -28.00
CA VAL A 221 2.86 -11.83 -28.98
C VAL A 221 2.27 -10.49 -28.55
N ALA A 222 1.91 -10.37 -27.28
CA ALA A 222 1.33 -9.12 -26.78
C ALA A 222 2.38 -8.02 -26.74
N ILE A 223 3.62 -8.35 -26.36
CA ILE A 223 4.68 -7.35 -26.34
C ILE A 223 4.94 -6.84 -27.76
N ASN A 224 5.03 -7.75 -28.73
CA ASN A 224 5.22 -7.34 -30.11
C ASN A 224 4.05 -6.50 -30.62
N LEU A 225 2.86 -6.72 -30.07
CA LEU A 225 1.71 -5.91 -30.46
C LEU A 225 1.86 -4.48 -29.95
N ILE A 226 2.30 -4.30 -28.71
CA ILE A 226 2.49 -2.97 -28.18
C ILE A 226 3.73 -2.31 -28.77
N VAL A 227 4.79 -3.08 -28.96
CA VAL A 227 6.00 -2.55 -29.61
C VAL A 227 5.67 -2.07 -31.01
N GLN A 228 4.85 -2.83 -31.75
CA GLN A 228 4.43 -2.39 -33.07
C GLN A 228 3.59 -1.12 -33.00
N HIS A 229 2.79 -0.96 -31.95
CA HIS A 229 1.91 0.20 -31.84
C HIS A 229 2.67 1.46 -31.45
N ILE A 230 3.62 1.34 -30.52
CA ILE A 230 4.41 2.50 -30.12
C ILE A 230 5.33 2.94 -31.24
N GLN A 231 5.90 1.98 -31.97
CA GLN A 231 6.70 2.33 -33.15
C GLN A 231 5.83 2.92 -34.24
N ASP A 232 4.58 2.45 -34.36
CA ASP A 232 3.64 3.07 -35.29
C ASP A 232 3.30 4.50 -34.89
N ILE A 233 3.29 4.79 -33.59
CA ILE A 233 2.98 6.14 -33.13
C ILE A 233 4.13 7.09 -33.43
N LEU A 234 5.37 6.61 -33.28
CA LEU A 234 6.53 7.46 -33.56
C LEU A 234 6.58 7.88 -35.02
N ASN A 235 6.26 6.95 -35.94
CA ASN A 235 6.25 7.28 -37.36
C ASN A 235 5.12 8.24 -37.70
N GLY A 236 4.00 8.15 -36.99
CA GLY A 236 2.86 9.03 -37.24
C GLY A 236 1.74 8.40 -38.05
N GLY A 237 1.86 7.15 -38.46
CA GLY A 237 0.84 6.49 -39.24
C GLY A 237 0.40 5.16 -38.68
N GLU B 24 0.08 30.04 -19.53
CA GLU B 24 -0.37 31.34 -20.01
C GLU B 24 -1.36 32.04 -19.06
N PRO B 25 -2.38 31.33 -18.56
CA PRO B 25 -3.26 31.96 -17.57
C PRO B 25 -2.51 32.29 -16.28
N PHE B 26 -2.92 33.39 -15.65
CA PHE B 26 -2.29 33.87 -14.42
C PHE B 26 -3.11 33.39 -13.24
N LEU B 27 -2.54 32.47 -12.46
CA LEU B 27 -3.19 31.92 -11.28
C LEU B 27 -2.74 32.68 -10.04
N ILE B 28 -3.71 33.19 -9.28
CA ILE B 28 -3.47 33.91 -8.04
C ILE B 28 -4.09 33.12 -6.90
N GLY B 29 -3.26 32.72 -5.94
CA GLY B 29 -3.73 31.98 -4.79
C GLY B 29 -4.08 32.92 -3.65
N VAL B 30 -5.25 32.71 -3.07
CA VAL B 30 -5.75 33.54 -1.97
C VAL B 30 -6.03 32.61 -0.79
N SER B 31 -5.26 32.77 0.27
CA SER B 31 -5.40 31.96 1.47
C SER B 31 -5.74 32.84 2.66
N GLY B 32 -5.99 32.20 3.79
CA GLY B 32 -6.34 32.88 5.02
C GLY B 32 -7.43 32.11 5.74
N GLY B 33 -7.53 32.34 7.04
CA GLY B 33 -8.50 31.65 7.86
C GLY B 33 -9.92 31.92 7.42
N THR B 34 -10.84 31.19 8.05
CA THR B 34 -12.25 31.40 7.77
C THR B 34 -12.68 32.79 8.24
N ALA B 35 -13.62 33.37 7.50
CA ALA B 35 -14.15 34.71 7.77
C ALA B 35 -13.07 35.78 7.76
N SER B 36 -11.92 35.50 7.13
CA SER B 36 -10.91 36.53 6.96
C SER B 36 -11.27 37.51 5.86
N GLY B 37 -12.10 37.11 4.92
CA GLY B 37 -12.49 37.94 3.80
C GLY B 37 -11.99 37.48 2.45
N LYS B 38 -11.54 36.23 2.31
CA LYS B 38 -11.01 35.77 1.04
C LYS B 38 -12.07 35.84 -0.06
N SER B 39 -13.26 35.29 0.20
CA SER B 39 -14.33 35.34 -0.79
C SER B 39 -14.79 36.76 -1.03
N SER B 40 -14.86 37.58 0.03
CA SER B 40 -15.30 38.95 -0.12
C SER B 40 -14.25 39.79 -0.86
N VAL B 41 -12.97 39.50 -0.64
CA VAL B 41 -11.93 40.19 -1.40
C VAL B 41 -12.02 39.82 -2.87
N CYS B 42 -12.10 38.52 -3.17
CA CYS B 42 -12.16 38.07 -4.55
C CYS B 42 -13.41 38.60 -5.25
N ALA B 43 -14.53 38.70 -4.53
CA ALA B 43 -15.75 39.22 -5.13
C ALA B 43 -15.60 40.68 -5.52
N LYS B 44 -14.88 41.46 -4.72
CA LYS B 44 -14.68 42.87 -5.06
C LYS B 44 -13.78 43.02 -6.28
N ILE B 45 -12.85 42.09 -6.50
CA ILE B 45 -11.93 42.18 -7.64
C ILE B 45 -12.72 42.11 -8.94
N VAL B 46 -13.60 41.11 -9.06
CA VAL B 46 -14.33 40.93 -10.31
C VAL B 46 -15.38 42.02 -10.50
N GLN B 47 -15.93 42.55 -9.41
CA GLN B 47 -16.89 43.65 -9.55
C GLN B 47 -16.21 44.92 -10.03
N LEU B 48 -15.01 45.21 -9.52
CA LEU B 48 -14.28 46.39 -9.96
C LEU B 48 -13.74 46.23 -11.38
N LEU B 49 -13.47 45.00 -11.80
CA LEU B 49 -13.01 44.73 -13.15
C LEU B 49 -14.14 44.56 -14.14
N GLY B 50 -15.39 44.73 -13.71
CA GLY B 50 -16.52 44.59 -14.61
C GLY B 50 -16.77 43.19 -15.12
N GLN B 51 -16.23 42.18 -14.45
CA GLN B 51 -16.41 40.80 -14.90
C GLN B 51 -17.83 40.30 -14.68
N ASN B 52 -18.59 40.93 -13.78
CA ASN B 52 -19.95 40.49 -13.51
C ASN B 52 -20.87 40.71 -14.69
N GLU B 53 -20.55 41.65 -15.58
CA GLU B 53 -21.43 41.96 -16.70
C GLU B 53 -21.10 41.19 -17.96
N VAL B 54 -19.83 40.79 -18.14
CA VAL B 54 -19.48 40.02 -19.32
C VAL B 54 -20.04 38.60 -19.21
N ASP B 55 -20.21 37.96 -20.37
CA ASP B 55 -20.77 36.62 -20.42
C ASP B 55 -19.82 35.61 -19.80
N TYR B 56 -20.38 34.50 -19.31
CA TYR B 56 -19.56 33.49 -18.64
C TYR B 56 -18.57 32.85 -19.60
N ARG B 57 -18.88 32.86 -20.90
CA ARG B 57 -17.95 32.30 -21.89
C ARG B 57 -16.86 33.29 -22.28
N GLN B 58 -17.05 34.58 -21.99
CA GLN B 58 -16.06 35.60 -22.30
C GLN B 58 -15.45 36.21 -21.05
N LYS B 59 -15.65 35.60 -19.89
CA LYS B 59 -15.05 36.11 -18.66
C LYS B 59 -13.54 35.94 -18.69
N GLN B 60 -12.82 37.01 -18.40
CA GLN B 60 -11.36 36.96 -18.34
C GLN B 60 -10.84 36.71 -16.94
N VAL B 61 -11.65 36.94 -15.91
CA VAL B 61 -11.26 36.72 -14.52
C VAL B 61 -12.37 35.93 -13.84
N VAL B 62 -12.04 34.73 -13.37
CA VAL B 62 -12.98 33.86 -12.69
C VAL B 62 -12.48 33.59 -11.28
N ILE B 63 -13.35 33.02 -10.45
CA ILE B 63 -13.05 32.70 -9.07
C ILE B 63 -13.38 31.23 -8.82
N LEU B 64 -12.42 30.50 -8.24
CA LEU B 64 -12.62 29.12 -7.84
C LEU B 64 -12.51 29.03 -6.33
N SER B 65 -13.48 28.37 -5.70
CA SER B 65 -13.50 28.21 -4.25
C SER B 65 -13.09 26.79 -3.88
N GLN B 66 -12.31 26.68 -2.80
CA GLN B 66 -11.89 25.36 -2.35
C GLN B 66 -13.08 24.53 -1.87
N ASP B 67 -14.15 25.19 -1.42
CA ASP B 67 -15.33 24.46 -0.95
C ASP B 67 -16.04 23.72 -2.08
N SER B 68 -15.74 24.05 -3.33
CA SER B 68 -16.31 23.29 -4.45
C SER B 68 -15.66 21.92 -4.59
N PHE B 69 -14.49 21.70 -4.00
CA PHE B 69 -13.72 20.48 -4.19
C PHE B 69 -13.72 19.62 -2.92
N TYR B 70 -14.82 19.58 -2.19
CA TYR B 70 -14.93 18.70 -1.04
C TYR B 70 -14.89 17.24 -1.51
N ARG B 71 -13.96 16.48 -0.95
CA ARG B 71 -13.75 15.10 -1.39
C ARG B 71 -14.98 14.25 -1.05
N VAL B 72 -15.29 13.31 -1.94
CA VAL B 72 -16.32 12.31 -1.66
C VAL B 72 -15.84 11.42 -0.52
N LEU B 73 -16.55 11.47 0.60
CA LEU B 73 -16.11 10.79 1.82
C LEU B 73 -16.56 9.34 1.82
N THR B 74 -15.65 8.45 2.25
CA THR B 74 -15.95 7.03 2.38
C THR B 74 -16.59 6.71 3.72
N SER B 75 -15.98 7.16 4.82
CA SER B 75 -16.52 7.00 6.16
C SER B 75 -17.28 8.27 6.55
N GLU B 76 -18.41 8.07 7.22
CA GLU B 76 -19.28 9.17 7.62
C GLU B 76 -19.39 9.20 9.14
N GLN B 77 -18.88 10.27 9.75
CA GLN B 77 -19.15 10.60 11.13
C GLN B 77 -20.24 11.65 11.16
N LYS B 78 -21.31 11.37 11.92
CA LYS B 78 -22.53 12.17 11.89
C LYS B 78 -22.24 13.65 12.09
N ALA B 79 -22.61 14.45 11.09
CA ALA B 79 -22.40 15.89 11.14
C ALA B 79 -23.72 16.64 11.10
N GLN B 85 -19.92 16.38 13.98
CA GLN B 85 -18.88 15.62 14.64
C GLN B 85 -17.81 15.16 13.65
N PHE B 86 -17.73 15.83 12.49
CA PHE B 86 -16.72 15.55 11.49
C PHE B 86 -15.99 16.85 11.15
N ASN B 87 -14.69 16.75 10.88
CA ASN B 87 -13.85 17.91 10.66
C ASN B 87 -13.74 18.17 9.16
N PHE B 88 -14.48 19.18 8.69
CA PHE B 88 -14.41 19.60 7.30
C PHE B 88 -13.32 20.63 7.04
N ASP B 89 -12.57 21.01 8.07
CA ASP B 89 -11.44 21.92 7.92
C ASP B 89 -10.12 21.19 7.78
N HIS B 90 -10.12 19.87 7.89
CA HIS B 90 -8.93 19.05 7.73
C HIS B 90 -8.55 18.93 6.25
N PRO B 91 -7.26 18.90 5.93
CA PRO B 91 -6.86 18.73 4.52
C PRO B 91 -7.43 17.48 3.86
N ASP B 92 -7.77 16.45 4.64
CA ASP B 92 -8.31 15.23 4.05
C ASP B 92 -9.72 15.42 3.51
N ALA B 93 -10.43 16.45 3.96
CA ALA B 93 -11.81 16.68 3.53
C ALA B 93 -11.89 17.29 2.14
N PHE B 94 -10.78 17.66 1.53
CA PHE B 94 -10.76 18.27 0.21
C PHE B 94 -10.05 17.37 -0.78
N ASP B 95 -10.63 17.22 -1.97
CA ASP B 95 -10.07 16.39 -3.02
C ASP B 95 -8.82 17.05 -3.60
N ASN B 96 -7.65 16.71 -3.06
CA ASN B 96 -6.42 17.36 -3.48
C ASN B 96 -6.10 17.06 -4.94
N GLU B 97 -6.42 15.85 -5.40
CA GLU B 97 -6.10 15.49 -6.78
C GLU B 97 -7.00 16.24 -7.76
N LEU B 98 -8.28 16.38 -7.44
CA LEU B 98 -9.18 17.13 -8.31
C LEU B 98 -8.80 18.60 -8.36
N ILE B 99 -8.39 19.17 -7.22
CA ILE B 99 -7.90 20.54 -7.21
C ILE B 99 -6.69 20.67 -8.12
N LEU B 100 -5.73 19.75 -7.97
CA LEU B 100 -4.50 19.82 -8.76
C LEU B 100 -4.77 19.62 -10.25
N LYS B 101 -5.62 18.66 -10.59
CA LYS B 101 -5.94 18.41 -12.00
C LYS B 101 -6.67 19.60 -12.61
N THR B 102 -7.68 20.11 -11.93
CA THR B 102 -8.46 21.22 -12.47
C THR B 102 -7.58 22.45 -12.68
N LEU B 103 -6.81 22.83 -11.67
CA LEU B 103 -5.93 23.99 -11.80
C LEU B 103 -4.88 23.77 -12.87
N LYS B 104 -4.40 22.54 -13.03
CA LYS B 104 -3.40 22.27 -14.06
C LYS B 104 -4.02 22.34 -15.45
N GLU B 105 -5.23 21.81 -15.62
CA GLU B 105 -5.90 21.88 -16.92
C GLU B 105 -6.24 23.31 -17.29
N ILE B 106 -6.44 24.18 -16.29
CA ILE B 106 -6.71 25.58 -16.57
C ILE B 106 -5.47 26.26 -17.15
N THR B 107 -4.29 25.97 -16.59
CA THR B 107 -3.05 26.51 -17.13
C THR B 107 -2.80 26.04 -18.55
N GLU B 108 -3.30 24.85 -18.90
CA GLU B 108 -3.21 24.34 -20.26
C GLU B 108 -4.22 24.98 -21.20
N GLY B 109 -5.06 25.88 -20.70
CA GLY B 109 -6.10 26.51 -21.51
C GLY B 109 -7.32 25.66 -21.73
N LYS B 110 -7.41 24.49 -21.11
CA LYS B 110 -8.57 23.62 -21.32
C LYS B 110 -9.79 24.15 -20.59
N THR B 111 -10.96 23.69 -21.03
CA THR B 111 -12.21 23.99 -20.34
C THR B 111 -12.41 22.99 -19.21
N VAL B 112 -12.77 23.50 -18.03
CA VAL B 112 -12.92 22.65 -16.85
C VAL B 112 -14.36 22.73 -16.36
N GLN B 113 -14.76 21.69 -15.62
CA GLN B 113 -16.08 21.61 -15.02
C GLN B 113 -15.92 21.53 -13.51
N ILE B 114 -16.42 22.54 -12.81
CA ILE B 114 -16.28 22.63 -11.36
C ILE B 114 -17.44 21.91 -10.69
N PRO B 115 -17.18 21.02 -9.72
CA PRO B 115 -18.28 20.38 -8.98
C PRO B 115 -19.13 21.42 -8.27
N VAL B 116 -20.44 21.16 -8.24
CA VAL B 116 -21.36 22.03 -7.52
C VAL B 116 -21.38 21.63 -6.05
N TYR B 117 -21.69 22.60 -5.18
CA TYR B 117 -21.73 22.34 -3.74
C TYR B 117 -22.98 22.95 -3.13
N VAL B 120 -28.04 18.06 3.22
CA VAL B 120 -26.93 17.20 3.62
C VAL B 120 -25.61 17.89 3.31
N SER B 121 -24.55 17.49 4.04
CA SER B 121 -23.23 18.06 3.77
C SER B 121 -22.75 17.70 2.38
N HIS B 122 -22.90 16.44 1.99
CA HIS B 122 -22.56 16.02 0.63
C HIS B 122 -23.43 16.75 -0.38
N SER B 123 -22.81 17.34 -1.40
CA SER B 123 -23.53 18.05 -2.44
C SER B 123 -22.92 17.76 -3.81
N ARG B 124 -22.42 16.55 -4.01
CA ARG B 124 -21.76 16.17 -5.26
C ARG B 124 -22.79 15.87 -6.35
N LYS B 125 -23.54 16.91 -6.70
CA LYS B 125 -24.56 16.78 -7.74
C LYS B 125 -23.90 16.60 -9.11
N GLU B 126 -24.68 16.04 -10.03
CA GLU B 126 -24.18 15.82 -11.39
C GLU B 126 -23.96 17.13 -12.14
N GLU B 127 -24.65 18.19 -11.76
CA GLU B 127 -24.47 19.49 -12.41
C GLU B 127 -23.10 20.06 -12.07
N THR B 128 -22.38 20.49 -13.10
CA THR B 128 -21.05 21.06 -12.94
C THR B 128 -21.04 22.48 -13.50
N VAL B 129 -20.39 23.39 -12.77
CA VAL B 129 -20.21 24.75 -13.24
C VAL B 129 -19.07 24.75 -14.26
N THR B 130 -19.39 25.12 -15.50
CA THR B 130 -18.40 25.13 -16.57
C THR B 130 -17.63 26.45 -16.54
N VAL B 131 -16.31 26.36 -16.41
CA VAL B 131 -15.44 27.53 -16.37
C VAL B 131 -14.60 27.52 -17.64
N TYR B 132 -14.87 28.47 -18.53
CA TYR B 132 -14.15 28.59 -19.78
C TYR B 132 -12.77 29.21 -19.54
N PRO B 133 -11.81 28.94 -20.44
CA PRO B 133 -10.44 29.43 -20.22
C PRO B 133 -10.41 30.95 -20.09
N ALA B 134 -9.88 31.42 -18.96
CA ALA B 134 -9.77 32.83 -18.66
C ALA B 134 -8.30 33.23 -18.55
N ASP B 135 -8.06 34.53 -18.56
CA ASP B 135 -6.69 35.04 -18.48
C ASP B 135 -6.17 35.07 -17.05
N VAL B 136 -7.05 35.31 -16.07
CA VAL B 136 -6.66 35.35 -14.66
C VAL B 136 -7.65 34.50 -13.88
N VAL B 137 -7.14 33.62 -13.04
CA VAL B 137 -7.95 32.71 -12.23
C VAL B 137 -7.62 32.96 -10.76
N LEU B 138 -8.66 33.23 -9.97
CA LEU B 138 -8.52 33.40 -8.53
C LEU B 138 -8.98 32.13 -7.82
N PHE B 139 -8.09 31.54 -7.04
CA PHE B 139 -8.40 30.35 -6.25
C PHE B 139 -8.30 30.73 -4.78
N GLU B 140 -9.43 30.75 -4.09
CA GLU B 140 -9.48 31.07 -2.67
C GLU B 140 -9.78 29.81 -1.86
N GLY B 141 -9.06 29.65 -0.76
CA GLY B 141 -9.24 28.49 0.10
C GLY B 141 -8.46 28.61 1.39
N ILE B 142 -8.98 27.98 2.45
CA ILE B 142 -8.30 28.03 3.74
C ILE B 142 -6.99 27.25 3.68
N LEU B 143 -6.90 26.24 2.82
CA LEU B 143 -5.71 25.42 2.68
C LEU B 143 -5.19 25.46 1.25
N ALA B 144 -5.28 26.63 0.61
CA ALA B 144 -4.83 26.75 -0.77
C ALA B 144 -3.33 26.57 -0.90
N PHE B 145 -2.58 26.88 0.14
CA PHE B 145 -1.13 26.76 0.12
C PHE B 145 -0.63 25.54 0.89
N TYR B 146 -1.52 24.61 1.24
CA TYR B 146 -1.08 23.44 2.01
C TYR B 146 -0.35 22.45 1.13
N SER B 147 -0.86 22.21 -0.08
CA SER B 147 -0.23 21.27 -1.00
C SER B 147 0.87 21.97 -1.79
N GLN B 148 2.09 21.44 -1.71
CA GLN B 148 3.20 22.03 -2.45
C GLN B 148 2.94 22.00 -3.95
N GLU B 149 2.28 20.95 -4.43
CA GLU B 149 1.97 20.85 -5.85
C GLU B 149 1.03 21.97 -6.30
N VAL B 150 0.17 22.44 -5.40
CA VAL B 150 -0.73 23.53 -5.74
C VAL B 150 -0.09 24.90 -5.54
N ARG B 151 0.81 25.04 -4.55
CA ARG B 151 1.53 26.29 -4.36
C ARG B 151 2.30 26.70 -5.61
N ASP B 152 3.00 25.74 -6.22
CA ASP B 152 3.85 26.03 -7.37
C ASP B 152 3.05 26.38 -8.61
N LEU B 153 1.73 26.29 -8.57
CA LEU B 153 0.92 26.70 -9.71
C LEU B 153 0.66 28.20 -9.70
N PHE B 154 0.62 28.81 -8.52
CA PHE B 154 0.28 30.23 -8.39
C PHE B 154 1.50 31.09 -8.69
N GLN B 155 1.35 31.99 -9.65
CA GLN B 155 2.39 32.99 -9.88
C GLN B 155 2.36 34.09 -8.84
N MET B 156 1.23 34.29 -8.16
CA MET B 156 1.12 35.22 -7.05
C MET B 156 0.32 34.56 -5.95
N LYS B 157 0.84 34.62 -4.72
CA LYS B 157 0.21 33.99 -3.56
C LYS B 157 -0.13 35.07 -2.55
N LEU B 158 -1.43 35.30 -2.35
CA LEU B 158 -1.93 36.29 -1.41
C LEU B 158 -2.51 35.60 -0.18
N PHE B 159 -2.27 36.19 1.00
CA PHE B 159 -2.78 35.68 2.26
C PHE B 159 -3.53 36.79 2.97
N VAL B 160 -4.82 36.59 3.20
CA VAL B 160 -5.66 37.56 3.90
C VAL B 160 -5.50 37.31 5.39
N ASP B 161 -4.71 38.16 6.05
CA ASP B 161 -4.44 38.00 7.48
C ASP B 161 -5.44 38.82 8.28
N THR B 162 -6.25 38.15 9.07
CA THR B 162 -7.22 38.80 9.94
C THR B 162 -7.17 38.11 11.30
N ASP B 163 -7.22 38.90 12.37
CA ASP B 163 -7.07 38.34 13.70
C ASP B 163 -8.15 37.29 13.98
N ALA B 164 -7.81 36.34 14.85
CA ALA B 164 -8.68 35.18 15.06
C ALA B 164 -10.00 35.59 15.72
N ASP B 165 -9.93 36.42 16.76
CA ASP B 165 -11.16 36.88 17.41
C ASP B 165 -11.99 37.74 16.46
N THR B 166 -11.33 38.53 15.62
CA THR B 166 -12.05 39.25 14.57
C THR B 166 -12.71 38.28 13.59
N ARG B 167 -11.96 37.26 13.15
CA ARG B 167 -12.53 36.27 12.25
C ARG B 167 -13.63 35.47 12.92
N LEU B 168 -13.44 35.11 14.19
CA LEU B 168 -14.48 34.37 14.90
C LEU B 168 -15.77 35.18 15.00
N SER B 169 -15.64 36.49 15.29
CA SER B 169 -16.82 37.34 15.36
C SER B 169 -17.57 37.35 14.03
N ARG B 170 -16.83 37.37 12.91
CA ARG B 170 -17.48 37.39 11.61
C ARG B 170 -18.19 36.06 11.31
N ARG B 171 -17.58 34.94 11.72
CA ARG B 171 -18.16 33.64 11.40
C ARG B 171 -19.37 33.34 12.27
N VAL B 172 -19.37 33.78 13.53
CA VAL B 172 -20.53 33.55 14.40
C VAL B 172 -21.75 34.27 13.84
N LEU B 173 -21.57 35.51 13.38
CA LEU B 173 -22.68 36.21 12.72
C LEU B 173 -23.02 35.55 11.40
N ARG B 174 -22.01 35.04 10.68
CA ARG B 174 -22.25 34.31 9.44
C ARG B 174 -23.09 33.07 9.68
N ASP B 175 -22.60 32.19 10.57
CA ASP B 175 -23.18 30.86 10.71
C ASP B 175 -24.59 30.91 11.32
N ILE B 176 -24.85 31.89 12.19
CA ILE B 176 -26.18 32.01 12.77
C ILE B 176 -27.16 32.55 11.74
N SER B 177 -26.78 33.58 10.99
CA SER B 177 -27.65 34.12 9.95
C SER B 177 -27.92 33.07 8.88
N GLU B 178 -26.89 32.39 8.41
CA GLU B 178 -27.06 31.28 7.46
C GLU B 178 -27.20 29.96 8.21
N ARG B 179 -28.23 29.91 9.06
CA ARG B 179 -28.50 28.74 9.89
C ARG B 179 -28.82 27.52 9.05
N ARG B 181 -27.03 24.49 13.93
CA ARG B 181 -27.00 25.93 13.69
C ARG B 181 -27.13 26.72 14.99
N ASP B 182 -27.20 25.99 16.11
CA ASP B 182 -27.30 26.62 17.41
C ASP B 182 -26.00 27.32 17.77
N LEU B 183 -26.12 28.40 18.55
CA LEU B 183 -24.94 29.19 18.93
C LEU B 183 -23.93 28.36 19.69
N GLU B 184 -24.40 27.52 20.63
CA GLU B 184 -23.48 26.66 21.37
C GLU B 184 -22.81 25.65 20.46
N GLN B 185 -23.53 25.15 19.45
CA GLN B 185 -22.92 24.19 18.53
C GLN B 185 -21.92 24.86 17.60
N ILE B 186 -22.15 26.13 17.26
CA ILE B 186 -21.23 26.84 16.37
C ILE B 186 -19.89 27.09 17.06
N LEU B 187 -19.94 27.54 18.33
CA LEU B 187 -18.71 27.80 19.06
C LEU B 187 -17.98 26.49 19.39
N SER B 188 -18.73 25.45 19.77
CA SER B 188 -18.10 24.16 20.04
C SER B 188 -17.47 23.58 18.79
N GLN B 189 -18.11 23.76 17.63
CA GLN B 189 -17.52 23.29 16.39
C GLN B 189 -16.28 24.11 16.02
N TYR B 190 -16.33 25.42 16.25
CA TYR B 190 -15.17 26.26 15.96
C TYR B 190 -14.00 25.93 16.89
N ILE B 191 -14.29 25.67 18.16
CA ILE B 191 -13.23 25.35 19.11
C ILE B 191 -12.67 23.96 18.85
N THR B 192 -13.52 23.02 18.42
CA THR B 192 -13.06 21.64 18.23
C THR B 192 -12.35 21.45 16.90
N PHE B 193 -12.90 22.01 15.82
CA PHE B 193 -12.41 21.72 14.47
C PHE B 193 -11.79 22.93 13.79
N VAL B 194 -12.50 24.06 13.75
CA VAL B 194 -12.07 25.18 12.91
C VAL B 194 -10.79 25.81 13.45
N LYS B 195 -10.76 26.09 14.75
CA LYS B 195 -9.58 26.72 15.33
C LYS B 195 -8.34 25.82 15.26
N PRO B 196 -8.38 24.56 15.70
CA PRO B 196 -7.15 23.74 15.64
C PRO B 196 -6.68 23.47 14.22
N ALA B 197 -7.59 23.36 13.26
CA ALA B 197 -7.18 23.14 11.88
C ALA B 197 -6.49 24.36 11.30
N PHE B 198 -6.93 25.56 11.69
CA PHE B 198 -6.29 26.78 11.19
C PHE B 198 -4.86 26.89 11.71
N GLU B 199 -4.67 26.64 13.00
CA GLU B 199 -3.33 26.76 13.58
C GLU B 199 -2.41 25.66 13.08
N GLU B 200 -2.94 24.46 12.85
CA GLU B 200 -2.09 23.34 12.48
C GLU B 200 -1.76 23.35 10.99
N PHE B 201 -2.72 23.68 10.14
CA PHE B 201 -2.55 23.53 8.70
C PHE B 201 -2.53 24.85 7.94
N CYS B 202 -3.40 25.80 8.30
CA CYS B 202 -3.46 27.05 7.55
C CYS B 202 -2.35 28.01 7.96
N LEU B 203 -2.19 28.22 9.27
CA LEU B 203 -1.18 29.16 9.74
C LEU B 203 0.23 28.85 9.23
N PRO B 204 0.72 27.62 9.21
CA PRO B 204 2.06 27.38 8.66
C PRO B 204 2.20 27.74 7.19
N THR B 205 1.10 27.83 6.44
CA THR B 205 1.17 28.17 5.02
C THR B 205 1.29 29.67 4.79
N LYS B 206 1.28 30.48 5.86
CA LYS B 206 1.39 31.92 5.68
C LYS B 206 2.77 32.32 5.19
N LYS B 207 3.80 31.52 5.47
CA LYS B 207 5.14 31.84 5.04
C LYS B 207 5.32 31.71 3.54
N TYR B 208 4.46 30.94 2.86
CA TYR B 208 4.54 30.80 1.41
C TYR B 208 3.87 31.96 0.68
N ALA B 209 3.24 32.88 1.38
CA ALA B 209 2.57 34.00 0.75
C ALA B 209 3.59 35.03 0.25
N ASP B 210 3.30 35.61 -0.91
CA ASP B 210 4.10 36.68 -1.46
C ASP B 210 3.66 38.05 -0.93
N VAL B 211 2.35 38.24 -0.78
CA VAL B 211 1.77 39.50 -0.32
C VAL B 211 0.71 39.18 0.72
N ILE B 212 0.69 39.95 1.81
CA ILE B 212 -0.26 39.75 2.91
C ILE B 212 -1.21 40.94 2.94
N ILE B 213 -2.50 40.66 2.79
CA ILE B 213 -3.54 41.68 2.77
C ILE B 213 -4.25 41.64 4.13
N PRO B 214 -4.03 42.62 5.00
CA PRO B 214 -4.63 42.58 6.33
C PRO B 214 -6.07 43.06 6.34
N ARG B 215 -6.76 42.72 7.43
CA ARG B 215 -8.09 43.24 7.76
C ARG B 215 -9.18 42.78 6.80
N GLY B 216 -8.81 42.24 5.65
CA GLY B 216 -9.78 41.61 4.78
C GLY B 216 -10.33 42.48 3.66
N ALA B 217 -11.64 42.41 3.45
CA ALA B 217 -12.26 43.08 2.31
C ALA B 217 -12.34 44.59 2.46
N ASP B 218 -12.33 45.10 3.70
CA ASP B 218 -12.39 46.54 3.91
C ASP B 218 -11.09 47.23 3.49
N ASN B 219 -10.01 46.48 3.31
CA ASN B 219 -8.75 47.05 2.86
C ASN B 219 -8.87 47.47 1.40
N LEU B 220 -9.39 48.68 1.16
CA LEU B 220 -9.64 49.12 -0.20
C LEU B 220 -8.35 49.46 -0.93
N VAL B 221 -7.31 49.89 -0.20
CA VAL B 221 -6.04 50.22 -0.84
C VAL B 221 -5.41 48.97 -1.43
N ALA B 222 -5.46 47.86 -0.71
CA ALA B 222 -4.87 46.61 -1.20
C ALA B 222 -5.68 46.04 -2.36
N ILE B 223 -7.02 46.08 -2.25
CA ILE B 223 -7.86 45.56 -3.31
C ILE B 223 -7.63 46.34 -4.61
N ASN B 224 -7.51 47.67 -4.51
CA ASN B 224 -7.21 48.47 -5.69
C ASN B 224 -5.85 48.12 -6.28
N LEU B 225 -4.89 47.74 -5.43
CA LEU B 225 -3.58 47.32 -5.93
C LEU B 225 -3.68 46.06 -6.76
N ILE B 226 -4.45 45.07 -6.28
CA ILE B 226 -4.63 43.84 -7.04
C ILE B 226 -5.45 44.10 -8.29
N VAL B 227 -6.50 44.91 -8.18
CA VAL B 227 -7.34 45.23 -9.34
C VAL B 227 -6.51 45.90 -10.42
N GLN B 228 -5.64 46.84 -10.04
CA GLN B 228 -4.78 47.50 -11.01
C GLN B 228 -3.81 46.51 -11.65
N HIS B 229 -3.29 45.57 -10.87
CA HIS B 229 -2.31 44.62 -11.40
C HIS B 229 -2.95 43.67 -12.41
N ILE B 230 -4.15 43.19 -12.11
CA ILE B 230 -4.83 42.27 -13.03
C ILE B 230 -5.20 42.98 -14.32
N GLN B 231 -5.51 44.27 -14.26
CA GLN B 231 -5.78 45.04 -15.47
C GLN B 231 -4.55 45.10 -16.38
N ASP B 232 -3.35 45.13 -15.79
CA ASP B 232 -2.14 45.07 -16.58
C ASP B 232 -1.91 43.68 -17.17
N ILE B 233 -2.44 42.64 -16.52
CA ILE B 233 -2.26 41.29 -17.04
C ILE B 233 -3.23 41.02 -18.19
N LEU B 234 -4.42 41.63 -18.16
CA LEU B 234 -5.37 41.46 -19.25
C LEU B 234 -4.84 42.09 -20.53
N ASN B 235 -4.26 43.29 -20.44
CA ASN B 235 -3.59 43.94 -21.57
C ASN B 235 -2.18 44.29 -21.11
N GLY B 236 -1.19 43.56 -21.63
CA GLY B 236 0.17 43.71 -21.13
C GLY B 236 0.71 45.11 -21.33
N GLY B 237 1.35 45.64 -20.29
CA GLY B 237 1.92 46.97 -20.33
C GLY B 237 2.03 47.62 -18.96
N PRO C 25 -23.26 -46.05 8.46
CA PRO C 25 -22.16 -45.10 8.66
C PRO C 25 -22.33 -43.84 7.82
N PHE C 26 -21.97 -42.70 8.40
CA PHE C 26 -22.13 -41.40 7.77
C PHE C 26 -20.81 -41.01 7.10
N LEU C 27 -20.80 -41.03 5.76
CA LEU C 27 -19.60 -40.69 5.00
C LEU C 27 -19.60 -39.22 4.63
N ILE C 28 -18.53 -38.53 4.98
CA ILE C 28 -18.36 -37.11 4.70
C ILE C 28 -17.11 -36.94 3.85
N GLY C 29 -17.28 -36.35 2.66
CA GLY C 29 -16.17 -36.10 1.76
C GLY C 29 -15.64 -34.69 1.92
N VAL C 30 -14.33 -34.59 2.08
CA VAL C 30 -13.65 -33.31 2.26
C VAL C 30 -12.66 -33.14 1.12
N SER C 31 -12.79 -32.06 0.36
CA SER C 31 -11.91 -31.76 -0.76
C SER C 31 -11.40 -30.34 -0.64
N GLY C 32 -10.56 -29.96 -1.58
CA GLY C 32 -9.93 -28.66 -1.60
C GLY C 32 -8.50 -28.78 -2.08
N GLY C 33 -7.93 -27.65 -2.49
CA GLY C 33 -6.57 -27.63 -2.97
C GLY C 33 -5.58 -28.04 -1.89
N THR C 34 -4.34 -28.21 -2.31
CA THR C 34 -3.28 -28.57 -1.37
C THR C 34 -3.02 -27.42 -0.41
N ALA C 35 -2.70 -27.77 0.84
CA ALA C 35 -2.46 -26.79 1.90
C ALA C 35 -3.66 -25.86 2.11
N SER C 36 -4.86 -26.35 1.83
CA SER C 36 -6.06 -25.57 2.10
C SER C 36 -6.50 -25.69 3.56
N GLY C 37 -6.30 -26.86 4.16
CA GLY C 37 -6.71 -27.09 5.53
C GLY C 37 -7.49 -28.39 5.69
N LYS C 38 -7.52 -29.20 4.63
CA LYS C 38 -8.29 -30.45 4.67
C LYS C 38 -7.83 -31.34 5.83
N SER C 39 -6.55 -31.70 5.85
CA SER C 39 -6.04 -32.56 6.91
C SER C 39 -6.16 -31.88 8.27
N SER C 40 -5.94 -30.57 8.32
CA SER C 40 -6.02 -29.86 9.59
C SER C 40 -7.45 -29.76 10.10
N VAL C 41 -8.40 -29.57 9.18
CA VAL C 41 -9.81 -29.52 9.58
C VAL C 41 -10.26 -30.87 10.10
N CYS C 42 -9.97 -31.94 9.36
CA CYS C 42 -10.36 -33.28 9.79
C CYS C 42 -9.72 -33.65 11.12
N ALA C 43 -8.43 -33.34 11.29
CA ALA C 43 -7.77 -33.60 12.56
C ALA C 43 -8.37 -32.75 13.69
N LYS C 44 -8.69 -31.48 13.39
CA LYS C 44 -9.29 -30.62 14.40
C LYS C 44 -10.70 -31.09 14.76
N ILE C 45 -11.45 -31.58 13.77
CA ILE C 45 -12.79 -32.09 14.02
C ILE C 45 -12.73 -33.29 14.96
N VAL C 46 -11.94 -34.30 14.57
CA VAL C 46 -11.80 -35.51 15.39
C VAL C 46 -11.35 -35.16 16.80
N GLN C 47 -10.44 -34.19 16.94
CA GLN C 47 -9.94 -33.82 18.26
C GLN C 47 -11.03 -33.23 19.15
N LEU C 48 -11.91 -32.40 18.56
CA LEU C 48 -12.93 -31.78 19.39
C LEU C 48 -13.92 -32.81 19.94
N LEU C 49 -14.21 -33.84 19.16
CA LEU C 49 -14.87 -35.02 19.72
C LEU C 49 -13.87 -35.81 20.55
N GLY C 50 -14.38 -36.70 21.38
CA GLY C 50 -13.50 -37.50 22.22
C GLY C 50 -12.66 -38.52 21.48
N GLN C 51 -12.70 -38.49 20.14
CA GLN C 51 -12.15 -39.58 19.34
C GLN C 51 -10.65 -39.76 19.56
N ASN C 52 -9.92 -38.69 19.87
CA ASN C 52 -8.51 -38.85 20.19
C ASN C 52 -8.33 -39.65 21.47
N GLU C 53 -9.09 -39.33 22.51
CA GLU C 53 -9.12 -40.10 23.74
C GLU C 53 -10.19 -41.18 23.73
N VAL C 54 -10.34 -41.86 22.59
CA VAL C 54 -11.22 -43.01 22.45
C VAL C 54 -10.41 -44.15 21.86
N ASP C 55 -10.63 -45.35 22.38
CA ASP C 55 -9.89 -46.53 21.95
C ASP C 55 -10.06 -46.78 20.46
N TYR C 56 -9.07 -47.48 19.88
CA TYR C 56 -9.02 -47.65 18.43
C TYR C 56 -10.18 -48.50 17.93
N ARG C 57 -10.55 -49.54 18.67
CA ARG C 57 -11.65 -50.39 18.24
C ARG C 57 -13.00 -49.74 18.44
N GLN C 58 -13.10 -48.74 19.32
CA GLN C 58 -14.35 -48.08 19.64
C GLN C 58 -14.47 -46.70 19.00
N LYS C 59 -13.57 -46.35 18.09
CA LYS C 59 -13.60 -45.04 17.44
C LYS C 59 -14.84 -44.91 16.57
N GLN C 60 -15.65 -43.88 16.83
CA GLN C 60 -16.85 -43.63 16.05
C GLN C 60 -16.62 -42.69 14.88
N VAL C 61 -15.54 -41.92 14.89
CA VAL C 61 -15.18 -41.01 13.80
C VAL C 61 -13.75 -41.31 13.38
N VAL C 62 -13.58 -41.77 12.14
CA VAL C 62 -12.26 -42.09 11.61
C VAL C 62 -11.98 -41.20 10.41
N ILE C 63 -10.70 -40.99 10.14
CA ILE C 63 -10.24 -40.15 9.04
C ILE C 63 -9.53 -41.02 8.02
N LEU C 64 -9.95 -40.93 6.77
CA LEU C 64 -9.31 -41.62 5.66
C LEU C 64 -8.76 -40.58 4.68
N SER C 65 -7.55 -40.83 4.20
CA SER C 65 -6.87 -39.92 3.30
C SER C 65 -6.74 -40.56 1.91
N GLN C 66 -6.97 -39.74 0.89
CA GLN C 66 -6.81 -40.20 -0.48
C GLN C 66 -5.37 -40.53 -0.82
N ASP C 67 -4.41 -39.99 -0.06
CA ASP C 67 -3.00 -40.31 -0.27
C ASP C 67 -2.70 -41.77 0.06
N SER C 68 -3.55 -42.42 0.85
CA SER C 68 -3.38 -43.85 1.11
C SER C 68 -3.73 -44.71 -0.08
N PHE C 69 -4.35 -44.15 -1.12
CA PHE C 69 -4.85 -44.92 -2.25
C PHE C 69 -4.15 -44.54 -3.56
N TYR C 70 -2.89 -44.13 -3.48
CA TYR C 70 -2.10 -43.94 -4.68
C TYR C 70 -1.94 -45.26 -5.42
N ARG C 71 -1.95 -45.20 -6.75
CA ARG C 71 -1.76 -46.41 -7.55
C ARG C 71 -0.32 -46.90 -7.43
N VAL C 72 -0.16 -48.22 -7.52
CA VAL C 72 1.17 -48.78 -7.72
C VAL C 72 1.61 -48.44 -9.14
N LEU C 73 2.83 -47.95 -9.28
CA LEU C 73 3.28 -47.34 -10.52
C LEU C 73 3.89 -48.39 -11.43
N THR C 74 3.51 -48.33 -12.71
CA THR C 74 4.14 -49.16 -13.73
C THR C 74 5.62 -48.78 -13.85
N SER C 75 6.42 -49.73 -14.36
CA SER C 75 7.82 -49.44 -14.60
C SER C 75 7.99 -48.26 -15.55
N GLU C 76 7.05 -48.07 -16.48
CA GLU C 76 7.07 -46.87 -17.31
C GLU C 76 6.64 -45.64 -16.53
N GLN C 77 5.62 -45.79 -15.67
CA GLN C 77 5.20 -44.68 -14.83
C GLN C 77 6.27 -44.35 -13.80
N LYS C 78 6.90 -45.37 -13.22
CA LYS C 78 7.94 -45.15 -12.22
C LYS C 78 9.17 -44.49 -12.85
N ALA C 79 9.43 -44.76 -14.13
CA ALA C 79 10.55 -44.13 -14.81
C ALA C 79 10.36 -42.62 -14.90
N LYS C 80 9.16 -42.19 -15.27
CA LYS C 80 8.87 -40.76 -15.30
C LYS C 80 8.84 -40.18 -13.88
N ALA C 81 8.50 -41.00 -12.88
CA ALA C 81 8.52 -40.52 -11.50
C ALA C 81 9.94 -40.24 -11.03
N LEU C 82 10.89 -41.09 -11.40
CA LEU C 82 12.28 -40.85 -11.04
C LEU C 82 12.81 -39.57 -11.70
N LYS C 83 12.42 -39.35 -12.96
CA LYS C 83 12.83 -38.14 -13.66
C LYS C 83 12.10 -36.90 -13.17
N GLY C 84 11.12 -37.04 -12.27
CA GLY C 84 10.34 -35.90 -11.83
C GLY C 84 9.33 -35.43 -12.85
N GLN C 85 8.82 -36.32 -13.70
CA GLN C 85 7.87 -35.98 -14.75
C GLN C 85 6.53 -36.64 -14.55
N PHE C 86 6.23 -37.10 -13.34
CA PHE C 86 4.96 -37.74 -13.03
C PHE C 86 4.16 -36.82 -12.11
N ASN C 87 2.95 -36.46 -12.54
CA ASN C 87 2.10 -35.55 -11.79
C ASN C 87 1.31 -36.36 -10.77
N PHE C 88 1.73 -36.29 -9.51
CA PHE C 88 1.07 -37.02 -8.44
C PHE C 88 -0.24 -36.38 -7.99
N ASP C 89 -0.65 -35.29 -8.61
CA ASP C 89 -1.92 -34.64 -8.30
C ASP C 89 -2.99 -34.90 -9.37
N HIS C 90 -2.69 -35.78 -10.34
CA HIS C 90 -3.51 -36.20 -11.46
C HIS C 90 -4.42 -37.36 -11.05
N PRO C 91 -5.64 -37.41 -11.59
CA PRO C 91 -6.56 -38.52 -11.23
C PRO C 91 -6.02 -39.90 -11.55
N ASP C 92 -5.19 -40.03 -12.60
CA ASP C 92 -4.68 -41.33 -13.00
C ASP C 92 -3.74 -41.94 -11.96
N ALA C 93 -3.11 -41.12 -11.12
CA ALA C 93 -2.18 -41.62 -10.12
C ALA C 93 -2.89 -42.17 -8.88
N PHE C 94 -4.21 -42.19 -8.86
CA PHE C 94 -4.98 -42.66 -7.71
C PHE C 94 -5.79 -43.89 -8.10
N ASP C 95 -5.87 -44.84 -7.17
CA ASP C 95 -6.59 -46.09 -7.39
C ASP C 95 -8.07 -45.85 -7.15
N ASN C 96 -8.78 -45.44 -8.21
CA ASN C 96 -10.21 -45.14 -8.07
C ASN C 96 -11.01 -46.39 -7.78
N GLU C 97 -10.64 -47.52 -8.39
CA GLU C 97 -11.38 -48.77 -8.18
C GLU C 97 -11.26 -49.22 -6.73
N LEU C 98 -10.07 -49.11 -6.15
CA LEU C 98 -9.88 -49.52 -4.76
C LEU C 98 -10.56 -48.54 -3.80
N ILE C 99 -10.56 -47.25 -4.13
CA ILE C 99 -11.27 -46.26 -3.32
C ILE C 99 -12.76 -46.57 -3.32
N LEU C 100 -13.34 -46.76 -4.51
CA LEU C 100 -14.76 -47.06 -4.62
C LEU C 100 -15.11 -48.34 -3.87
N LYS C 101 -14.29 -49.38 -4.03
CA LYS C 101 -14.57 -50.65 -3.37
C LYS C 101 -14.48 -50.52 -1.86
N THR C 102 -13.40 -49.89 -1.37
CA THR C 102 -13.22 -49.76 0.07
C THR C 102 -14.31 -48.90 0.70
N LEU C 103 -14.63 -47.76 0.06
CA LEU C 103 -15.68 -46.90 0.60
C LEU C 103 -17.05 -47.57 0.53
N LYS C 104 -17.27 -48.41 -0.47
CA LYS C 104 -18.54 -49.13 -0.54
C LYS C 104 -18.66 -50.14 0.60
N GLU C 105 -17.59 -50.91 0.84
CA GLU C 105 -17.61 -51.88 1.93
C GLU C 105 -17.73 -51.20 3.30
N ILE C 106 -17.25 -49.96 3.41
CA ILE C 106 -17.44 -49.20 4.64
C ILE C 106 -18.91 -48.88 4.86
N THR C 107 -19.60 -48.46 3.79
CA THR C 107 -21.03 -48.16 3.90
C THR C 107 -21.84 -49.40 4.29
N GLU C 108 -21.38 -50.58 3.88
CA GLU C 108 -22.03 -51.84 4.24
C GLU C 108 -21.70 -52.28 5.66
N GLY C 109 -20.98 -51.47 6.44
CA GLY C 109 -20.63 -51.83 7.79
C GLY C 109 -19.48 -52.80 7.91
N LYS C 110 -18.82 -53.14 6.82
CA LYS C 110 -17.72 -54.11 6.86
C LYS C 110 -16.44 -53.45 7.34
N THR C 111 -15.63 -54.24 8.05
CA THR C 111 -14.27 -53.80 8.38
C THR C 111 -13.40 -53.90 7.14
N VAL C 112 -12.66 -52.82 6.86
CA VAL C 112 -11.89 -52.73 5.63
C VAL C 112 -10.40 -52.62 5.97
N GLN C 113 -9.58 -52.88 4.96
CA GLN C 113 -8.13 -52.78 5.07
C GLN C 113 -7.65 -51.70 4.11
N ILE C 114 -7.07 -50.64 4.65
CA ILE C 114 -6.54 -49.56 3.81
C ILE C 114 -5.04 -49.75 3.66
N PRO C 115 -4.48 -49.46 2.49
CA PRO C 115 -3.05 -49.71 2.26
C PRO C 115 -2.18 -48.69 2.99
N VAL C 116 -0.89 -49.01 3.01
CA VAL C 116 0.16 -48.09 3.47
C VAL C 116 1.12 -47.90 2.32
N TYR C 117 1.12 -46.70 1.74
CA TYR C 117 1.87 -46.43 0.52
C TYR C 117 3.31 -46.04 0.86
N ASP C 118 4.26 -46.65 0.15
CA ASP C 118 5.67 -46.28 0.23
C ASP C 118 5.98 -45.38 -0.96
N PHE C 119 6.16 -44.08 -0.70
CA PHE C 119 6.33 -43.12 -1.77
C PHE C 119 7.71 -43.20 -2.43
N VAL C 120 8.71 -43.74 -1.74
CA VAL C 120 10.03 -43.90 -2.34
C VAL C 120 9.99 -44.98 -3.42
N SER C 121 9.40 -46.14 -3.09
CA SER C 121 9.30 -47.24 -4.02
C SER C 121 8.02 -47.21 -4.84
N HIS C 122 7.08 -46.31 -4.51
CA HIS C 122 5.81 -46.18 -5.23
C HIS C 122 5.06 -47.52 -5.28
N SER C 123 5.02 -48.21 -4.14
CA SER C 123 4.34 -49.48 -4.03
C SER C 123 3.64 -49.55 -2.67
N ARG C 124 2.81 -50.58 -2.52
CA ARG C 124 2.07 -50.78 -1.28
C ARG C 124 2.82 -51.73 -0.36
N LYS C 125 3.07 -51.29 0.86
CA LYS C 125 3.71 -52.14 1.85
C LYS C 125 2.81 -53.32 2.20
N GLU C 126 3.44 -54.41 2.65
CA GLU C 126 2.68 -55.59 3.05
C GLU C 126 1.78 -55.29 4.25
N GLU C 127 2.18 -54.35 5.10
CA GLU C 127 1.38 -53.97 6.25
C GLU C 127 0.21 -53.09 5.81
N THR C 128 -0.96 -53.37 6.38
CA THR C 128 -2.17 -52.59 6.10
C THR C 128 -2.79 -52.15 7.41
N VAL C 129 -3.58 -51.07 7.34
CA VAL C 129 -4.27 -50.52 8.50
C VAL C 129 -5.70 -51.03 8.51
N THR C 130 -6.14 -51.54 9.66
CA THR C 130 -7.49 -52.08 9.82
C THR C 130 -8.42 -50.99 10.32
N VAL C 131 -9.41 -50.63 9.52
CA VAL C 131 -10.38 -49.61 9.87
C VAL C 131 -11.68 -50.31 10.26
N TYR C 132 -11.96 -50.32 11.56
CA TYR C 132 -13.21 -50.92 12.04
C TYR C 132 -14.40 -50.04 11.63
N PRO C 133 -15.58 -50.63 11.50
CA PRO C 133 -16.76 -49.84 11.10
C PRO C 133 -17.06 -48.75 12.11
N ALA C 134 -17.06 -47.51 11.63
CA ALA C 134 -17.34 -46.35 12.46
C ALA C 134 -18.67 -45.73 12.06
N ASP C 135 -19.22 -44.93 12.97
CA ASP C 135 -20.50 -44.28 12.70
C ASP C 135 -20.36 -43.13 11.71
N VAL C 136 -19.24 -42.42 11.76
CA VAL C 136 -18.97 -41.31 10.85
C VAL C 136 -17.59 -41.51 10.26
N VAL C 137 -17.47 -41.34 8.94
CA VAL C 137 -16.21 -41.53 8.22
C VAL C 137 -15.89 -40.25 7.46
N LEU C 138 -14.70 -39.71 7.68
CA LEU C 138 -14.22 -38.52 7.00
C LEU C 138 -13.18 -38.93 5.96
N PHE C 139 -13.48 -38.72 4.70
CA PHE C 139 -12.56 -39.02 3.60
C PHE C 139 -12.11 -37.70 2.99
N GLU C 140 -10.84 -37.35 3.22
CA GLU C 140 -10.27 -36.12 2.69
C GLU C 140 -9.37 -36.42 1.51
N GLY C 141 -9.43 -35.57 0.49
CA GLY C 141 -8.63 -35.77 -0.71
C GLY C 141 -8.78 -34.67 -1.73
N ILE C 142 -7.72 -34.44 -2.51
CA ILE C 142 -7.75 -33.38 -3.51
C ILE C 142 -8.80 -33.66 -4.57
N LEU C 143 -8.99 -34.94 -4.90
CA LEU C 143 -9.92 -35.36 -5.94
C LEU C 143 -11.02 -36.24 -5.37
N ALA C 144 -11.43 -35.95 -4.13
CA ALA C 144 -12.49 -36.73 -3.50
C ALA C 144 -13.82 -36.58 -4.22
N PHE C 145 -14.02 -35.51 -4.98
CA PHE C 145 -15.26 -35.28 -5.72
C PHE C 145 -15.08 -35.42 -7.22
N TYR C 146 -14.03 -36.12 -7.66
CA TYR C 146 -13.77 -36.24 -9.09
C TYR C 146 -14.60 -37.36 -9.72
N SER C 147 -14.60 -38.53 -9.09
CA SER C 147 -15.37 -39.66 -9.58
C SER C 147 -16.81 -39.54 -9.13
N GLN C 148 -17.75 -39.63 -10.08
CA GLN C 148 -19.17 -39.55 -9.75
C GLN C 148 -19.59 -40.65 -8.81
N GLU C 149 -19.07 -41.88 -9.02
CA GLU C 149 -19.45 -42.99 -8.18
C GLU C 149 -18.95 -42.83 -6.75
N VAL C 150 -17.84 -42.12 -6.56
CA VAL C 150 -17.35 -41.85 -5.21
C VAL C 150 -18.10 -40.67 -4.59
N ARG C 151 -18.51 -39.69 -5.40
CA ARG C 151 -19.28 -38.57 -4.88
C ARG C 151 -20.58 -39.04 -4.24
N ASP C 152 -21.32 -39.89 -4.95
CA ASP C 152 -22.64 -40.32 -4.50
C ASP C 152 -22.59 -41.13 -3.21
N LEU C 153 -21.40 -41.58 -2.79
CA LEU C 153 -21.28 -42.30 -1.52
C LEU C 153 -21.22 -41.36 -0.33
N PHE C 154 -20.93 -40.07 -0.54
CA PHE C 154 -20.80 -39.12 0.54
C PHE C 154 -22.16 -38.52 0.89
N GLN C 155 -22.59 -38.71 2.14
CA GLN C 155 -23.80 -38.06 2.61
C GLN C 155 -23.63 -36.55 2.67
N MET C 156 -22.43 -36.09 2.99
CA MET C 156 -22.09 -34.68 3.06
C MET C 156 -20.79 -34.44 2.31
N LYS C 157 -20.74 -33.37 1.51
CA LYS C 157 -19.57 -33.02 0.72
C LYS C 157 -19.08 -31.66 1.17
N LEU C 158 -17.90 -31.62 1.79
CA LEU C 158 -17.28 -30.39 2.25
C LEU C 158 -16.11 -30.03 1.35
N PHE C 159 -15.95 -28.74 1.07
CA PHE C 159 -14.84 -28.23 0.27
C PHE C 159 -14.15 -27.13 1.06
N VAL C 160 -12.85 -27.28 1.27
CA VAL C 160 -12.05 -26.28 1.97
C VAL C 160 -11.52 -25.32 0.92
N ASP C 161 -12.16 -24.16 0.80
CA ASP C 161 -11.79 -23.16 -0.20
C ASP C 161 -10.82 -22.18 0.44
N THR C 162 -9.58 -22.17 -0.04
CA THR C 162 -8.55 -21.26 0.41
C THR C 162 -7.85 -20.69 -0.82
N ASP C 163 -7.52 -19.40 -0.77
CA ASP C 163 -6.94 -18.72 -1.92
C ASP C 163 -5.64 -19.41 -2.35
N ALA C 164 -5.39 -19.38 -3.66
CA ALA C 164 -4.28 -20.12 -4.23
C ALA C 164 -2.95 -19.64 -3.67
N ASP C 165 -2.75 -18.31 -3.61
CA ASP C 165 -1.49 -17.79 -3.08
C ASP C 165 -1.36 -18.07 -1.59
N THR C 166 -2.47 -18.11 -0.86
CA THR C 166 -2.39 -18.49 0.55
C THR C 166 -1.98 -19.95 0.71
N ARG C 167 -2.57 -20.83 -0.10
CA ARG C 167 -2.19 -22.24 -0.03
C ARG C 167 -0.74 -22.46 -0.45
N LEU C 168 -0.31 -21.79 -1.52
CA LEU C 168 1.09 -21.87 -1.93
C LEU C 168 2.02 -21.39 -0.82
N SER C 169 1.64 -20.31 -0.13
CA SER C 169 2.43 -19.86 1.00
C SER C 169 2.49 -20.91 2.09
N ARG C 170 1.35 -21.57 2.38
CA ARG C 170 1.33 -22.62 3.38
C ARG C 170 2.13 -23.84 2.92
N ARG C 171 2.13 -24.13 1.62
CA ARG C 171 2.86 -25.29 1.13
C ARG C 171 4.36 -25.07 1.15
N VAL C 172 4.81 -23.86 0.79
CA VAL C 172 6.23 -23.57 0.79
C VAL C 172 6.81 -23.75 2.19
N LEU C 173 6.20 -23.10 3.19
CA LEU C 173 6.67 -23.25 4.56
C LEU C 173 6.56 -24.69 5.04
N ARG C 174 5.57 -25.44 4.55
CA ARG C 174 5.43 -26.83 4.93
C ARG C 174 6.40 -27.74 4.19
N ASP C 175 6.71 -27.41 2.93
CA ASP C 175 7.60 -28.26 2.14
C ASP C 175 9.07 -28.04 2.48
N ILE C 176 9.43 -26.88 3.02
CA ILE C 176 10.82 -26.66 3.43
C ILE C 176 11.09 -27.31 4.78
N SER C 177 10.13 -27.26 5.70
CA SER C 177 10.36 -27.81 7.04
C SER C 177 10.18 -29.32 7.08
N GLU C 178 9.12 -29.84 6.45
CA GLU C 178 8.84 -31.27 6.53
C GLU C 178 9.85 -32.08 5.73
N ARG C 179 10.23 -31.60 4.55
CA ARG C 179 11.20 -32.26 3.69
C ARG C 179 12.52 -31.48 3.70
N GLY C 180 13.47 -31.94 2.89
CA GLY C 180 14.77 -31.31 2.82
C GLY C 180 15.10 -30.76 1.45
N ARG C 181 14.10 -30.29 0.74
CA ARG C 181 14.28 -29.75 -0.60
C ARG C 181 14.52 -28.24 -0.54
N ASP C 182 15.06 -27.71 -1.63
CA ASP C 182 15.30 -26.27 -1.75
C ASP C 182 14.06 -25.57 -2.28
N LEU C 183 14.07 -24.23 -2.17
CA LEU C 183 12.88 -23.45 -2.49
C LEU C 183 12.60 -23.43 -3.99
N GLU C 184 13.64 -23.34 -4.81
CA GLU C 184 13.42 -23.23 -6.25
C GLU C 184 12.86 -24.52 -6.84
N GLN C 185 13.16 -25.67 -6.23
CA GLN C 185 12.61 -26.93 -6.71
C GLN C 185 11.13 -27.05 -6.37
N ILE C 186 10.72 -26.48 -5.23
CA ILE C 186 9.32 -26.55 -4.83
C ILE C 186 8.45 -25.72 -5.77
N LEU C 187 8.84 -24.48 -6.02
CA LEU C 187 8.04 -23.60 -6.88
C LEU C 187 7.99 -24.09 -8.31
N SER C 188 9.06 -24.74 -8.79
CA SER C 188 9.03 -25.29 -10.14
C SER C 188 8.02 -26.43 -10.24
N GLN C 189 8.01 -27.33 -9.25
CA GLN C 189 7.06 -28.44 -9.27
C GLN C 189 5.63 -27.97 -9.04
N TYR C 190 5.45 -26.91 -8.23
CA TYR C 190 4.10 -26.41 -7.98
C TYR C 190 3.51 -25.78 -9.24
N ILE C 191 4.28 -24.94 -9.93
CA ILE C 191 3.78 -24.30 -11.14
C ILE C 191 3.59 -25.32 -12.25
N THR C 192 4.44 -26.35 -12.31
CA THR C 192 4.39 -27.31 -13.40
C THR C 192 3.29 -28.35 -13.20
N PHE C 193 3.19 -28.91 -11.99
CA PHE C 193 2.31 -30.04 -11.72
C PHE C 193 1.14 -29.69 -10.81
N VAL C 194 1.41 -29.10 -9.64
CA VAL C 194 0.35 -28.92 -8.65
C VAL C 194 -0.69 -27.91 -9.13
N LYS C 195 -0.24 -26.80 -9.72
CA LYS C 195 -1.19 -25.77 -10.14
C LYS C 195 -2.08 -26.24 -11.29
N PRO C 196 -1.55 -26.73 -12.41
CA PRO C 196 -2.46 -27.14 -13.50
C PRO C 196 -3.38 -28.29 -13.13
N ALA C 197 -2.94 -29.19 -12.24
CA ALA C 197 -3.80 -30.30 -11.83
C ALA C 197 -4.94 -29.82 -10.94
N PHE C 198 -4.70 -28.78 -10.13
CA PHE C 198 -5.76 -28.24 -9.28
C PHE C 198 -6.82 -27.53 -10.12
N GLU C 199 -6.39 -26.74 -11.10
CA GLU C 199 -7.35 -25.97 -11.89
C GLU C 199 -8.14 -26.84 -12.84
N GLU C 200 -7.56 -27.94 -13.31
CA GLU C 200 -8.21 -28.78 -14.32
C GLU C 200 -9.10 -29.85 -13.69
N PHE C 201 -8.69 -30.43 -12.56
CA PHE C 201 -9.41 -31.54 -11.97
C PHE C 201 -10.07 -31.20 -10.65
N CYS C 202 -9.35 -30.53 -9.74
CA CYS C 202 -9.88 -30.30 -8.40
C CYS C 202 -10.90 -29.16 -8.39
N LEU C 203 -10.60 -28.05 -9.05
CA LEU C 203 -11.50 -26.89 -9.02
C LEU C 203 -12.86 -27.17 -9.63
N PRO C 204 -12.99 -27.81 -10.80
CA PRO C 204 -14.34 -28.05 -11.35
C PRO C 204 -15.19 -28.98 -10.50
N THR C 205 -14.61 -29.67 -9.51
CA THR C 205 -15.39 -30.48 -8.59
C THR C 205 -15.90 -29.68 -7.40
N LYS C 206 -15.55 -28.40 -7.30
CA LYS C 206 -16.03 -27.56 -6.19
C LYS C 206 -17.53 -27.38 -6.24
N LYS C 207 -18.14 -27.45 -7.44
CA LYS C 207 -19.58 -27.24 -7.56
C LYS C 207 -20.38 -28.35 -6.88
N TYR C 208 -19.80 -29.54 -6.73
CA TYR C 208 -20.50 -30.65 -6.11
C TYR C 208 -20.54 -30.55 -4.59
N ALA C 209 -19.83 -29.60 -3.99
CA ALA C 209 -19.78 -29.47 -2.54
C ALA C 209 -21.09 -28.92 -1.99
N ASP C 210 -21.61 -29.56 -0.94
CA ASP C 210 -22.80 -29.05 -0.27
C ASP C 210 -22.47 -27.86 0.62
N VAL C 211 -21.35 -27.90 1.32
CA VAL C 211 -20.91 -26.81 2.19
C VAL C 211 -19.48 -26.46 1.82
N ILE C 212 -19.17 -25.16 1.86
CA ILE C 212 -17.83 -24.66 1.58
C ILE C 212 -17.28 -24.05 2.85
N ILE C 213 -16.14 -24.57 3.31
CA ILE C 213 -15.50 -24.11 4.54
C ILE C 213 -14.27 -23.27 4.14
N PRO C 214 -14.32 -21.95 4.29
CA PRO C 214 -13.17 -21.13 3.92
C PRO C 214 -12.05 -21.18 4.95
N ARG C 215 -10.83 -20.95 4.46
CA ARG C 215 -9.62 -20.68 5.24
C ARG C 215 -9.11 -21.86 6.05
N GLY C 216 -9.80 -23.00 6.04
CA GLY C 216 -9.24 -24.18 6.68
C GLY C 216 -9.48 -24.23 8.19
N ALA C 217 -8.50 -24.80 8.89
CA ALA C 217 -8.67 -25.11 10.31
C ALA C 217 -8.79 -23.87 11.19
N ASP C 218 -8.39 -22.69 10.69
CA ASP C 218 -8.57 -21.48 11.47
C ASP C 218 -10.03 -21.09 11.61
N ASN C 219 -10.90 -21.64 10.76
CA ASN C 219 -12.34 -21.34 10.77
C ASN C 219 -12.99 -22.14 11.90
N LEU C 220 -12.88 -21.61 13.11
CA LEU C 220 -13.41 -22.30 14.28
C LEU C 220 -14.93 -22.40 14.25
N VAL C 221 -15.60 -21.40 13.67
CA VAL C 221 -17.06 -21.46 13.56
C VAL C 221 -17.50 -22.64 12.70
N ALA C 222 -16.82 -22.84 11.57
CA ALA C 222 -17.17 -23.94 10.69
C ALA C 222 -16.75 -25.29 11.27
N ILE C 223 -15.66 -25.32 12.03
CA ILE C 223 -15.25 -26.57 12.65
C ILE C 223 -16.28 -27.03 13.67
N ASN C 224 -16.70 -26.12 14.57
CA ASN C 224 -17.70 -26.48 15.57
C ASN C 224 -19.05 -26.78 14.94
N LEU C 225 -19.32 -26.22 13.76
CA LEU C 225 -20.58 -26.53 13.07
C LEU C 225 -20.61 -27.99 12.63
N ILE C 226 -19.50 -28.49 12.11
CA ILE C 226 -19.44 -29.89 11.72
C ILE C 226 -19.31 -30.78 12.94
N VAL C 227 -18.59 -30.32 13.96
CA VAL C 227 -18.44 -31.10 15.19
C VAL C 227 -19.80 -31.30 15.85
N GLN C 228 -20.57 -30.22 15.98
CA GLN C 228 -21.91 -30.34 16.55
C GLN C 228 -22.81 -31.22 15.70
N HIS C 229 -22.61 -31.20 14.38
CA HIS C 229 -23.41 -32.05 13.51
C HIS C 229 -23.09 -33.53 13.73
N ILE C 230 -21.80 -33.85 13.86
CA ILE C 230 -21.41 -35.24 14.06
C ILE C 230 -21.83 -35.72 15.43
N GLN C 231 -21.76 -34.84 16.44
CA GLN C 231 -22.19 -35.22 17.78
C GLN C 231 -23.68 -35.55 17.80
N ASP C 232 -24.49 -34.79 17.06
CA ASP C 232 -25.91 -35.11 16.96
C ASP C 232 -26.14 -36.41 16.19
N ILE C 233 -25.21 -36.80 15.34
CA ILE C 233 -25.33 -38.07 14.61
C ILE C 233 -25.02 -39.25 15.52
N LEU C 234 -24.01 -39.09 16.39
CA LEU C 234 -23.62 -40.18 17.29
C LEU C 234 -24.71 -40.49 18.31
N ASN C 235 -25.54 -39.50 18.65
CA ASN C 235 -26.63 -39.68 19.60
C ASN C 235 -27.97 -39.96 18.92
N GLY C 236 -27.96 -40.20 17.62
CA GLY C 236 -29.18 -40.48 16.88
C GLY C 236 -30.07 -39.26 16.74
N GLU D 24 45.36 -37.61 27.78
CA GLU D 24 45.86 -37.59 26.41
C GLU D 24 44.98 -38.43 25.50
N PRO D 25 43.86 -37.87 25.05
CA PRO D 25 42.96 -38.61 24.15
C PRO D 25 43.57 -38.80 22.78
N PHE D 26 43.24 -39.92 22.15
CA PHE D 26 43.74 -40.27 20.84
C PHE D 26 42.74 -39.77 19.79
N LEU D 27 43.13 -38.73 19.05
CA LEU D 27 42.28 -38.15 18.02
C LEU D 27 42.61 -38.77 16.68
N ILE D 28 41.61 -39.35 16.03
CA ILE D 28 41.76 -39.98 14.72
C ILE D 28 40.86 -39.25 13.73
N GLY D 29 41.45 -38.79 12.63
CA GLY D 29 40.71 -38.12 11.58
C GLY D 29 40.39 -39.11 10.46
N VAL D 30 39.14 -39.09 10.03
CA VAL D 30 38.65 -39.96 8.97
C VAL D 30 38.03 -39.07 7.90
N SER D 31 38.62 -39.07 6.71
CA SER D 31 38.14 -38.23 5.62
C SER D 31 37.83 -39.10 4.40
N GLY D 32 37.41 -38.44 3.33
CA GLY D 32 36.99 -39.12 2.12
C GLY D 32 35.76 -38.50 1.53
N GLY D 33 35.47 -38.81 0.27
CA GLY D 33 34.29 -38.27 -0.38
C GLY D 33 33.01 -38.79 0.24
N THR D 34 31.90 -38.28 -0.28
CA THR D 34 30.60 -38.68 0.23
C THR D 34 30.27 -40.09 -0.20
N ALA D 35 29.55 -40.81 0.65
CA ALA D 35 29.21 -42.21 0.43
C ALA D 35 30.45 -43.09 0.26
N SER D 36 31.59 -42.63 0.74
CA SER D 36 32.78 -43.48 0.74
C SER D 36 32.68 -44.56 1.81
N GLY D 37 32.04 -44.25 2.93
CA GLY D 37 31.87 -45.21 4.00
C GLY D 37 32.46 -44.76 5.32
N LYS D 38 32.91 -43.51 5.38
CA LYS D 38 33.58 -43.04 6.60
C LYS D 38 32.61 -43.04 7.78
N SER D 39 31.36 -42.64 7.56
CA SER D 39 30.38 -42.68 8.65
C SER D 39 30.07 -44.11 9.07
N SER D 40 29.97 -45.02 8.09
CA SER D 40 29.72 -46.41 8.41
C SER D 40 30.96 -47.11 8.95
N VAL D 41 32.15 -46.67 8.53
CA VAL D 41 33.38 -47.23 9.10
C VAL D 41 33.49 -46.87 10.57
N CYS D 42 33.27 -45.61 10.91
CA CYS D 42 33.33 -45.19 12.30
C CYS D 42 32.25 -45.88 13.13
N ALA D 43 31.05 -46.02 12.58
CA ALA D 43 29.97 -46.68 13.29
C ALA D 43 30.28 -48.16 13.54
N LYS D 44 30.94 -48.81 12.57
CA LYS D 44 31.28 -50.21 12.74
C LYS D 44 32.41 -50.38 13.75
N ILE D 45 33.36 -49.45 13.78
CA ILE D 45 34.47 -49.53 14.72
C ILE D 45 33.98 -49.37 16.15
N VAL D 46 33.05 -48.44 16.38
CA VAL D 46 32.52 -48.25 17.73
C VAL D 46 31.71 -49.45 18.16
N GLN D 47 30.92 -50.03 17.24
CA GLN D 47 30.11 -51.19 17.59
C GLN D 47 30.97 -52.41 17.90
N LEU D 48 32.02 -52.63 17.11
CA LEU D 48 32.87 -53.79 17.32
C LEU D 48 33.64 -53.69 18.63
N LEU D 49 33.90 -52.48 19.11
CA LEU D 49 34.55 -52.28 20.40
C LEU D 49 33.60 -52.43 21.58
N GLY D 50 32.32 -52.69 21.32
CA GLY D 50 31.34 -52.78 22.37
C GLY D 50 30.91 -51.46 22.98
N GLN D 51 31.31 -50.34 22.37
CA GLN D 51 30.97 -49.03 22.94
C GLN D 51 29.49 -48.73 22.86
N ASN D 52 28.74 -49.43 22.00
CA ASN D 52 27.29 -49.26 21.99
C ASN D 52 26.67 -49.77 23.29
N GLU D 53 27.24 -50.81 23.87
CA GLU D 53 26.74 -51.32 25.16
C GLU D 53 27.29 -50.51 26.32
N VAL D 54 28.47 -49.92 26.16
CA VAL D 54 29.06 -49.11 27.23
C VAL D 54 28.22 -47.85 27.42
N ASP D 55 28.04 -47.45 28.69
CA ASP D 55 27.21 -46.30 29.02
C ASP D 55 27.78 -45.02 28.44
N TYR D 56 26.94 -43.97 28.44
CA TYR D 56 27.31 -42.71 27.83
C TYR D 56 28.38 -41.98 28.63
N ARG D 57 28.28 -42.02 29.96
CA ARG D 57 29.26 -41.34 30.79
C ARG D 57 30.59 -42.08 30.81
N GLN D 58 30.57 -43.39 30.58
CA GLN D 58 31.77 -44.21 30.57
C GLN D 58 32.25 -44.54 29.16
N LYS D 59 31.74 -43.84 28.15
CA LYS D 59 32.09 -44.12 26.77
C LYS D 59 33.55 -43.79 26.52
N GLN D 60 34.32 -44.79 26.06
CA GLN D 60 35.74 -44.62 25.81
C GLN D 60 36.04 -44.18 24.39
N VAL D 61 35.19 -44.53 23.43
CA VAL D 61 35.38 -44.20 22.02
C VAL D 61 34.13 -43.49 21.54
N VAL D 62 34.28 -42.23 21.12
CA VAL D 62 33.17 -41.43 20.64
C VAL D 62 33.42 -41.05 19.19
N ILE D 63 32.35 -40.66 18.50
CA ILE D 63 32.40 -40.26 17.10
C ILE D 63 31.92 -38.82 17.01
N LEU D 64 32.74 -37.96 16.42
CA LEU D 64 32.37 -36.58 16.14
C LEU D 64 32.24 -36.41 14.63
N SER D 65 31.09 -35.94 14.19
CA SER D 65 30.83 -35.69 12.78
C SER D 65 31.03 -34.23 12.46
N GLN D 66 31.68 -33.96 11.32
CA GLN D 66 31.87 -32.59 10.87
C GLN D 66 30.57 -31.92 10.48
N ASP D 67 29.51 -32.70 10.23
CA ASP D 67 28.22 -32.13 9.88
C ASP D 67 27.66 -31.30 11.04
N SER D 68 28.04 -31.63 12.27
CA SER D 68 27.59 -30.84 13.42
C SER D 68 28.15 -29.43 13.38
N PHE D 69 29.33 -29.24 12.79
CA PHE D 69 30.02 -27.95 12.82
C PHE D 69 29.79 -27.14 11.56
N TYR D 70 28.61 -27.24 10.96
CA TYR D 70 28.26 -26.34 9.88
C TYR D 70 28.15 -24.91 10.38
N ARG D 71 28.56 -23.96 9.54
CA ARG D 71 28.49 -22.56 9.92
C ARG D 71 27.04 -22.09 9.99
N VAL D 72 26.81 -21.08 10.83
CA VAL D 72 25.51 -20.40 10.88
C VAL D 72 25.43 -19.49 9.65
N LEU D 73 24.52 -19.83 8.73
CA LEU D 73 24.46 -19.11 7.47
C LEU D 73 23.93 -17.69 7.68
N THR D 74 24.57 -16.73 7.02
CA THR D 74 24.15 -15.34 7.11
C THR D 74 22.87 -15.13 6.32
N SER D 75 22.36 -13.89 6.36
CA SER D 75 21.15 -13.57 5.61
C SER D 75 21.38 -13.70 4.12
N GLU D 76 22.54 -13.26 3.63
CA GLU D 76 22.83 -13.36 2.21
C GLU D 76 23.18 -14.80 1.82
N GLN D 77 23.85 -15.53 2.70
CA GLN D 77 24.22 -16.90 2.40
C GLN D 77 22.99 -17.82 2.39
N LYS D 78 22.10 -17.66 3.38
CA LYS D 78 20.90 -18.47 3.41
C LYS D 78 20.00 -18.19 2.22
N ALA D 79 20.04 -16.96 1.69
CA ALA D 79 19.30 -16.67 0.47
C ALA D 79 19.79 -17.54 -0.69
N LYS D 80 21.11 -17.70 -0.82
CA LYS D 80 21.64 -18.58 -1.84
C LYS D 80 21.29 -20.04 -1.58
N ALA D 81 21.21 -20.44 -0.31
CA ALA D 81 20.87 -21.81 0.02
C ALA D 81 19.43 -22.14 -0.35
N LEU D 82 18.51 -21.20 -0.08
CA LEU D 82 17.11 -21.42 -0.44
C LEU D 82 16.94 -21.51 -1.96
N LYS D 83 17.63 -20.64 -2.70
CA LYS D 83 17.59 -20.70 -4.15
C LYS D 83 18.35 -21.90 -4.71
N GLY D 84 19.17 -22.56 -3.90
CA GLY D 84 19.92 -23.73 -4.33
C GLY D 84 21.29 -23.43 -4.92
N GLN D 85 21.75 -22.18 -4.88
CA GLN D 85 23.03 -21.80 -5.44
C GLN D 85 24.17 -21.89 -4.44
N PHE D 86 23.95 -22.52 -3.29
CA PHE D 86 24.95 -22.63 -2.24
C PHE D 86 25.38 -24.08 -2.10
N ASN D 87 26.67 -24.36 -2.34
CA ASN D 87 27.20 -25.71 -2.15
C ASN D 87 27.74 -25.87 -0.72
N PHE D 88 27.53 -27.04 -0.12
CA PHE D 88 27.84 -27.28 1.29
C PHE D 88 29.07 -28.16 1.51
N ASP D 89 29.80 -28.51 0.44
CA ASP D 89 31.07 -29.21 0.50
C ASP D 89 32.25 -28.26 0.41
N HIS D 90 31.98 -26.99 0.38
CA HIS D 90 32.96 -25.93 0.39
C HIS D 90 33.46 -25.73 1.82
N PRO D 91 34.76 -25.49 2.01
CA PRO D 91 35.26 -25.23 3.36
C PRO D 91 34.63 -24.01 4.03
N ASP D 92 34.14 -23.05 3.26
CA ASP D 92 33.55 -21.86 3.86
C ASP D 92 32.23 -22.17 4.57
N ALA D 93 31.61 -23.30 4.28
CA ALA D 93 30.34 -23.66 4.90
C ALA D 93 30.50 -24.34 6.25
N PHE D 94 31.74 -24.56 6.70
CA PHE D 94 32.00 -25.25 7.96
C PHE D 94 32.69 -24.29 8.92
N ASP D 95 32.32 -24.39 10.20
CA ASP D 95 32.88 -23.53 11.24
C ASP D 95 34.24 -24.10 11.64
N ASN D 96 35.29 -23.64 10.95
CA ASN D 96 36.63 -24.12 11.24
C ASN D 96 37.09 -23.70 12.63
N GLU D 97 36.82 -22.45 12.99
CA GLU D 97 37.29 -21.93 14.28
C GLU D 97 36.72 -22.72 15.44
N LEU D 98 35.45 -23.17 15.32
CA LEU D 98 34.85 -23.94 16.40
C LEU D 98 35.39 -25.37 16.41
N ILE D 99 35.66 -25.94 15.23
CA ILE D 99 36.27 -27.27 15.17
C ILE D 99 37.64 -27.26 15.85
N LEU D 100 38.48 -26.29 15.50
CA LEU D 100 39.80 -26.20 16.12
C LEU D 100 39.68 -25.93 17.62
N LYS D 101 38.70 -25.12 18.02
CA LYS D 101 38.52 -24.85 19.45
C LYS D 101 38.02 -26.08 20.18
N THR D 102 37.06 -26.79 19.60
CA THR D 102 36.50 -27.97 20.25
C THR D 102 37.50 -29.11 20.31
N LEU D 103 38.24 -29.35 19.22
CA LEU D 103 39.21 -30.44 19.21
C LEU D 103 40.41 -30.13 20.10
N LYS D 104 40.77 -28.86 20.24
CA LYS D 104 41.85 -28.51 21.17
C LYS D 104 41.44 -28.76 22.62
N GLU D 105 40.20 -28.42 22.97
CA GLU D 105 39.74 -28.68 24.32
C GLU D 105 39.54 -30.18 24.58
N ILE D 106 39.28 -30.95 23.53
CA ILE D 106 39.17 -32.40 23.69
C ILE D 106 40.54 -33.00 23.97
N THR D 107 41.56 -32.54 23.24
CA THR D 107 42.93 -33.02 23.50
C THR D 107 43.36 -32.71 24.94
N GLU D 108 42.89 -31.59 25.49
CA GLU D 108 43.18 -31.26 26.88
C GLU D 108 42.43 -32.15 27.86
N GLY D 109 41.47 -32.94 27.39
CA GLY D 109 40.70 -33.79 28.28
C GLY D 109 39.51 -33.12 28.93
N LYS D 110 38.98 -32.07 28.34
CA LYS D 110 37.88 -31.31 28.91
C LYS D 110 36.56 -31.69 28.24
N THR D 111 35.48 -31.64 29.01
CA THR D 111 34.16 -31.87 28.47
C THR D 111 33.76 -30.72 27.55
N VAL D 112 33.26 -31.05 26.36
CA VAL D 112 32.90 -30.05 25.37
C VAL D 112 31.42 -30.20 25.02
N GLN D 113 30.86 -29.11 24.49
CA GLN D 113 29.48 -29.08 24.04
C GLN D 113 29.47 -28.93 22.53
N ILE D 114 28.84 -29.87 21.85
CA ILE D 114 28.80 -29.93 20.39
C ILE D 114 27.43 -29.47 19.92
N PRO D 115 27.35 -28.59 18.92
CA PRO D 115 26.05 -28.09 18.46
C PRO D 115 25.18 -29.19 17.87
N VAL D 116 23.89 -28.90 17.82
CA VAL D 116 22.91 -29.71 17.11
C VAL D 116 22.40 -28.85 15.95
N TYR D 117 22.98 -29.07 14.77
CA TYR D 117 22.69 -28.23 13.62
C TYR D 117 21.33 -28.56 13.02
N ASP D 118 20.51 -27.53 12.82
CA ASP D 118 19.23 -27.66 12.14
C ASP D 118 19.44 -27.34 10.66
N PHE D 119 19.37 -28.37 9.81
CA PHE D 119 19.66 -28.19 8.39
C PHE D 119 18.56 -27.43 7.67
N VAL D 120 17.38 -27.30 8.28
CA VAL D 120 16.29 -26.54 7.65
C VAL D 120 16.53 -25.04 7.83
N SER D 121 16.61 -24.58 9.06
CA SER D 121 16.84 -23.17 9.34
C SER D 121 18.29 -22.75 9.15
N HIS D 122 19.20 -23.71 8.92
CA HIS D 122 20.62 -23.44 8.75
C HIS D 122 21.19 -22.66 9.94
N SER D 123 20.79 -23.06 11.14
CA SER D 123 21.24 -22.42 12.37
C SER D 123 21.47 -23.50 13.42
N ARG D 124 22.06 -23.08 14.53
CA ARG D 124 22.36 -23.99 15.63
C ARG D 124 21.23 -23.94 16.65
N LYS D 125 20.64 -25.10 16.94
CA LYS D 125 19.62 -25.18 17.97
C LYS D 125 20.18 -24.79 19.33
N GLU D 126 19.28 -24.37 20.21
CA GLU D 126 19.69 -24.04 21.58
C GLU D 126 20.20 -25.28 22.31
N GLU D 127 19.68 -26.46 21.96
CA GLU D 127 20.12 -27.70 22.58
C GLU D 127 21.45 -28.15 21.96
N THR D 128 22.40 -28.51 22.83
CA THR D 128 23.69 -29.02 22.40
C THR D 128 23.95 -30.37 23.05
N VAL D 129 24.84 -31.14 22.43
CA VAL D 129 25.19 -32.47 22.93
C VAL D 129 26.43 -32.36 23.80
N THR D 130 26.36 -32.92 25.00
CA THR D 130 27.45 -32.86 25.97
C THR D 130 28.26 -34.15 25.87
N VAL D 131 29.40 -34.08 25.20
CA VAL D 131 30.29 -35.23 25.02
C VAL D 131 31.38 -35.18 26.08
N TYR D 132 31.48 -36.25 26.86
CA TYR D 132 32.45 -36.33 27.94
C TYR D 132 33.82 -36.76 27.41
N PRO D 133 34.89 -36.46 28.13
CA PRO D 133 36.24 -36.82 27.64
C PRO D 133 36.38 -38.31 27.43
N ALA D 134 36.78 -38.69 26.22
CA ALA D 134 36.96 -40.07 25.84
C ALA D 134 38.44 -40.36 25.61
N ASP D 135 38.80 -41.65 25.71
CA ASP D 135 40.18 -42.04 25.51
C ASP D 135 40.58 -41.96 24.04
N VAL D 136 39.65 -42.30 23.14
CA VAL D 136 39.87 -42.22 21.71
C VAL D 136 38.70 -41.48 21.08
N VAL D 137 39.00 -40.49 20.24
CA VAL D 137 37.99 -39.68 19.57
C VAL D 137 38.13 -39.88 18.07
N LEU D 138 37.01 -40.14 17.40
CA LEU D 138 36.96 -40.27 15.95
C LEU D 138 36.25 -39.05 15.36
N PHE D 139 36.94 -38.31 14.50
CA PHE D 139 36.39 -37.14 13.83
C PHE D 139 36.32 -37.42 12.34
N GLU D 140 35.11 -37.57 11.81
CA GLU D 140 34.90 -37.87 10.41
C GLU D 140 34.32 -36.67 9.68
N GLY D 141 34.75 -36.47 8.44
CA GLY D 141 34.28 -35.36 7.63
C GLY D 141 34.97 -35.30 6.28
N ILE D 142 34.29 -34.71 5.29
CA ILE D 142 34.85 -34.64 3.94
C ILE D 142 36.06 -33.74 3.89
N LEU D 143 36.18 -32.78 4.82
CA LEU D 143 37.29 -31.84 4.82
C LEU D 143 38.02 -31.83 6.17
N ALA D 144 38.09 -32.99 6.82
CA ALA D 144 38.78 -33.08 8.10
C ALA D 144 40.28 -32.80 7.98
N PHE D 145 40.86 -33.01 6.80
CA PHE D 145 42.29 -32.80 6.58
C PHE D 145 42.58 -31.52 5.79
N TYR D 146 41.61 -30.62 5.69
CA TYR D 146 41.78 -29.41 4.88
C TYR D 146 42.60 -28.35 5.63
N SER D 147 42.22 -28.08 6.88
CA SER D 147 42.94 -27.09 7.67
C SER D 147 44.15 -27.73 8.33
N GLN D 148 45.32 -27.13 8.11
CA GLN D 148 46.54 -27.67 8.69
C GLN D 148 46.49 -27.68 10.21
N GLU D 149 45.90 -26.64 10.81
CA GLU D 149 45.82 -26.56 12.26
C GLU D 149 44.97 -27.70 12.83
N VAL D 150 43.84 -28.00 12.19
CA VAL D 150 43.03 -29.13 12.60
C VAL D 150 43.70 -30.44 12.22
N ARG D 151 44.44 -30.44 11.11
CA ARG D 151 45.11 -31.65 10.65
C ARG D 151 46.14 -32.13 11.67
N ASP D 152 46.91 -31.21 12.24
CA ASP D 152 47.98 -31.58 13.16
C ASP D 152 47.47 -32.06 14.51
N LEU D 153 46.17 -32.01 14.75
CA LEU D 153 45.62 -32.54 15.99
C LEU D 153 45.38 -34.04 15.93
N PHE D 154 45.24 -34.61 14.73
CA PHE D 154 45.00 -36.04 14.57
C PHE D 154 46.31 -36.79 14.71
N GLN D 155 46.37 -37.71 15.68
CA GLN D 155 47.53 -38.59 15.79
C GLN D 155 47.51 -39.67 14.72
N MET D 156 46.34 -39.98 14.18
CA MET D 156 46.20 -40.91 13.07
C MET D 156 45.19 -40.35 12.09
N LYS D 157 45.56 -40.31 10.81
CA LYS D 157 44.70 -39.78 9.76
C LYS D 157 44.33 -40.92 8.82
N LEU D 158 43.03 -41.22 8.74
CA LEU D 158 42.51 -42.25 7.86
C LEU D 158 41.73 -41.63 6.72
N PHE D 159 41.83 -42.23 5.54
CA PHE D 159 41.11 -41.77 4.36
C PHE D 159 40.36 -42.96 3.77
N VAL D 160 39.05 -42.80 3.57
CA VAL D 160 38.23 -43.84 2.98
C VAL D 160 38.18 -43.56 1.48
N ASP D 161 39.02 -44.28 0.73
CA ASP D 161 39.14 -44.09 -0.71
C ASP D 161 38.15 -45.02 -1.40
N THR D 162 37.14 -44.44 -2.04
CA THR D 162 36.16 -45.19 -2.80
C THR D 162 35.93 -44.47 -4.13
N ASP D 163 35.83 -45.25 -5.21
CA ASP D 163 35.75 -44.69 -6.54
C ASP D 163 34.56 -43.74 -6.67
N ALA D 164 34.75 -42.70 -7.51
CA ALA D 164 33.74 -41.66 -7.64
C ALA D 164 32.41 -42.23 -8.11
N ASP D 165 32.43 -43.08 -9.14
CA ASP D 165 31.20 -43.67 -9.63
C ASP D 165 30.58 -44.61 -8.61
N THR D 166 31.42 -45.31 -7.82
CA THR D 166 30.87 -46.15 -6.76
C THR D 166 30.23 -45.29 -5.66
N ARG D 167 30.89 -44.19 -5.30
CA ARG D 167 30.32 -43.30 -4.29
C ARG D 167 29.05 -42.64 -4.80
N LEU D 168 29.03 -42.25 -6.07
CA LEU D 168 27.83 -41.66 -6.65
C LEU D 168 26.68 -42.66 -6.64
N SER D 169 26.96 -43.92 -6.95
CA SER D 169 25.92 -44.94 -6.92
C SER D 169 25.35 -45.11 -5.51
N ARG D 170 26.23 -45.12 -4.50
CA ARG D 170 25.75 -45.21 -3.12
C ARG D 170 24.92 -43.99 -2.73
N ARG D 171 25.33 -42.81 -3.21
CA ARG D 171 24.61 -41.58 -2.87
C ARG D 171 23.22 -41.55 -3.48
N VAL D 172 23.08 -42.06 -4.71
CA VAL D 172 21.78 -42.03 -5.38
C VAL D 172 20.76 -42.86 -4.61
N LEU D 173 21.09 -44.13 -4.36
CA LEU D 173 20.17 -44.99 -3.62
C LEU D 173 19.91 -44.47 -2.23
N ARG D 174 20.88 -43.77 -1.64
CA ARG D 174 20.69 -43.21 -0.30
C ARG D 174 19.79 -41.97 -0.36
N ASP D 175 20.05 -41.06 -1.29
CA ASP D 175 19.31 -39.81 -1.34
C ASP D 175 17.86 -40.03 -1.77
N ILE D 176 17.58 -41.09 -2.51
CA ILE D 176 16.20 -41.40 -2.89
C ILE D 176 15.43 -41.90 -1.68
N SER D 177 16.02 -42.82 -0.92
CA SER D 177 15.31 -43.44 0.19
C SER D 177 15.30 -42.55 1.42
N GLU D 178 16.44 -41.91 1.73
CA GLU D 178 16.52 -41.11 2.95
C GLU D 178 15.74 -39.81 2.81
N ARG D 179 16.03 -39.03 1.75
CA ARG D 179 15.43 -37.71 1.60
C ARG D 179 14.12 -37.72 0.83
N GLY D 180 13.91 -38.71 -0.03
CA GLY D 180 12.69 -38.75 -0.83
C GLY D 180 12.62 -37.68 -1.90
N ARG D 181 13.72 -37.46 -2.62
CA ARG D 181 13.78 -36.50 -3.71
C ARG D 181 13.82 -37.24 -5.05
N ASP D 182 13.63 -36.49 -6.12
CA ASP D 182 13.68 -37.08 -7.45
C ASP D 182 15.13 -37.25 -7.91
N LEU D 183 15.31 -38.05 -8.95
CA LEU D 183 16.66 -38.43 -9.39
C LEU D 183 17.36 -37.32 -10.15
N GLU D 184 16.63 -36.48 -10.87
CA GLU D 184 17.29 -35.47 -11.70
C GLU D 184 17.89 -34.35 -10.87
N GLN D 185 17.32 -34.04 -9.71
CA GLN D 185 17.93 -33.02 -8.86
C GLN D 185 19.20 -33.54 -8.21
N ILE D 186 19.22 -34.82 -7.83
CA ILE D 186 20.39 -35.40 -7.19
C ILE D 186 21.59 -35.37 -8.12
N LEU D 187 21.40 -35.82 -9.35
CA LEU D 187 22.52 -35.85 -10.30
C LEU D 187 22.95 -34.45 -10.69
N SER D 188 21.99 -33.52 -10.84
CA SER D 188 22.35 -32.14 -11.12
C SER D 188 23.11 -31.53 -9.95
N GLN D 189 22.72 -31.87 -8.72
CA GLN D 189 23.41 -31.36 -7.55
C GLN D 189 24.82 -31.93 -7.43
N TYR D 190 24.96 -33.24 -7.71
CA TYR D 190 26.26 -33.89 -7.59
C TYR D 190 27.24 -33.32 -8.62
N ILE D 191 26.82 -33.22 -9.87
CA ILE D 191 27.71 -32.74 -10.92
C ILE D 191 28.06 -31.27 -10.72
N THR D 192 27.10 -30.48 -10.24
CA THR D 192 27.32 -29.04 -10.11
C THR D 192 28.07 -28.69 -8.83
N PHE D 193 27.77 -29.36 -7.73
CA PHE D 193 28.30 -28.95 -6.43
C PHE D 193 29.18 -30.01 -5.78
N VAL D 194 28.68 -31.24 -5.63
CA VAL D 194 29.39 -32.25 -4.86
C VAL D 194 30.69 -32.65 -5.56
N LYS D 195 30.62 -32.93 -6.86
CA LYS D 195 31.81 -33.38 -7.58
C LYS D 195 32.89 -32.32 -7.65
N PRO D 196 32.64 -31.08 -8.11
CA PRO D 196 33.75 -30.11 -8.20
C PRO D 196 34.35 -29.76 -6.85
N ALA D 197 33.57 -29.80 -5.78
CA ALA D 197 34.12 -29.47 -4.46
C ALA D 197 34.94 -30.62 -3.88
N PHE D 198 34.60 -31.85 -4.23
CA PHE D 198 35.41 -32.99 -3.81
C PHE D 198 36.77 -32.98 -4.49
N GLU D 199 36.77 -32.76 -5.81
CA GLU D 199 38.02 -32.77 -6.56
C GLU D 199 38.92 -31.60 -6.21
N GLU D 200 38.33 -30.45 -5.86
CA GLU D 200 39.12 -29.25 -5.58
C GLU D 200 39.58 -29.15 -4.13
N PHE D 201 38.80 -29.67 -3.19
CA PHE D 201 39.11 -29.52 -1.77
C PHE D 201 39.36 -30.84 -1.07
N CYS D 202 38.49 -31.84 -1.27
CA CYS D 202 38.61 -33.08 -0.50
C CYS D 202 39.70 -33.99 -1.06
N LEU D 203 39.69 -34.22 -2.38
CA LEU D 203 40.66 -35.13 -2.98
C LEU D 203 42.11 -34.71 -2.74
N PRO D 204 42.50 -33.44 -2.85
CA PRO D 204 43.91 -33.08 -2.59
C PRO D 204 44.37 -33.36 -1.18
N THR D 205 43.44 -33.49 -0.23
CA THR D 205 43.81 -33.79 1.16
C THR D 205 44.07 -35.28 1.38
N LYS D 206 43.88 -36.12 0.38
CA LYS D 206 44.16 -37.55 0.54
C LYS D 206 45.64 -37.80 0.82
N LYS D 207 46.52 -36.90 0.36
CA LYS D 207 47.95 -37.11 0.56
C LYS D 207 48.37 -36.99 2.03
N TYR D 208 47.56 -36.31 2.85
CA TYR D 208 47.88 -36.18 4.27
C TYR D 208 47.48 -37.41 5.07
N ALA D 209 46.80 -38.37 4.47
CA ALA D 209 46.35 -39.55 5.19
C ALA D 209 47.53 -40.46 5.53
N ASP D 210 47.54 -40.95 6.78
CA ASP D 210 48.55 -41.91 7.18
C ASP D 210 48.20 -43.32 6.69
N VAL D 211 46.92 -43.67 6.75
CA VAL D 211 46.44 -44.97 6.28
C VAL D 211 45.23 -44.73 5.38
N ILE D 212 45.19 -45.41 4.25
CA ILE D 212 44.08 -45.32 3.30
C ILE D 212 43.24 -46.58 3.41
N ILE D 213 41.99 -46.43 3.81
CA ILE D 213 41.05 -47.55 3.90
C ILE D 213 40.19 -47.57 2.66
N PRO D 214 40.47 -48.43 1.68
CA PRO D 214 39.68 -48.43 0.45
C PRO D 214 38.35 -49.15 0.58
N ARG D 215 37.42 -48.73 -0.29
CA ARG D 215 36.21 -49.46 -0.60
C ARG D 215 35.15 -49.38 0.50
N GLY D 216 35.54 -48.96 1.70
CA GLY D 216 34.55 -48.53 2.67
C GLY D 216 34.28 -49.48 3.82
N ALA D 217 33.03 -49.48 4.29
CA ALA D 217 32.68 -50.23 5.49
C ALA D 217 32.71 -51.74 5.28
N ASP D 218 32.60 -52.20 4.04
CA ASP D 218 32.72 -53.63 3.76
C ASP D 218 34.13 -54.14 3.99
N ASN D 219 35.11 -53.23 4.08
CA ASN D 219 36.51 -53.60 4.33
C ASN D 219 36.63 -54.03 5.80
N LEU D 220 36.29 -55.29 6.05
CA LEU D 220 36.31 -55.81 7.42
C LEU D 220 37.73 -55.95 7.93
N VAL D 221 38.70 -56.24 7.05
CA VAL D 221 40.08 -56.38 7.47
C VAL D 221 40.61 -55.05 7.99
N ALA D 222 40.33 -53.96 7.27
CA ALA D 222 40.82 -52.65 7.69
C ALA D 222 40.10 -52.17 8.95
N ILE D 223 38.82 -52.49 9.08
CA ILE D 223 38.07 -52.08 10.28
C ILE D 223 38.57 -52.85 11.49
N ASN D 224 38.75 -54.17 11.36
CA ASN D 224 39.29 -54.96 12.46
C ASN D 224 40.71 -54.52 12.82
N LEU D 225 41.46 -54.00 11.84
CA LEU D 225 42.79 -53.51 12.13
C LEU D 225 42.75 -52.26 13.00
N ILE D 226 41.82 -51.34 12.71
CA ILE D 226 41.66 -50.16 13.54
C ILE D 226 41.05 -50.53 14.89
N VAL D 227 40.06 -51.43 14.89
CA VAL D 227 39.41 -51.85 16.13
C VAL D 227 40.43 -52.43 17.10
N GLN D 228 41.36 -53.25 16.59
CA GLN D 228 42.40 -53.80 17.44
C GLN D 228 43.33 -52.70 17.95
N HIS D 229 43.62 -51.71 17.11
CA HIS D 229 44.53 -50.64 17.51
C HIS D 229 43.93 -49.80 18.62
N ILE D 230 42.61 -49.58 18.58
CA ILE D 230 41.96 -48.82 19.64
C ILE D 230 41.99 -49.59 20.95
N GLN D 231 41.78 -50.91 20.89
CA GLN D 231 41.77 -51.71 22.10
C GLN D 231 43.14 -51.73 22.78
N ASP D 232 44.21 -51.65 21.99
CA ASP D 232 45.54 -51.50 22.59
C ASP D 232 45.69 -50.15 23.28
N ILE D 233 45.03 -49.12 22.76
CA ILE D 233 45.08 -47.80 23.38
C ILE D 233 44.20 -47.76 24.62
N LEU D 234 43.07 -48.45 24.60
CA LEU D 234 42.21 -48.49 25.79
C LEU D 234 42.83 -49.33 26.89
N ASN D 235 43.66 -50.31 26.54
CA ASN D 235 44.32 -51.17 27.52
C ASN D 235 45.69 -50.62 27.96
N GLY D 236 45.87 -49.30 27.90
CA GLY D 236 47.12 -48.70 28.29
C GLY D 236 48.19 -48.80 27.23
N GLY E 23 2.06 4.79 44.14
CA GLY E 23 3.39 5.39 44.15
C GLY E 23 4.16 5.12 42.88
N GLU E 24 4.71 6.18 42.28
CA GLU E 24 5.46 6.06 41.04
C GLU E 24 6.37 7.28 40.92
N PRO E 25 7.48 7.16 40.19
CA PRO E 25 8.33 8.34 39.97
C PRO E 25 7.58 9.46 39.25
N PHE E 26 7.84 10.69 39.67
CA PHE E 26 7.18 11.86 39.12
C PHE E 26 8.00 12.38 37.94
N LEU E 27 7.43 12.28 36.74
CA LEU E 27 8.09 12.74 35.53
C LEU E 27 7.66 14.17 35.21
N ILE E 28 8.63 15.04 34.98
CA ILE E 28 8.39 16.43 34.63
C ILE E 28 9.05 16.70 33.29
N GLY E 29 8.23 17.05 32.29
CA GLY E 29 8.73 17.39 30.97
C GLY E 29 9.02 18.87 30.87
N VAL E 30 10.18 19.20 30.31
CA VAL E 30 10.60 20.59 30.13
C VAL E 30 11.00 20.77 28.67
N SER E 31 10.33 21.68 27.97
CA SER E 31 10.59 21.92 26.56
C SER E 31 10.88 23.40 26.34
N GLY E 32 11.06 23.78 25.07
CA GLY E 32 11.39 25.14 24.71
C GLY E 32 12.46 25.17 23.64
N GLY E 33 12.66 26.32 23.01
CA GLY E 33 13.69 26.45 21.99
C GLY E 33 15.08 26.40 22.58
N THR E 34 16.07 26.42 21.70
CA THR E 34 17.45 26.46 22.16
C THR E 34 17.74 27.81 22.81
N ALA E 35 18.63 27.79 23.80
CA ALA E 35 18.99 28.97 24.59
C ALA E 35 17.80 29.54 25.36
N SER E 36 16.76 28.74 25.56
CA SER E 36 15.65 29.17 26.41
C SER E 36 16.07 29.24 27.87
N GLY E 37 17.01 28.39 28.28
CA GLY E 37 17.39 28.24 29.67
C GLY E 37 16.87 27.00 30.34
N LYS E 38 16.24 26.08 29.59
CA LYS E 38 15.65 24.90 30.21
C LYS E 38 16.70 24.02 30.87
N SER E 39 17.86 23.85 30.21
CA SER E 39 18.95 23.11 30.84
C SER E 39 19.43 23.81 32.10
N SER E 40 19.51 25.14 32.06
CA SER E 40 19.93 25.89 33.23
C SER E 40 18.85 25.93 34.30
N VAL E 41 17.57 25.93 33.89
CA VAL E 41 16.48 25.86 34.85
C VAL E 41 16.52 24.52 35.58
N CYS E 42 16.64 23.43 34.83
CA CYS E 42 16.73 22.11 35.45
C CYS E 42 17.94 22.01 36.36
N ALA E 43 19.08 22.53 35.91
CA ALA E 43 20.29 22.48 36.74
C ALA E 43 20.11 23.29 38.03
N LYS E 44 19.55 24.49 37.93
CA LYS E 44 19.36 25.31 39.12
C LYS E 44 18.32 24.70 40.05
N ILE E 45 17.35 23.96 39.51
CA ILE E 45 16.37 23.29 40.35
C ILE E 45 17.04 22.20 41.19
N VAL E 46 17.85 21.36 40.55
CA VAL E 46 18.56 20.30 41.27
C VAL E 46 19.62 20.91 42.19
N GLN E 47 20.32 21.95 41.72
CA GLN E 47 21.32 22.61 42.56
C GLN E 47 20.68 23.21 43.81
N LEU E 48 19.47 23.75 43.68
CA LEU E 48 18.77 24.28 44.84
C LEU E 48 18.21 23.17 45.72
N LEU E 49 18.11 21.95 45.21
CA LEU E 49 17.57 20.83 45.95
C LEU E 49 18.63 19.97 46.60
N GLY E 50 19.91 20.32 46.45
CA GLY E 50 20.99 19.56 47.03
C GLY E 50 21.32 18.26 46.33
N GLN E 51 20.50 17.83 45.38
CA GLN E 51 20.75 16.58 44.65
C GLN E 51 21.95 16.68 43.72
N ASN E 52 22.65 17.81 43.69
CA ASN E 52 23.87 17.95 42.90
C ASN E 52 25.06 17.27 43.55
N GLU E 53 25.02 17.01 44.85
CA GLU E 53 26.13 16.43 45.59
C GLU E 53 25.76 15.11 46.25
N VAL E 54 24.81 14.37 45.67
CA VAL E 54 24.38 13.08 46.18
C VAL E 54 24.77 12.01 45.18
N ASP E 55 24.99 10.79 45.69
CA ASP E 55 25.38 9.68 44.84
C ASP E 55 24.29 9.36 43.83
N TYR E 56 24.69 8.73 42.72
CA TYR E 56 23.74 8.32 41.70
C TYR E 56 22.79 7.24 42.19
N ARG E 57 23.17 6.50 43.24
CA ARG E 57 22.30 5.47 43.78
C ARG E 57 21.28 6.04 44.76
N GLN E 58 21.63 7.11 45.48
CA GLN E 58 20.75 7.73 46.44
C GLN E 58 20.14 9.03 45.92
N LYS E 59 20.29 9.31 44.62
CA LYS E 59 19.75 10.54 44.04
C LYS E 59 18.23 10.43 43.94
N GLN E 60 17.53 11.37 44.56
CA GLN E 60 16.06 11.39 44.52
C GLN E 60 15.52 12.25 43.38
N VAL E 61 16.32 13.14 42.82
CA VAL E 61 15.93 13.97 41.68
C VAL E 61 17.03 13.87 40.64
N VAL E 62 16.68 13.38 39.45
CA VAL E 62 17.63 13.24 38.36
C VAL E 62 17.16 14.09 37.19
N ILE E 63 18.08 14.34 36.26
CA ILE E 63 17.80 15.11 35.05
C ILE E 63 18.18 14.26 33.84
N LEU E 64 17.23 14.05 32.95
CA LEU E 64 17.48 13.39 31.67
C LEU E 64 17.47 14.44 30.57
N SER E 65 18.27 14.21 29.54
CA SER E 65 18.39 15.10 28.41
C SER E 65 18.02 14.37 27.13
N GLN E 66 17.27 15.07 26.27
CA GLN E 66 16.91 14.50 24.97
C GLN E 66 18.13 14.32 24.07
N ASP E 67 19.19 15.09 24.29
CA ASP E 67 20.41 14.95 23.50
C ASP E 67 21.15 13.65 23.80
N SER E 68 20.83 12.98 24.90
CA SER E 68 21.40 11.67 25.19
C SER E 68 20.83 10.60 24.27
N PHE E 69 19.70 10.85 23.63
CA PHE E 69 19.00 9.87 22.83
C PHE E 69 19.09 10.18 21.34
N TYR E 70 20.24 10.69 20.91
CA TYR E 70 20.46 10.90 19.48
C TYR E 70 20.54 9.56 18.77
N ARG E 71 19.95 9.49 17.58
CA ARG E 71 20.03 8.28 16.78
C ARG E 71 21.46 8.03 16.31
N VAL E 72 21.79 6.76 16.09
CA VAL E 72 23.08 6.44 15.49
C VAL E 72 23.07 6.88 14.03
N LEU E 73 24.15 7.51 13.61
CA LEU E 73 24.20 8.13 12.29
C LEU E 73 24.68 7.13 11.25
N THR E 74 23.93 7.02 10.16
CA THR E 74 24.37 6.25 9.01
C THR E 74 25.61 6.92 8.39
N SER E 75 26.42 6.11 7.70
CA SER E 75 27.61 6.64 7.04
C SER E 75 27.26 7.77 6.08
N GLU E 76 26.06 7.73 5.48
CA GLU E 76 25.61 8.84 4.66
C GLU E 76 25.26 10.05 5.52
N GLN E 77 24.69 9.80 6.70
CA GLN E 77 24.38 10.91 7.61
C GLN E 77 25.64 11.46 8.27
N LYS E 78 26.63 10.60 8.52
CA LYS E 78 27.88 11.07 9.10
C LYS E 78 28.61 12.02 8.16
N ALA E 79 28.61 11.72 6.85
CA ALA E 79 29.38 12.51 5.90
C ALA E 79 28.84 13.94 5.81
N LYS E 80 27.52 14.08 5.74
CA LYS E 80 26.93 15.42 5.68
C LYS E 80 26.92 16.12 7.03
N ALA E 81 27.02 15.37 8.13
CA ALA E 81 27.12 16.00 9.44
C ALA E 81 28.41 16.80 9.58
N LEU E 82 29.50 16.30 9.00
CA LEU E 82 30.76 17.04 9.04
C LEU E 82 30.69 18.28 8.15
N LYS E 83 29.83 18.28 7.14
CA LYS E 83 29.64 19.45 6.29
C LYS E 83 28.67 20.45 6.87
N GLY E 84 28.04 20.14 8.01
CA GLY E 84 27.03 21.01 8.58
C GLY E 84 25.67 20.93 7.92
N GLN E 85 25.42 19.90 7.11
CA GLN E 85 24.17 19.76 6.37
C GLN E 85 23.22 18.75 7.01
N PHE E 86 23.40 18.46 8.29
CA PHE E 86 22.56 17.51 9.01
C PHE E 86 21.75 18.26 10.07
N ASN E 87 20.43 18.16 9.98
CA ASN E 87 19.53 18.84 10.92
C ASN E 87 19.47 18.03 12.21
N PHE E 88 20.12 18.55 13.25
CA PHE E 88 20.11 17.89 14.56
C PHE E 88 18.87 18.23 15.38
N ASP E 89 18.05 19.18 14.93
CA ASP E 89 16.85 19.59 15.65
C ASP E 89 15.59 18.93 15.11
N HIS E 90 15.71 18.07 14.11
CA HIS E 90 14.55 17.39 13.54
C HIS E 90 14.22 16.14 14.35
N PRO E 91 12.93 15.80 14.46
CA PRO E 91 12.56 14.60 15.21
C PRO E 91 13.18 13.32 14.69
N ASP E 92 13.51 13.28 13.39
CA ASP E 92 14.13 12.08 12.82
C ASP E 92 15.55 11.87 13.32
N ALA E 93 16.16 12.87 13.95
CA ALA E 93 17.51 12.75 14.48
C ALA E 93 17.53 12.21 15.91
N PHE E 94 16.36 11.94 16.48
CA PHE E 94 16.25 11.44 17.84
C PHE E 94 15.58 10.07 17.83
N ASP E 95 15.95 9.25 18.81
CA ASP E 95 15.39 7.90 18.96
C ASP E 95 14.12 8.02 19.80
N ASN E 96 12.98 8.17 19.12
CA ASN E 96 11.71 8.28 19.82
C ASN E 96 11.36 6.98 20.54
N GLU E 97 11.70 5.83 19.94
CA GLU E 97 11.35 4.55 20.54
C GLU E 97 12.15 4.31 21.82
N LEU E 98 13.42 4.72 21.83
CA LEU E 98 14.23 4.56 23.04
C LEU E 98 13.79 5.50 24.14
N ILE E 99 13.40 6.73 23.77
CA ILE E 99 12.91 7.70 24.76
C ILE E 99 11.63 7.18 25.41
N LEU E 100 10.69 6.72 24.58
CA LEU E 100 9.44 6.20 25.10
C LEU E 100 9.67 4.96 25.96
N LYS E 101 10.55 4.06 25.51
CA LYS E 101 10.85 2.87 26.30
C LYS E 101 11.54 3.22 27.61
N THR E 102 12.52 4.13 27.56
CA THR E 102 13.22 4.53 28.78
C THR E 102 12.28 5.18 29.77
N LEU E 103 11.42 6.08 29.30
CA LEU E 103 10.53 6.79 30.21
C LEU E 103 9.41 5.89 30.73
N LYS E 104 9.00 4.90 29.95
CA LYS E 104 8.02 3.94 30.44
C LYS E 104 8.60 3.08 31.55
N GLU E 105 9.86 2.66 31.40
CA GLU E 105 10.50 1.87 32.46
C GLU E 105 10.76 2.71 33.70
N ILE E 106 10.99 4.01 33.53
CA ILE E 106 11.17 4.88 34.69
C ILE E 106 9.87 5.02 35.47
N THR E 107 8.75 5.20 34.77
CA THR E 107 7.46 5.28 35.45
C THR E 107 7.10 3.98 36.15
N GLU E 108 7.55 2.84 35.62
CA GLU E 108 7.35 1.55 36.26
C GLU E 108 8.30 1.32 37.43
N GLY E 109 9.11 2.31 37.78
CA GLY E 109 10.04 2.18 38.89
C GLY E 109 11.25 1.33 38.62
N LYS E 110 11.60 1.13 37.35
CA LYS E 110 12.74 0.30 36.98
C LYS E 110 13.98 1.16 36.80
N THR E 111 15.14 0.55 37.04
CA THR E 111 16.41 1.20 36.72
C THR E 111 16.63 1.17 35.21
N VAL E 112 17.12 2.28 34.68
CA VAL E 112 17.28 2.45 33.24
C VAL E 112 18.73 2.73 32.90
N GLN E 113 19.10 2.45 31.66
CA GLN E 113 20.43 2.69 31.14
C GLN E 113 20.36 3.85 30.15
N ILE E 114 21.02 4.96 30.48
CA ILE E 114 21.03 6.13 29.62
C ILE E 114 22.26 6.08 28.72
N PRO E 115 22.09 6.22 27.41
CA PRO E 115 23.25 6.19 26.51
C PRO E 115 24.17 7.37 26.72
N VAL E 116 25.41 7.21 26.27
CA VAL E 116 26.41 8.26 26.25
C VAL E 116 26.81 8.45 24.79
N TYR E 117 26.15 9.37 24.11
CA TYR E 117 26.35 9.55 22.69
C TYR E 117 27.73 10.13 22.41
N ASP E 118 28.57 9.37 21.71
CA ASP E 118 29.88 9.85 21.28
C ASP E 118 29.70 10.60 19.97
N PHE E 119 29.87 11.93 20.02
CA PHE E 119 29.59 12.73 18.83
C PHE E 119 30.68 12.62 17.78
N VAL E 120 31.92 12.35 18.19
CA VAL E 120 32.98 12.13 17.20
C VAL E 120 32.67 10.89 16.37
N SER E 121 32.11 9.86 16.99
CA SER E 121 31.69 8.66 16.29
C SER E 121 30.24 8.73 15.82
N HIS E 122 29.45 9.65 16.37
CA HIS E 122 28.02 9.75 16.08
C HIS E 122 27.32 8.42 16.35
N SER E 123 27.74 7.77 17.43
CA SER E 123 27.18 6.50 17.86
C SER E 123 27.14 6.49 19.38
N ARG E 124 26.62 5.41 19.95
CA ARG E 124 26.51 5.27 21.40
C ARG E 124 27.71 4.50 21.93
N LYS E 125 28.34 5.04 22.96
CA LYS E 125 29.46 4.37 23.60
C LYS E 125 29.00 3.07 24.26
N GLU E 126 29.95 2.16 24.47
CA GLU E 126 29.66 0.93 25.20
C GLU E 126 29.28 1.23 26.65
N GLU E 127 29.85 2.29 27.23
CA GLU E 127 29.51 2.69 28.58
C GLU E 127 28.23 3.51 28.58
N THR E 128 27.34 3.21 29.52
CA THR E 128 26.07 3.92 29.66
C THR E 128 25.97 4.50 31.07
N VAL E 129 25.10 5.50 31.20
CA VAL E 129 24.84 6.13 32.48
C VAL E 129 23.65 5.43 33.13
N THR E 130 23.86 4.85 34.30
CA THR E 130 22.81 4.13 35.02
C THR E 130 22.07 5.11 35.92
N VAL E 131 20.76 5.23 35.71
CA VAL E 131 19.91 6.09 36.50
C VAL E 131 18.99 5.20 37.33
N TYR E 132 19.19 5.22 38.65
CA TYR E 132 18.36 4.45 39.56
C TYR E 132 17.01 5.16 39.76
N PRO E 133 15.97 4.41 40.13
CA PRO E 133 14.63 5.00 40.25
C PRO E 133 14.61 6.15 41.24
N ALA E 134 14.29 7.34 40.74
CA ALA E 134 14.21 8.55 41.54
C ALA E 134 12.75 8.97 41.70
N ASP E 135 12.48 9.69 42.79
CA ASP E 135 11.10 10.12 43.05
C ASP E 135 10.64 11.16 42.04
N VAL E 136 11.54 12.01 41.57
CA VAL E 136 11.23 13.03 40.58
C VAL E 136 12.28 12.95 39.48
N VAL E 137 11.83 12.90 38.22
CA VAL E 137 12.70 12.82 37.07
C VAL E 137 12.39 13.99 36.14
N LEU E 138 13.41 14.77 35.81
CA LEU E 138 13.28 15.87 34.87
C LEU E 138 13.78 15.42 33.50
N PHE E 139 12.96 15.67 32.47
CA PHE E 139 13.32 15.35 31.09
C PHE E 139 13.30 16.63 30.28
N GLU E 140 14.48 17.10 29.89
CA GLU E 140 14.65 18.34 29.14
C GLU E 140 14.92 18.03 27.67
N GLY E 141 14.27 18.78 26.79
CA GLY E 141 14.47 18.58 25.37
C GLY E 141 13.64 19.53 24.52
N ILE E 142 14.16 19.91 23.35
CA ILE E 142 13.43 20.82 22.47
C ILE E 142 12.18 20.18 21.90
N LEU E 143 12.12 18.85 21.86
CA LEU E 143 10.97 18.13 21.33
C LEU E 143 10.39 17.18 22.37
N ALA E 144 10.50 17.56 23.65
CA ALA E 144 10.04 16.68 24.73
C ALA E 144 8.53 16.42 24.65
N PHE E 145 7.78 17.34 24.04
CA PHE E 145 6.33 17.20 23.94
C PHE E 145 5.90 16.88 22.51
N TYR E 146 6.82 16.45 21.66
CA TYR E 146 6.48 16.17 20.27
C TYR E 146 5.64 14.90 20.16
N SER E 147 6.09 13.82 20.80
CA SER E 147 5.39 12.54 20.71
C SER E 147 4.27 12.46 21.75
N GLN E 148 3.08 12.07 21.30
CA GLN E 148 1.93 12.02 22.22
C GLN E 148 2.12 10.96 23.29
N GLU E 149 2.67 9.80 22.92
CA GLU E 149 2.88 8.73 23.90
C GLU E 149 3.87 9.15 24.97
N VAL E 150 4.76 10.08 24.65
CA VAL E 150 5.70 10.60 25.64
C VAL E 150 5.05 11.71 26.47
N ARG E 151 4.17 12.51 25.86
CA ARG E 151 3.48 13.58 26.58
C ARG E 151 2.67 13.01 27.76
N ASP E 152 1.93 11.94 27.51
CA ASP E 152 1.06 11.39 28.53
C ASP E 152 1.83 10.82 29.71
N LEU E 153 3.12 10.53 29.54
CA LEU E 153 3.91 10.02 30.65
C LEU E 153 4.27 11.11 31.65
N PHE E 154 4.41 12.35 31.19
CA PHE E 154 4.75 13.45 32.09
C PHE E 154 3.55 13.83 32.93
N GLN E 155 3.75 13.90 34.25
CA GLN E 155 2.71 14.38 35.15
C GLN E 155 2.69 15.90 35.26
N MET E 156 3.72 16.57 34.76
CA MET E 156 3.79 18.03 34.76
C MET E 156 4.66 18.46 33.60
N LYS E 157 4.10 19.29 32.72
CA LYS E 157 4.79 19.72 31.51
C LYS E 157 5.09 21.22 31.60
N LEU E 158 6.37 21.56 31.62
CA LEU E 158 6.82 22.94 31.68
C LEU E 158 7.38 23.36 30.32
N PHE E 159 7.16 24.61 29.96
CA PHE E 159 7.68 25.18 28.72
C PHE E 159 8.40 26.48 29.05
N VAL E 160 9.66 26.57 28.64
CA VAL E 160 10.46 27.77 28.87
C VAL E 160 10.29 28.65 27.64
N ASP E 161 9.49 29.71 27.78
CA ASP E 161 9.17 30.62 26.68
C ASP E 161 10.09 31.83 26.75
N THR E 162 11.01 31.92 25.80
CA THR E 162 11.90 33.07 25.67
C THR E 162 11.83 33.54 24.24
N ASP E 163 11.91 34.86 24.04
CA ASP E 163 11.75 35.43 22.72
C ASP E 163 12.75 34.84 21.74
N ALA E 164 12.32 34.73 20.48
CA ALA E 164 13.15 34.08 19.46
C ALA E 164 14.47 34.82 19.26
N ASP E 165 14.41 36.15 19.15
CA ASP E 165 15.64 36.91 18.95
C ASP E 165 16.50 36.90 20.21
N THR E 166 15.88 36.91 21.39
CA THR E 166 16.64 36.80 22.63
C THR E 166 17.37 35.46 22.69
N ARG E 167 16.68 34.37 22.32
CA ARG E 167 17.34 33.06 22.31
C ARG E 167 18.45 33.01 21.27
N LEU E 168 18.22 33.60 20.09
CA LEU E 168 19.27 33.63 19.08
C LEU E 168 20.50 34.39 19.56
N SER E 169 20.28 35.50 20.26
CA SER E 169 21.40 36.25 20.81
C SER E 169 22.19 35.41 21.81
N ARG E 170 21.48 34.66 22.66
CA ARG E 170 22.15 33.79 23.62
C ARG E 170 22.95 32.70 22.92
N ARG E 171 22.38 32.09 21.89
CA ARG E 171 23.05 30.99 21.21
C ARG E 171 24.28 31.46 20.46
N VAL E 172 24.20 32.63 19.81
CA VAL E 172 25.35 33.15 19.08
C VAL E 172 26.51 33.40 20.03
N LEU E 173 26.24 34.03 21.17
CA LEU E 173 27.28 34.19 22.18
C LEU E 173 27.72 32.83 22.72
N ARG E 174 26.77 31.91 22.90
CA ARG E 174 27.10 30.60 23.42
C ARG E 174 27.96 29.81 22.43
N ASP E 175 27.66 29.92 21.14
CA ASP E 175 28.37 29.15 20.13
C ASP E 175 29.72 29.73 19.77
N ILE E 176 29.94 31.03 19.98
CA ILE E 176 31.21 31.65 19.66
C ILE E 176 32.16 31.66 20.86
N SER E 177 31.64 31.85 22.07
CA SER E 177 32.49 31.97 23.24
C SER E 177 32.71 30.63 23.94
N GLU E 178 31.69 29.77 23.99
CA GLU E 178 31.86 28.46 24.60
C GLU E 178 32.36 27.42 23.61
N ARG E 179 31.95 27.53 22.34
CA ARG E 179 32.30 26.53 21.33
C ARG E 179 33.24 27.05 20.25
N GLY E 180 33.47 28.35 20.18
CA GLY E 180 34.35 28.89 19.15
C GLY E 180 33.90 28.65 17.72
N ARG E 181 32.60 28.72 17.47
CA ARG E 181 32.10 28.51 16.11
C ARG E 181 32.28 29.78 15.27
N ASP E 182 32.08 29.62 13.97
CA ASP E 182 32.13 30.74 13.04
C ASP E 182 30.76 31.41 12.95
N LEU E 183 30.76 32.74 12.98
CA LEU E 183 29.51 33.49 13.05
C LEU E 183 28.61 33.22 11.85
N GLU E 184 29.19 33.27 10.64
CA GLU E 184 28.37 33.10 9.44
C GLU E 184 27.78 31.71 9.36
N GLN E 185 28.53 30.69 9.80
CA GLN E 185 27.99 29.33 9.81
C GLN E 185 26.87 29.19 10.85
N ILE E 186 27.03 29.83 12.00
CA ILE E 186 25.98 29.78 13.03
C ILE E 186 24.67 30.32 12.48
N LEU E 187 24.71 31.54 11.92
CA LEU E 187 23.49 32.16 11.44
C LEU E 187 22.92 31.43 10.22
N SER E 188 23.80 30.85 9.39
CA SER E 188 23.31 30.11 8.23
C SER E 188 22.60 28.82 8.65
N GLN E 189 23.16 28.10 9.61
CA GLN E 189 22.51 26.90 10.10
C GLN E 189 21.26 27.23 10.90
N TYR E 190 21.27 28.34 11.64
CA TYR E 190 20.11 28.72 12.44
C TYR E 190 18.92 29.01 11.52
N ILE E 191 19.14 29.80 10.47
CA ILE E 191 18.06 30.15 9.57
C ILE E 191 17.60 28.93 8.79
N THR E 192 18.53 28.04 8.44
CA THR E 192 18.20 26.91 7.58
C THR E 192 17.66 25.72 8.36
N PHE E 193 18.22 25.43 9.54
CA PHE E 193 17.86 24.24 10.29
C PHE E 193 17.18 24.56 11.62
N VAL E 194 17.81 25.37 12.47
CA VAL E 194 17.31 25.54 13.83
C VAL E 194 15.98 26.27 13.84
N LYS E 195 15.89 27.39 13.11
CA LYS E 195 14.65 28.16 13.10
C LYS E 195 13.47 27.38 12.52
N PRO E 196 13.56 26.75 11.34
CA PRO E 196 12.39 26.01 10.84
C PRO E 196 11.98 24.85 11.73
N ALA E 197 12.95 24.12 12.29
CA ALA E 197 12.62 22.98 13.13
C ALA E 197 11.91 23.41 14.41
N PHE E 198 12.27 24.58 14.95
CA PHE E 198 11.60 25.09 16.14
C PHE E 198 10.17 25.51 15.81
N GLU E 199 9.97 26.18 14.69
CA GLU E 199 8.64 26.66 14.35
C GLU E 199 7.72 25.53 13.87
N GLU E 200 8.29 24.51 13.25
CA GLU E 200 7.48 23.43 12.70
C GLU E 200 7.18 22.34 13.72
N PHE E 201 8.09 22.05 14.63
CA PHE E 201 7.93 20.93 15.55
C PHE E 201 7.86 21.35 17.01
N CYS E 202 8.69 22.29 17.45
CA CYS E 202 8.72 22.65 18.86
C CYS E 202 7.59 23.60 19.22
N LEU E 203 7.42 24.68 18.45
CA LEU E 203 6.41 25.69 18.79
C LEU E 203 4.98 25.14 18.84
N PRO E 204 4.53 24.30 17.90
CA PRO E 204 3.15 23.77 18.01
C PRO E 204 2.89 22.96 19.27
N THR E 205 3.95 22.47 19.94
CA THR E 205 3.78 21.69 21.15
C THR E 205 3.68 22.55 22.40
N LYS E 206 3.81 23.87 22.27
CA LYS E 206 3.72 24.74 23.44
C LYS E 206 2.34 24.69 24.07
N LYS E 207 1.31 24.40 23.26
CA LYS E 207 -0.07 24.35 23.77
C LYS E 207 -0.28 23.21 24.76
N TYR E 208 0.63 22.25 24.82
CA TYR E 208 0.50 21.12 25.74
C TYR E 208 1.08 21.39 27.11
N ALA E 209 1.77 22.51 27.30
CA ALA E 209 2.41 22.80 28.57
C ALA E 209 1.37 23.16 29.63
N ASP E 210 1.61 22.71 30.86
CA ASP E 210 0.75 23.08 31.98
C ASP E 210 1.17 24.42 32.57
N VAL E 211 2.47 24.68 32.64
CA VAL E 211 3.02 25.90 33.22
C VAL E 211 4.11 26.40 32.28
N ILE E 212 4.09 27.70 32.00
CA ILE E 212 5.03 28.31 31.07
C ILE E 212 5.93 29.25 31.85
N ILE E 213 7.23 28.98 31.81
CA ILE E 213 8.24 29.76 32.53
C ILE E 213 8.85 30.76 31.55
N PRO E 214 8.60 32.06 31.71
CA PRO E 214 9.22 33.05 30.82
C PRO E 214 10.63 33.42 31.26
N ARG E 215 11.44 33.79 30.27
CA ARG E 215 12.79 34.33 30.43
C ARG E 215 13.79 33.31 30.97
N GLY E 216 13.35 32.12 31.35
CA GLY E 216 14.27 31.02 31.58
C GLY E 216 14.86 31.01 32.97
N ALA E 217 16.19 30.84 33.03
CA ALA E 217 16.84 30.53 34.30
C ALA E 217 16.84 31.70 35.27
N ASP E 218 16.86 32.95 34.75
CA ASP E 218 16.89 34.10 35.64
C ASP E 218 15.56 34.35 36.34
N ASN E 219 14.50 33.64 35.95
CA ASN E 219 13.20 33.78 36.61
C ASN E 219 13.24 32.95 37.89
N LEU E 220 13.66 33.60 38.99
CA LEU E 220 13.84 32.90 40.25
C LEU E 220 12.51 32.61 40.95
N VAL E 221 11.50 33.45 40.74
CA VAL E 221 10.20 33.21 41.36
C VAL E 221 9.58 31.92 40.84
N ALA E 222 9.75 31.66 39.55
CA ALA E 222 9.19 30.44 38.96
C ALA E 222 10.00 29.21 39.32
N ILE E 223 11.31 29.36 39.49
CA ILE E 223 12.15 28.23 39.89
C ILE E 223 11.85 27.83 41.33
N ASN E 224 11.75 28.82 42.23
CA ASN E 224 11.38 28.53 43.61
C ASN E 224 10.01 27.87 43.70
N LEU E 225 9.12 28.19 42.76
CA LEU E 225 7.82 27.52 42.72
C LEU E 225 7.97 26.04 42.39
N ILE E 226 8.81 25.72 41.40
CA ILE E 226 9.01 24.33 41.02
C ILE E 226 9.83 23.60 42.08
N VAL E 227 10.86 24.28 42.62
CA VAL E 227 11.72 23.65 43.63
C VAL E 227 10.92 23.29 44.88
N GLN E 228 10.09 24.23 45.34
CA GLN E 228 9.28 23.97 46.54
C GLN E 228 8.27 22.86 46.29
N HIS E 229 7.70 22.80 45.09
CA HIS E 229 6.71 21.77 44.80
C HIS E 229 7.35 20.39 44.76
N ILE E 230 8.57 20.29 44.23
CA ILE E 230 9.28 19.01 44.26
C ILE E 230 9.57 18.60 45.69
N GLN E 231 10.08 19.53 46.50
CA GLN E 231 10.34 19.27 47.91
C GLN E 231 9.08 18.84 48.68
N ASP E 232 7.89 19.03 48.10
CA ASP E 232 6.68 18.48 48.67
C ASP E 232 6.40 17.06 48.19
N ILE E 233 6.84 16.71 46.99
CA ILE E 233 6.60 15.37 46.46
C ILE E 233 7.39 14.34 47.25
N LEU E 234 8.71 14.54 47.33
CA LEU E 234 9.54 13.73 48.22
C LEU E 234 9.62 14.41 49.58
N ASN E 235 9.77 13.60 50.62
CA ASN E 235 9.83 14.07 52.01
C ASN E 235 8.62 14.95 52.34
N GLY E 236 7.44 14.47 51.95
CA GLY E 236 6.21 15.18 52.20
C GLY E 236 5.00 14.58 51.49
N GLY F 23 -26.02 -15.85 28.23
CA GLY F 23 -27.32 -16.18 27.67
C GLY F 23 -27.79 -15.19 26.61
N GLU F 24 -26.83 -14.71 25.82
CA GLU F 24 -27.16 -13.75 24.78
C GLU F 24 -27.77 -14.46 23.56
N PRO F 25 -28.66 -13.79 22.84
CA PRO F 25 -29.20 -14.37 21.61
C PRO F 25 -28.10 -14.66 20.61
N PHE F 26 -28.23 -15.79 19.91
CA PHE F 26 -27.26 -16.22 18.91
C PHE F 26 -27.64 -15.59 17.57
N LEU F 27 -26.89 -14.56 17.18
CA LEU F 27 -27.13 -13.88 15.91
C LEU F 27 -26.40 -14.60 14.78
N ILE F 28 -27.09 -14.79 13.67
CA ILE F 28 -26.54 -15.42 12.48
C ILE F 28 -26.72 -14.45 11.31
N GLY F 29 -25.60 -14.00 10.74
CA GLY F 29 -25.64 -13.12 9.58
C GLY F 29 -25.66 -13.93 8.30
N VAL F 30 -26.55 -13.54 7.39
CA VAL F 30 -26.70 -14.21 6.10
C VAL F 30 -26.62 -13.16 5.01
N SER F 31 -25.51 -13.15 4.28
CA SER F 31 -25.30 -12.22 3.19
C SER F 31 -25.28 -12.97 1.86
N GLY F 32 -25.02 -12.24 0.79
CA GLY F 32 -25.01 -12.80 -0.55
C GLY F 32 -25.67 -11.87 -1.55
N GLY F 33 -25.42 -12.10 -2.84
CA GLY F 33 -26.01 -11.25 -3.85
C GLY F 33 -27.52 -11.42 -3.95
N THR F 34 -28.12 -10.54 -4.76
CA THR F 34 -29.55 -10.62 -4.99
C THR F 34 -29.90 -11.89 -5.78
N ALA F 35 -31.09 -12.42 -5.51
CA ALA F 35 -31.58 -13.67 -6.11
C ALA F 35 -30.66 -14.85 -5.84
N SER F 36 -29.84 -14.79 -4.79
CA SER F 36 -28.98 -15.90 -4.46
C SER F 36 -29.71 -17.01 -3.70
N GLY F 37 -30.79 -16.69 -3.00
CA GLY F 37 -31.53 -17.65 -2.22
C GLY F 37 -31.47 -17.43 -0.72
N LYS F 38 -30.79 -16.38 -0.25
CA LYS F 38 -30.66 -16.17 1.19
C LYS F 38 -32.01 -15.97 1.85
N SER F 39 -32.92 -15.22 1.19
CA SER F 39 -34.25 -15.03 1.74
C SER F 39 -35.02 -16.34 1.84
N SER F 40 -34.88 -17.20 0.82
CA SER F 40 -35.53 -18.51 0.87
C SER F 40 -34.80 -19.47 1.80
N VAL F 41 -33.48 -19.31 1.94
CA VAL F 41 -32.72 -20.15 2.87
C VAL F 41 -33.18 -19.91 4.30
N CYS F 42 -33.26 -18.64 4.70
CA CYS F 42 -33.71 -18.32 6.05
C CYS F 42 -35.15 -18.77 6.27
N ALA F 43 -36.00 -18.60 5.26
CA ALA F 43 -37.40 -19.04 5.38
C ALA F 43 -37.48 -20.54 5.55
N LYS F 44 -36.73 -21.30 4.75
CA LYS F 44 -36.76 -22.76 4.87
C LYS F 44 -36.16 -23.23 6.18
N ILE F 45 -35.27 -22.44 6.78
CA ILE F 45 -34.70 -22.82 8.07
C ILE F 45 -35.74 -22.66 9.17
N VAL F 46 -36.46 -21.54 9.17
CA VAL F 46 -37.51 -21.35 10.17
C VAL F 46 -38.67 -22.30 9.92
N GLN F 47 -38.96 -22.61 8.66
CA GLN F 47 -40.05 -23.55 8.34
C GLN F 47 -39.70 -24.96 8.78
N LEU F 48 -38.46 -25.40 8.53
CA LEU F 48 -38.04 -26.72 8.98
C LEU F 48 -38.01 -26.82 10.50
N LEU F 49 -37.84 -25.69 11.19
CA LEU F 49 -37.90 -25.65 12.64
C LEU F 49 -39.32 -25.48 13.17
N GLY F 50 -40.29 -25.20 12.29
CA GLY F 50 -41.66 -25.05 12.72
C GLY F 50 -41.96 -23.83 13.55
N GLN F 51 -41.07 -22.82 13.53
CA GLN F 51 -41.29 -21.63 14.35
C GLN F 51 -42.44 -20.80 13.82
N ASN F 52 -42.52 -20.61 12.51
CA ASN F 52 -43.58 -19.81 11.91
C ASN F 52 -44.92 -20.53 11.97
N ASP F 55 -46.47 -17.48 16.18
CA ASP F 55 -46.39 -17.09 17.58
C ASP F 55 -45.26 -16.08 17.79
N TYR F 56 -45.49 -14.84 17.37
CA TYR F 56 -44.46 -13.81 17.47
C TYR F 56 -44.10 -13.47 18.91
N ARG F 57 -44.97 -13.80 19.87
CA ARG F 57 -44.69 -13.51 21.27
C ARG F 57 -43.89 -14.60 21.96
N GLN F 58 -43.89 -15.83 21.42
CA GLN F 58 -43.16 -16.93 22.03
C GLN F 58 -42.22 -17.64 21.05
N LYS F 59 -41.94 -17.02 19.90
CA LYS F 59 -41.06 -17.64 18.92
C LYS F 59 -39.61 -17.56 19.37
N GLN F 60 -38.88 -18.68 19.22
CA GLN F 60 -37.47 -18.74 19.60
C GLN F 60 -36.52 -18.36 18.47
N VAL F 61 -36.99 -18.36 17.22
CA VAL F 61 -36.16 -18.01 16.07
C VAL F 61 -36.92 -16.99 15.23
N VAL F 62 -36.26 -15.89 14.92
CA VAL F 62 -36.85 -14.83 14.09
C VAL F 62 -35.92 -14.56 12.92
N ILE F 63 -36.47 -13.91 11.91
CA ILE F 63 -35.72 -13.53 10.71
C ILE F 63 -35.84 -12.02 10.55
N LEU F 64 -34.69 -11.36 10.41
CA LEU F 64 -34.65 -9.92 10.17
C LEU F 64 -34.07 -9.67 8.79
N SER F 65 -34.69 -8.73 8.06
CA SER F 65 -34.26 -8.39 6.72
C SER F 65 -33.65 -7.00 6.71
N GLN F 66 -32.54 -6.85 5.97
CA GLN F 66 -31.96 -5.54 5.74
C GLN F 66 -32.93 -4.61 5.03
N ASP F 67 -33.92 -5.17 4.34
CA ASP F 67 -34.90 -4.37 3.60
C ASP F 67 -35.78 -3.53 4.51
N SER F 68 -35.92 -3.92 5.78
CA SER F 68 -36.73 -3.13 6.71
C SER F 68 -36.07 -1.80 7.08
N PHE F 69 -34.75 -1.69 6.88
CA PHE F 69 -33.99 -0.54 7.35
C PHE F 69 -33.57 0.38 6.21
N TYR F 70 -34.40 0.49 5.18
CA TYR F 70 -34.16 1.49 4.14
C TYR F 70 -34.29 2.88 4.75
N ARG F 71 -33.42 3.79 4.34
CA ARG F 71 -33.49 5.17 4.82
C ARG F 71 -34.72 5.86 4.24
N VAL F 72 -35.19 6.88 4.96
CA VAL F 72 -36.25 7.73 4.43
C VAL F 72 -35.66 8.64 3.37
N LEU F 73 -36.35 8.75 2.25
CA LEU F 73 -35.82 9.46 1.09
C LEU F 73 -36.19 10.94 1.15
N THR F 74 -35.23 11.78 0.81
CA THR F 74 -35.50 13.21 0.68
C THR F 74 -36.30 13.47 -0.60
N SER F 75 -36.80 14.71 -0.71
CA SER F 75 -37.59 15.08 -1.89
C SER F 75 -36.79 14.90 -3.18
N GLU F 76 -35.49 15.13 -3.13
CA GLU F 76 -34.67 14.92 -4.32
C GLU F 76 -34.41 13.45 -4.57
N GLN F 77 -34.35 12.63 -3.51
CA GLN F 77 -34.16 11.20 -3.68
C GLN F 77 -35.44 10.51 -4.15
N LYS F 78 -36.61 10.99 -3.71
CA LYS F 78 -37.87 10.42 -4.17
C LYS F 78 -38.07 10.65 -5.65
N ALA F 79 -37.71 11.84 -6.14
CA ALA F 79 -37.85 12.14 -7.56
C ALA F 79 -36.91 11.28 -8.40
N LYS F 80 -35.71 11.01 -7.90
CA LYS F 80 -34.79 10.14 -8.62
C LYS F 80 -35.29 8.70 -8.65
N ALA F 81 -36.02 8.27 -7.62
CA ALA F 81 -36.57 6.92 -7.59
C ALA F 81 -37.67 6.73 -8.61
N LEU F 82 -38.48 7.77 -8.84
CA LEU F 82 -39.55 7.66 -9.84
C LEU F 82 -38.97 7.50 -11.24
N LYS F 83 -37.86 8.17 -11.52
CA LYS F 83 -37.20 8.05 -12.81
C LYS F 83 -36.36 6.78 -12.91
N GLY F 84 -36.27 5.99 -11.85
CA GLY F 84 -35.48 4.77 -11.88
C GLY F 84 -33.99 4.98 -11.77
N GLN F 85 -33.56 6.07 -11.14
CA GLN F 85 -32.15 6.41 -11.02
C GLN F 85 -31.68 6.42 -9.58
N PHE F 86 -32.34 5.66 -8.71
CA PHE F 86 -31.97 5.55 -7.30
C PHE F 86 -31.43 4.16 -7.04
N ASN F 87 -30.20 4.08 -6.54
CA ASN F 87 -29.56 2.80 -6.29
C ASN F 87 -30.02 2.27 -4.93
N PHE F 88 -30.88 1.25 -4.95
CA PHE F 88 -31.35 0.63 -3.72
C PHE F 88 -30.40 -0.44 -3.20
N ASP F 89 -29.32 -0.73 -3.91
CA ASP F 89 -28.36 -1.75 -3.51
C ASP F 89 -27.07 -1.16 -2.95
N HIS F 90 -27.01 0.16 -2.77
CA HIS F 90 -25.89 0.92 -2.26
C HIS F 90 -25.98 1.07 -0.75
N PRO F 91 -24.84 1.04 -0.05
CA PRO F 91 -24.89 1.15 1.43
C PRO F 91 -25.52 2.45 1.92
N ASP F 92 -25.44 3.52 1.12
CA ASP F 92 -26.04 4.79 1.52
C ASP F 92 -27.54 4.73 1.62
N ALA F 93 -28.18 3.76 0.96
CA ALA F 93 -29.63 3.64 0.97
C ALA F 93 -30.16 2.92 2.20
N PHE F 94 -29.29 2.50 3.11
CA PHE F 94 -29.68 1.77 4.30
C PHE F 94 -29.26 2.55 5.55
N ASP F 95 -30.02 2.38 6.62
CA ASP F 95 -29.74 3.06 7.88
C ASP F 95 -28.84 2.16 8.70
N ASN F 96 -27.52 2.32 8.50
CA ASN F 96 -26.56 1.50 9.23
C ASN F 96 -26.61 1.76 10.73
N GLU F 97 -26.84 3.03 11.11
CA GLU F 97 -26.95 3.35 12.53
C GLU F 97 -28.12 2.63 13.16
N LEU F 98 -29.26 2.59 12.46
CA LEU F 98 -30.42 1.89 12.99
C LEU F 98 -30.20 0.38 13.00
N ILE F 99 -29.52 -0.16 11.99
CA ILE F 99 -29.22 -1.58 11.96
C ILE F 99 -28.29 -1.95 13.10
N LEU F 100 -27.22 -1.16 13.28
CA LEU F 100 -26.27 -1.44 14.35
C LEU F 100 -26.92 -1.29 15.73
N LYS F 101 -27.70 -0.24 15.93
CA LYS F 101 -28.35 -0.04 17.23
C LYS F 101 -29.36 -1.14 17.50
N THR F 102 -30.11 -1.55 16.48
CA THR F 102 -31.10 -2.61 16.68
C THR F 102 -30.44 -3.94 16.98
N LEU F 103 -29.37 -4.28 16.25
CA LEU F 103 -28.70 -5.55 16.48
C LEU F 103 -27.92 -5.56 17.79
N LYS F 104 -27.40 -4.40 18.19
CA LYS F 104 -26.66 -4.34 19.46
C LYS F 104 -27.60 -4.54 20.64
N GLU F 105 -28.81 -4.02 20.56
CA GLU F 105 -29.78 -4.21 21.63
C GLU F 105 -30.36 -5.62 21.63
N ILE F 106 -30.45 -6.25 20.45
CA ILE F 106 -30.92 -7.64 20.38
C ILE F 106 -29.95 -8.55 21.12
N THR F 107 -28.65 -8.31 20.97
CA THR F 107 -27.66 -9.09 21.70
C THR F 107 -27.81 -8.90 23.21
N GLU F 108 -28.20 -7.70 23.64
CA GLU F 108 -28.42 -7.40 25.05
C GLU F 108 -29.72 -7.99 25.58
N GLY F 109 -30.50 -8.67 24.74
CA GLY F 109 -31.70 -9.32 25.20
C GLY F 109 -32.90 -8.41 25.36
N LYS F 110 -32.98 -7.35 24.56
CA LYS F 110 -34.07 -6.38 24.64
C LYS F 110 -35.02 -6.55 23.46
N THR F 111 -36.28 -6.19 23.67
CA THR F 111 -37.21 -6.05 22.57
C THR F 111 -36.78 -4.89 21.68
N VAL F 112 -36.99 -5.04 20.38
CA VAL F 112 -36.66 -4.00 19.41
C VAL F 112 -37.89 -3.70 18.57
N GLN F 113 -38.01 -2.44 18.16
CA GLN F 113 -39.06 -2.01 17.26
C GLN F 113 -38.46 -1.85 15.87
N ILE F 114 -38.91 -2.66 14.94
CA ILE F 114 -38.35 -2.71 13.58
C ILE F 114 -39.27 -1.96 12.64
N PRO F 115 -38.75 -1.07 11.80
CA PRO F 115 -39.62 -0.28 10.92
C PRO F 115 -40.37 -1.14 9.92
N VAL F 116 -41.48 -0.60 9.43
CA VAL F 116 -42.24 -1.18 8.33
C VAL F 116 -42.17 -0.16 7.21
N TYR F 117 -41.20 -0.34 6.31
CA TYR F 117 -40.95 0.66 5.28
C TYR F 117 -42.10 0.69 4.28
N ASP F 118 -42.65 1.89 4.05
CA ASP F 118 -43.66 2.11 3.03
C ASP F 118 -42.94 2.63 1.79
N PHE F 119 -42.80 1.77 0.79
CA PHE F 119 -42.08 2.15 -0.42
C PHE F 119 -42.84 3.16 -1.27
N VAL F 120 -44.17 3.22 -1.12
CA VAL F 120 -44.96 4.18 -1.88
C VAL F 120 -44.57 5.60 -1.51
N SER F 121 -44.44 5.87 -0.21
CA SER F 121 -43.98 7.17 0.27
C SER F 121 -42.49 7.22 0.57
N HIS F 122 -41.81 6.06 0.51
CA HIS F 122 -40.37 5.98 0.80
C HIS F 122 -40.05 6.52 2.19
N SER F 123 -40.89 6.16 3.16
CA SER F 123 -40.71 6.57 4.54
C SER F 123 -41.20 5.45 5.44
N ARG F 124 -40.98 5.61 6.74
CA ARG F 124 -41.36 4.61 7.72
C ARG F 124 -42.79 4.84 8.17
N LYS F 125 -43.59 3.76 8.16
CA LYS F 125 -44.94 3.83 8.67
C LYS F 125 -44.94 4.03 10.17
N GLU F 126 -46.05 4.58 10.69
CA GLU F 126 -46.20 4.72 12.13
C GLU F 126 -46.27 3.35 12.80
N GLU F 127 -46.92 2.39 12.16
CA GLU F 127 -46.93 1.03 12.66
C GLU F 127 -45.54 0.42 12.58
N THR F 128 -45.20 -0.39 13.58
CA THR F 128 -43.90 -1.04 13.66
C THR F 128 -44.07 -2.47 14.15
N VAL F 129 -43.16 -3.33 13.72
CA VAL F 129 -43.18 -4.74 14.10
C VAL F 129 -42.36 -4.92 15.36
N THR F 130 -42.95 -5.53 16.38
CA THR F 130 -42.29 -5.75 17.66
C THR F 130 -41.69 -7.16 17.68
N VAL F 131 -40.37 -7.23 17.79
CA VAL F 131 -39.65 -8.50 17.83
C VAL F 131 -39.18 -8.73 19.27
N TYR F 132 -39.69 -9.79 19.89
CA TYR F 132 -39.31 -10.13 21.25
C TYR F 132 -37.98 -10.90 21.26
N PRO F 133 -37.23 -10.85 22.36
CA PRO F 133 -35.91 -11.50 22.40
C PRO F 133 -36.02 -12.99 22.11
N ALA F 134 -35.37 -13.41 21.03
CA ALA F 134 -35.34 -14.80 20.60
C ALA F 134 -33.96 -15.39 20.90
N ASP F 135 -33.91 -16.72 20.94
CA ASP F 135 -32.65 -17.40 21.20
C ASP F 135 -31.73 -17.35 19.99
N VAL F 136 -32.29 -17.37 18.78
CA VAL F 136 -31.52 -17.29 17.54
C VAL F 136 -32.18 -16.25 16.65
N VAL F 137 -31.39 -15.30 16.16
CA VAL F 137 -31.88 -14.23 15.29
C VAL F 137 -31.09 -14.30 13.99
N LEU F 138 -31.83 -14.32 12.87
CA LEU F 138 -31.23 -14.36 11.54
C LEU F 138 -31.37 -12.99 10.90
N PHE F 139 -30.24 -12.41 10.49
CA PHE F 139 -30.21 -11.14 9.78
C PHE F 139 -29.78 -11.41 8.34
N GLU F 140 -30.67 -11.16 7.40
CA GLU F 140 -30.46 -11.42 5.97
C GLU F 140 -30.35 -10.10 5.23
N GLY F 141 -29.25 -9.92 4.51
CA GLY F 141 -29.05 -8.69 3.76
C GLY F 141 -27.87 -8.76 2.80
N ILE F 142 -28.00 -8.08 1.65
CA ILE F 142 -26.92 -8.07 0.66
C ILE F 142 -25.65 -7.46 1.25
N LEU F 143 -25.79 -6.49 2.13
CA LEU F 143 -24.66 -5.78 2.74
C LEU F 143 -24.63 -6.02 4.24
N ALA F 144 -25.02 -7.23 4.67
CA ALA F 144 -25.05 -7.55 6.09
C ALA F 144 -23.66 -7.50 6.70
N PHE F 145 -22.63 -7.88 5.95
CA PHE F 145 -21.26 -7.91 6.45
C PHE F 145 -20.45 -6.69 6.05
N TYR F 146 -21.09 -5.69 5.45
CA TYR F 146 -20.37 -4.51 4.98
C TYR F 146 -19.80 -3.71 6.16
N SER F 147 -20.66 -3.35 7.10
CA SER F 147 -20.22 -2.57 8.27
C SER F 147 -19.50 -3.47 9.25
N GLN F 148 -18.30 -3.04 9.67
CA GLN F 148 -17.52 -3.86 10.59
C GLN F 148 -18.20 -3.97 11.95
N GLU F 149 -18.75 -2.87 12.46
CA GLU F 149 -19.40 -2.91 13.77
C GLU F 149 -20.61 -3.84 13.76
N VAL F 150 -21.36 -3.83 12.65
CA VAL F 150 -22.47 -4.77 12.49
C VAL F 150 -21.94 -6.18 12.29
N ARG F 151 -20.78 -6.31 11.64
CA ARG F 151 -20.24 -7.63 11.33
C ARG F 151 -19.81 -8.37 12.59
N ASP F 152 -19.16 -7.67 13.52
CA ASP F 152 -18.64 -8.33 14.72
C ASP F 152 -19.73 -8.83 15.65
N LEU F 153 -20.97 -8.36 15.49
CA LEU F 153 -22.06 -8.83 16.33
C LEU F 153 -22.52 -10.24 15.97
N PHE F 154 -22.25 -10.69 14.74
CA PHE F 154 -22.70 -12.01 14.30
C PHE F 154 -21.73 -13.07 14.83
N GLN F 155 -22.27 -14.06 15.56
CA GLN F 155 -21.45 -15.19 15.99
C GLN F 155 -21.23 -16.19 14.87
N MET F 156 -22.15 -16.26 13.91
CA MET F 156 -22.01 -17.12 12.74
C MET F 156 -22.39 -16.30 11.52
N LYS F 157 -21.56 -16.37 10.47
CA LYS F 157 -21.77 -15.62 9.25
C LYS F 157 -21.91 -16.60 8.08
N LEU F 158 -23.04 -16.53 7.40
CA LEU F 158 -23.32 -17.38 6.25
C LEU F 158 -23.38 -16.52 4.99
N PHE F 159 -22.79 -17.02 3.90
CA PHE F 159 -22.81 -16.35 2.61
C PHE F 159 -23.37 -17.31 1.58
N VAL F 160 -24.47 -16.93 0.94
CA VAL F 160 -25.10 -17.74 -0.09
C VAL F 160 -24.42 -17.39 -1.42
N ASP F 161 -23.55 -18.28 -1.88
CA ASP F 161 -22.78 -18.06 -3.11
C ASP F 161 -23.51 -18.72 -4.27
N THR F 162 -24.04 -17.90 -5.18
CA THR F 162 -24.67 -18.38 -6.40
C THR F 162 -24.11 -17.56 -7.57
N ASP F 163 -23.85 -18.24 -8.68
CA ASP F 163 -23.20 -17.59 -9.81
C ASP F 163 -23.96 -16.36 -10.26
N ALA F 164 -23.23 -15.36 -10.76
CA ALA F 164 -23.82 -14.08 -11.09
C ALA F 164 -24.88 -14.22 -12.19
N ASP F 165 -24.56 -14.95 -13.25
CA ASP F 165 -25.54 -15.14 -14.32
C ASP F 165 -26.72 -16.00 -13.86
N THR F 166 -26.48 -16.93 -12.94
CA THR F 166 -27.59 -17.71 -12.41
C THR F 166 -28.52 -16.84 -11.57
N ARG F 167 -27.96 -15.94 -10.76
CA ARG F 167 -28.77 -15.02 -9.98
C ARG F 167 -29.52 -14.03 -10.88
N LEU F 168 -28.86 -13.56 -11.95
CA LEU F 168 -29.51 -12.65 -12.88
C LEU F 168 -30.72 -13.32 -13.53
N SER F 169 -30.56 -14.57 -13.97
CA SER F 169 -31.69 -15.29 -14.55
C SER F 169 -32.83 -15.43 -13.56
N ARG F 170 -32.50 -15.63 -12.28
CA ARG F 170 -33.54 -15.71 -11.25
C ARG F 170 -34.23 -14.36 -11.08
N ARG F 171 -33.45 -13.28 -11.03
CA ARG F 171 -34.05 -11.96 -10.80
C ARG F 171 -34.88 -11.51 -11.98
N VAL F 172 -34.40 -11.77 -13.21
CA VAL F 172 -35.17 -11.39 -14.39
C VAL F 172 -36.51 -12.10 -14.42
N LEU F 173 -36.53 -13.39 -14.07
CA LEU F 173 -37.80 -14.11 -14.01
C LEU F 173 -38.65 -13.64 -12.84
N ARG F 174 -38.02 -13.32 -11.70
CA ARG F 174 -38.76 -12.86 -10.55
C ARG F 174 -39.28 -11.43 -10.74
N ASP F 175 -38.56 -10.60 -11.49
CA ASP F 175 -39.01 -9.23 -11.70
C ASP F 175 -40.06 -9.13 -12.79
N ILE F 176 -40.05 -10.04 -13.76
CA ILE F 176 -41.01 -9.97 -14.86
C ILE F 176 -42.32 -10.65 -14.46
N SER F 177 -42.24 -11.80 -13.78
CA SER F 177 -43.43 -12.56 -13.46
C SER F 177 -44.07 -12.13 -12.14
N GLU F 178 -43.27 -11.96 -11.09
CA GLU F 178 -43.83 -11.56 -9.79
C GLU F 178 -44.13 -10.07 -9.73
N ARG F 179 -43.31 -9.24 -10.37
CA ARG F 179 -43.46 -7.80 -10.29
C ARG F 179 -43.97 -7.16 -11.57
N GLY F 180 -43.73 -7.76 -12.73
CA GLY F 180 -44.21 -7.20 -13.98
C GLY F 180 -43.44 -5.98 -14.43
N ARG F 181 -42.13 -6.10 -14.54
CA ARG F 181 -41.27 -5.01 -14.98
C ARG F 181 -40.98 -5.12 -16.47
N ASP F 182 -40.44 -4.04 -17.03
CA ASP F 182 -39.97 -4.04 -18.40
C ASP F 182 -38.59 -4.70 -18.46
N LEU F 183 -38.41 -5.60 -19.42
CA LEU F 183 -37.17 -6.36 -19.50
C LEU F 183 -35.97 -5.44 -19.72
N GLU F 184 -36.08 -4.48 -20.64
CA GLU F 184 -34.96 -3.59 -20.92
C GLU F 184 -34.61 -2.73 -19.72
N GLN F 185 -35.63 -2.28 -18.96
CA GLN F 185 -35.36 -1.48 -17.78
C GLN F 185 -34.72 -2.29 -16.67
N ILE F 186 -35.05 -3.58 -16.58
CA ILE F 186 -34.40 -4.44 -15.60
C ILE F 186 -32.91 -4.56 -15.89
N LEU F 187 -32.57 -4.96 -17.11
CA LEU F 187 -31.17 -5.18 -17.47
C LEU F 187 -30.38 -3.88 -17.46
N SER F 188 -31.03 -2.76 -17.77
CA SER F 188 -30.34 -1.47 -17.70
C SER F 188 -30.04 -1.08 -16.25
N GLN F 189 -30.97 -1.34 -15.34
CA GLN F 189 -30.72 -1.05 -13.93
C GLN F 189 -29.72 -2.02 -13.33
N TYR F 190 -29.75 -3.29 -13.76
CA TYR F 190 -28.82 -4.27 -13.23
C TYR F 190 -27.38 -3.89 -13.56
N ILE F 191 -27.11 -3.58 -14.83
CA ILE F 191 -25.75 -3.23 -15.25
C ILE F 191 -25.32 -1.90 -14.61
N THR F 192 -26.26 -0.98 -14.44
CA THR F 192 -25.90 0.36 -13.95
C THR F 192 -25.84 0.42 -12.43
N PHE F 193 -26.75 -0.27 -11.75
CA PHE F 193 -26.89 -0.13 -10.30
C PHE F 193 -26.64 -1.44 -9.55
N VAL F 194 -27.32 -2.52 -9.92
CA VAL F 194 -27.27 -3.74 -9.12
C VAL F 194 -25.89 -4.38 -9.22
N LYS F 195 -25.39 -4.58 -10.44
CA LYS F 195 -24.10 -5.23 -10.62
C LYS F 195 -22.96 -4.46 -9.95
N PRO F 196 -22.79 -3.15 -10.16
CA PRO F 196 -21.67 -2.47 -9.50
C PRO F 196 -21.75 -2.49 -7.99
N ALA F 197 -22.96 -2.40 -7.42
CA ALA F 197 -23.10 -2.43 -5.97
C ALA F 197 -22.72 -3.79 -5.41
N PHE F 198 -22.99 -4.87 -6.14
CA PHE F 198 -22.62 -6.20 -5.66
C PHE F 198 -21.11 -6.40 -5.72
N GLU F 199 -20.48 -6.00 -6.82
CA GLU F 199 -19.05 -6.23 -6.98
C GLU F 199 -18.21 -5.29 -6.12
N GLU F 200 -18.73 -4.10 -5.82
CA GLU F 200 -17.98 -3.14 -5.03
C GLU F 200 -18.17 -3.30 -3.54
N PHE F 201 -19.36 -3.67 -3.10
CA PHE F 201 -19.67 -3.71 -1.68
C PHE F 201 -20.00 -5.09 -1.16
N CYS F 202 -20.74 -5.90 -1.92
CA CYS F 202 -21.17 -7.20 -1.39
C CYS F 202 -20.08 -8.26 -1.51
N LEU F 203 -19.53 -8.43 -2.72
CA LEU F 203 -18.51 -9.45 -2.93
C LEU F 203 -17.29 -9.31 -2.02
N PRO F 204 -16.73 -8.12 -1.77
CA PRO F 204 -15.59 -8.03 -0.86
C PRO F 204 -15.87 -8.55 0.55
N THR F 205 -17.14 -8.61 0.97
CA THR F 205 -17.48 -9.10 2.30
C THR F 205 -17.60 -10.61 2.35
N LYS F 206 -17.42 -11.30 1.22
CA LYS F 206 -17.52 -12.76 1.21
C LYS F 206 -16.41 -13.40 2.03
N LYS F 207 -15.26 -12.75 2.15
CA LYS F 207 -14.13 -13.30 2.90
C LYS F 207 -14.41 -13.36 4.40
N TYR F 208 -15.34 -12.56 4.90
CA TYR F 208 -15.68 -12.59 6.32
C TYR F 208 -16.63 -13.74 6.68
N ALA F 209 -17.15 -14.45 5.70
CA ALA F 209 -18.09 -15.53 5.98
C ALA F 209 -17.38 -16.70 6.64
N ASP F 210 -18.06 -17.31 7.62
CA ASP F 210 -17.56 -18.50 8.28
C ASP F 210 -17.95 -19.77 7.53
N VAL F 211 -19.13 -19.79 6.93
CA VAL F 211 -19.63 -20.91 6.15
C VAL F 211 -20.26 -20.36 4.88
N ILE F 212 -19.93 -20.96 3.74
CA ILE F 212 -20.47 -20.53 2.45
C ILE F 212 -21.39 -21.62 1.94
N ILE F 213 -22.64 -21.25 1.69
CA ILE F 213 -23.68 -22.16 1.23
C ILE F 213 -23.92 -21.90 -0.26
N PRO F 214 -23.55 -22.81 -1.15
CA PRO F 214 -23.74 -22.58 -2.58
C PRO F 214 -25.11 -23.00 -3.08
N ARG F 215 -25.45 -22.50 -4.27
CA ARG F 215 -26.67 -22.82 -5.03
C ARG F 215 -27.95 -22.36 -4.35
N GLY F 216 -27.86 -21.87 -3.11
CA GLY F 216 -29.01 -21.27 -2.48
C GLY F 216 -29.94 -22.21 -1.73
N ALA F 217 -31.25 -21.99 -1.87
CA ALA F 217 -32.23 -22.71 -1.07
C ALA F 217 -32.34 -24.18 -1.44
N ASP F 218 -31.98 -24.55 -2.67
CA ASP F 218 -32.05 -25.95 -3.07
C ASP F 218 -31.02 -26.82 -2.34
N ASN F 219 -29.99 -26.20 -1.75
CA ASN F 219 -28.97 -26.92 -1.00
C ASN F 219 -29.58 -27.41 0.31
N LEU F 220 -30.24 -28.57 0.25
CA LEU F 220 -30.92 -29.09 1.43
C LEU F 220 -29.95 -29.65 2.46
N VAL F 221 -28.79 -30.13 2.01
CA VAL F 221 -27.80 -30.65 2.96
C VAL F 221 -27.24 -29.52 3.82
N ALA F 222 -27.00 -28.36 3.22
CA ALA F 222 -26.51 -27.22 3.99
C ALA F 222 -27.59 -26.65 4.89
N ILE F 223 -28.83 -26.59 4.39
CA ILE F 223 -29.93 -26.07 5.19
C ILE F 223 -30.19 -26.95 6.40
N ASN F 224 -30.27 -28.26 6.18
CA ASN F 224 -30.45 -29.18 7.31
C ASN F 224 -29.27 -29.14 8.28
N LEU F 225 -28.09 -28.72 7.81
CA LEU F 225 -26.97 -28.55 8.71
C LEU F 225 -27.17 -27.35 9.62
N ILE F 226 -27.68 -26.24 9.08
CA ILE F 226 -27.96 -25.07 9.88
C ILE F 226 -29.19 -25.29 10.75
N VAL F 227 -30.20 -25.98 10.21
CA VAL F 227 -31.38 -26.29 10.99
C VAL F 227 -31.03 -27.16 12.19
N GLN F 228 -30.20 -28.19 11.97
CA GLN F 228 -29.78 -29.05 13.06
C GLN F 228 -29.00 -28.27 14.12
N HIS F 229 -28.15 -27.34 13.68
CA HIS F 229 -27.32 -26.60 14.63
C HIS F 229 -28.16 -25.67 15.49
N ILE F 230 -29.17 -25.02 14.90
CA ILE F 230 -30.04 -24.14 15.68
C ILE F 230 -30.85 -24.96 16.68
N GLN F 231 -31.28 -26.16 16.29
CA GLN F 231 -31.98 -27.03 17.23
C GLN F 231 -31.09 -27.39 18.42
N ASP F 232 -29.81 -27.63 18.15
CA ASP F 232 -28.87 -27.88 19.25
C ASP F 232 -28.68 -26.64 20.12
N ILE F 233 -28.82 -25.45 19.53
CA ILE F 233 -28.72 -24.22 20.31
C ILE F 233 -29.96 -24.05 21.19
N LEU F 234 -31.13 -24.44 20.68
CA LEU F 234 -32.35 -24.36 21.47
C LEU F 234 -32.40 -25.45 22.54
N ASN F 235 -31.97 -26.67 22.19
CA ASN F 235 -31.97 -27.76 23.16
C ASN F 235 -30.87 -27.60 24.20
N GLY F 236 -29.77 -26.95 23.85
CA GLY F 236 -28.67 -26.74 24.77
C GLY F 236 -28.70 -25.38 25.44
N PRO G 25 1.99 64.66 -5.56
CA PRO G 25 2.92 63.54 -5.45
C PRO G 25 2.36 62.37 -4.64
N PHE G 26 2.62 61.15 -5.10
CA PHE G 26 2.11 59.94 -4.46
C PHE G 26 3.13 59.46 -3.43
N LEU G 27 2.82 59.66 -2.15
CA LEU G 27 3.72 59.28 -1.06
C LEU G 27 3.42 57.85 -0.62
N ILE G 28 4.46 57.04 -0.54
CA ILE G 28 4.37 55.65 -0.11
C ILE G 28 5.28 55.49 1.10
N GLY G 29 4.69 55.31 2.27
CA GLY G 29 5.47 55.09 3.49
C GLY G 29 5.74 53.62 3.69
N VAL G 30 7.01 53.30 3.92
CA VAL G 30 7.47 51.92 4.10
C VAL G 30 7.96 51.78 5.54
N SER G 31 7.36 50.85 6.28
CA SER G 31 7.74 50.61 7.66
C SER G 31 8.20 49.16 7.83
N GLY G 32 8.68 48.86 9.02
CA GLY G 32 9.21 47.56 9.35
C GLY G 32 10.38 47.68 10.30
N GLY G 33 10.67 46.59 11.00
CA GLY G 33 11.75 46.56 11.95
C GLY G 33 13.11 46.75 11.31
N THR G 34 14.13 46.80 12.15
CA THR G 34 15.49 46.95 11.67
C THR G 34 15.92 45.70 10.92
N ALA G 35 16.68 45.90 9.84
CA ALA G 35 17.17 44.82 8.98
C ALA G 35 16.05 43.99 8.39
N SER G 36 14.83 44.55 8.30
CA SER G 36 13.73 43.83 7.68
C SER G 36 13.81 43.84 6.16
N GLY G 37 14.57 44.75 5.58
CA GLY G 37 14.68 44.86 4.14
C GLY G 37 13.99 46.07 3.53
N LYS G 38 13.62 47.07 4.32
CA LYS G 38 12.94 48.25 3.77
C LYS G 38 13.82 48.97 2.75
N SER G 39 15.08 49.24 3.12
CA SER G 39 15.97 49.96 2.21
C SER G 39 16.22 49.15 0.94
N SER G 40 16.49 47.85 1.08
CA SER G 40 16.74 47.04 -0.10
C SER G 40 15.50 46.89 -0.97
N VAL G 41 14.32 46.87 -0.37
CA VAL G 41 13.08 46.87 -1.16
C VAL G 41 12.95 48.18 -1.92
N CYS G 42 13.05 49.31 -1.22
CA CYS G 42 12.94 50.61 -1.88
C CYS G 42 14.02 50.79 -2.93
N ALA G 43 15.25 50.33 -2.64
CA ALA G 43 16.32 50.46 -3.62
C ALA G 43 16.05 49.63 -4.87
N LYS G 44 15.53 48.40 -4.68
CA LYS G 44 15.23 47.57 -5.83
C LYS G 44 14.01 48.09 -6.60
N ILE G 45 13.09 48.76 -5.92
CA ILE G 45 11.90 49.29 -6.58
C ILE G 45 12.29 50.40 -7.56
N VAL G 46 13.06 51.38 -7.08
CA VAL G 46 13.45 52.49 -7.95
C VAL G 46 14.43 52.02 -9.01
N GLN G 47 15.23 50.99 -8.71
CA GLN G 47 16.17 50.48 -9.70
C GLN G 47 15.45 49.72 -10.81
N LEU G 48 14.35 49.03 -10.48
CA LEU G 48 13.57 48.34 -11.50
C LEU G 48 12.85 49.32 -12.41
N LEU G 49 12.45 50.48 -11.89
CA LEU G 49 11.75 51.47 -12.69
C LEU G 49 12.68 52.28 -13.58
N GLY G 50 13.99 52.16 -13.39
CA GLY G 50 14.95 52.90 -14.19
C GLY G 50 15.33 54.26 -13.65
N GLN G 51 14.97 54.57 -12.40
CA GLN G 51 15.31 55.88 -11.82
C GLN G 51 16.78 56.03 -11.51
N ASN G 52 17.57 54.95 -11.59
CA ASN G 52 19.01 55.06 -11.35
C ASN G 52 19.71 55.72 -12.53
N GLU G 53 19.35 55.32 -13.75
CA GLU G 53 19.95 55.91 -14.94
C GLU G 53 19.33 57.26 -15.30
N VAL G 54 18.14 57.56 -14.78
CA VAL G 54 17.50 58.84 -15.06
C VAL G 54 18.26 59.96 -14.35
N ASP G 55 18.46 61.06 -15.06
CA ASP G 55 19.16 62.21 -14.50
C ASP G 55 18.43 62.73 -13.25
N TYR G 56 19.20 63.31 -12.33
CA TYR G 56 18.64 63.75 -11.06
C TYR G 56 17.61 64.86 -11.27
N ARG G 57 17.72 65.64 -12.33
CA ARG G 57 16.78 66.71 -12.60
C ARG G 57 15.42 66.14 -13.02
N LYS G 59 14.26 62.92 -11.74
CA LYS G 59 13.85 61.69 -11.09
C LYS G 59 12.38 61.73 -10.68
N GLN G 60 11.61 60.74 -11.17
CA GLN G 60 10.19 60.67 -10.86
C GLN G 60 9.91 59.92 -9.56
N VAL G 61 10.81 59.05 -9.12
CA VAL G 61 10.65 58.29 -7.89
C VAL G 61 11.90 58.49 -7.04
N VAL G 62 11.73 59.03 -5.84
CA VAL G 62 12.84 59.27 -4.91
C VAL G 62 12.56 58.53 -3.61
N ILE G 63 13.63 58.36 -2.83
CA ILE G 63 13.57 57.62 -1.57
C ILE G 63 14.05 58.53 -0.45
N LEU G 64 13.29 58.58 0.64
CA LEU G 64 13.65 59.33 1.83
C LEU G 64 13.76 58.36 3.00
N SER G 65 14.87 58.44 3.73
CA SER G 65 15.10 57.58 4.88
C SER G 65 14.84 58.34 6.18
N GLN G 66 14.14 57.69 7.10
CA GLN G 66 13.91 58.29 8.41
C GLN G 66 15.21 58.48 9.19
N ASP G 67 16.25 57.69 8.87
CA ASP G 67 17.53 57.83 9.54
C ASP G 67 18.27 59.11 9.14
N SER G 68 17.84 59.78 8.07
CA SER G 68 18.40 61.08 7.71
C SER G 68 17.92 62.20 8.63
N PHE G 69 16.76 62.03 9.27
CA PHE G 69 16.21 63.03 10.17
C PHE G 69 16.58 62.78 11.62
N TYR G 70 17.72 62.13 11.88
CA TYR G 70 18.16 61.92 13.26
C TYR G 70 18.46 63.26 13.91
N ARG G 71 18.11 63.36 15.20
CA ARG G 71 18.15 64.64 15.88
C ARG G 71 19.59 65.09 16.13
N VAL G 72 19.71 66.29 16.70
CA VAL G 72 21.00 66.96 16.79
C VAL G 72 21.90 66.27 17.83
N LEU G 73 23.17 66.11 17.49
CA LEU G 73 24.17 65.51 18.37
C LEU G 73 23.74 64.15 18.91
N ALA G 79 22.78 67.87 23.55
CA ALA G 79 24.02 67.26 23.10
C ALA G 79 24.62 66.38 24.19
N LYS G 80 23.92 65.29 24.52
CA LYS G 80 24.40 64.38 25.55
C LYS G 80 25.67 63.66 25.10
N ALA G 81 25.62 63.03 23.92
CA ALA G 81 26.76 62.32 23.35
C ALA G 81 27.28 61.24 24.30
N LEU G 82 26.36 60.54 24.95
CA LEU G 82 26.74 59.44 25.83
C LEU G 82 27.31 58.29 25.00
N LYS G 83 28.32 57.62 25.56
CA LYS G 83 29.04 56.56 24.86
C LYS G 83 28.30 55.24 25.10
N GLY G 84 27.40 54.89 24.19
CA GLY G 84 26.68 53.64 24.27
C GLY G 84 25.53 53.63 25.25
N GLN G 85 24.97 54.79 25.58
CA GLN G 85 23.87 54.88 26.54
C GLN G 85 22.74 55.74 25.99
N PHE G 86 22.63 55.84 24.67
CA PHE G 86 21.60 56.66 24.03
C PHE G 86 20.78 55.78 23.09
N ASN G 87 19.49 55.67 23.36
CA ASN G 87 18.57 54.88 22.54
C ASN G 87 18.26 55.66 21.28
N PHE G 88 18.88 55.26 20.17
CA PHE G 88 18.62 55.89 18.87
C PHE G 88 17.33 55.39 18.22
N ASP G 89 16.77 54.28 18.70
CA ASP G 89 15.56 53.72 18.11
C ASP G 89 14.29 54.26 18.76
N HIS G 90 14.40 55.20 19.69
CA HIS G 90 13.24 55.80 20.32
C HIS G 90 12.69 56.92 19.43
N PRO G 91 11.36 57.12 19.43
CA PRO G 91 10.80 58.23 18.65
C PRO G 91 11.34 59.60 19.04
N ASP G 92 11.82 59.76 20.28
CA ASP G 92 12.38 61.05 20.68
C ASP G 92 13.68 61.36 19.95
N ALA G 93 14.43 60.33 19.55
CA ALA G 93 15.69 60.54 18.84
C ALA G 93 15.51 60.93 17.38
N PHE G 94 14.27 61.08 16.92
CA PHE G 94 13.99 61.47 15.54
C PHE G 94 13.29 62.82 15.53
N ASP G 95 13.63 63.65 14.53
CA ASP G 95 13.03 64.96 14.38
C ASP G 95 11.66 64.78 13.73
N ASN G 96 10.68 64.38 14.56
CA ASN G 96 9.34 64.11 14.05
C ASN G 96 8.69 65.37 13.49
N GLU G 97 9.05 66.54 14.02
CA GLU G 97 8.46 67.78 13.52
C GLU G 97 9.04 68.15 12.16
N LEU G 98 10.34 67.94 11.96
CA LEU G 98 10.94 68.22 10.66
C LEU G 98 10.50 67.21 9.61
N ILE G 99 10.19 65.98 10.03
CA ILE G 99 9.69 64.97 9.10
C ILE G 99 8.32 65.39 8.56
N LEU G 100 7.44 65.82 9.46
CA LEU G 100 6.11 66.28 9.02
C LEU G 100 6.22 67.51 8.15
N LYS G 101 7.17 68.41 8.46
CA LYS G 101 7.33 69.61 7.64
C LYS G 101 7.87 69.30 6.26
N THR G 102 8.88 68.42 6.19
CA THR G 102 9.46 68.08 4.89
C THR G 102 8.46 67.35 4.01
N LEU G 103 7.66 66.45 4.59
CA LEU G 103 6.68 65.72 3.79
C LEU G 103 5.49 66.59 3.40
N LYS G 104 5.20 67.63 4.20
CA LYS G 104 4.13 68.55 3.85
C LYS G 104 4.48 69.38 2.63
N GLU G 105 5.72 69.90 2.58
CA GLU G 105 6.15 70.66 1.41
C GLU G 105 6.31 69.78 0.19
N ILE G 106 6.61 68.49 0.39
CA ILE G 106 6.71 67.57 -0.74
C ILE G 106 5.34 67.29 -1.32
N THR G 107 4.32 67.15 -0.47
CA THR G 107 2.97 66.93 -0.95
C THR G 107 2.47 68.11 -1.77
N GLU G 108 2.89 69.32 -1.43
CA GLU G 108 2.48 70.52 -2.15
C GLU G 108 3.24 70.70 -3.46
N GLY G 109 4.27 69.91 -3.72
CA GLY G 109 5.05 70.02 -4.92
C GLY G 109 6.29 70.88 -4.81
N LYS G 110 6.61 71.37 -3.63
CA LYS G 110 7.76 72.24 -3.43
C LYS G 110 9.04 71.43 -3.24
N THR G 111 10.15 72.03 -3.62
CA THR G 111 11.45 71.41 -3.43
C THR G 111 11.91 71.57 -1.98
N VAL G 112 12.57 70.54 -1.46
CA VAL G 112 13.02 70.53 -0.07
C VAL G 112 14.48 70.12 -0.02
N GLN G 113 15.11 70.38 1.12
CA GLN G 113 16.50 70.01 1.38
C GLN G 113 16.54 68.98 2.50
N ILE G 114 17.18 67.85 2.24
CA ILE G 114 17.25 66.76 3.20
C ILE G 114 18.51 66.89 4.04
N PRO G 115 18.42 66.82 5.37
CA PRO G 115 19.62 66.95 6.21
C PRO G 115 20.57 65.78 6.07
N VAL G 116 21.71 65.84 6.75
CA VAL G 116 22.67 64.75 6.74
C VAL G 116 23.10 64.42 8.17
N SER G 121 27.68 57.75 13.11
CA SER G 121 27.92 59.17 12.88
C SER G 121 28.33 59.87 14.18
N HIS G 122 29.35 60.72 14.08
CA HIS G 122 29.81 61.47 15.25
C HIS G 122 28.85 62.59 15.62
N SER G 123 28.33 63.31 14.63
CA SER G 123 27.40 64.41 14.86
C SER G 123 26.64 64.68 13.56
N ARG G 124 25.86 65.75 13.55
CA ARG G 124 25.12 66.14 12.36
C ARG G 124 26.01 66.95 11.42
N LYS G 125 25.62 67.00 10.16
CA LYS G 125 26.35 67.72 9.13
C LYS G 125 25.61 68.99 8.74
N GLU G 126 26.37 70.04 8.44
CA GLU G 126 25.77 71.31 8.04
C GLU G 126 25.29 71.29 6.60
N GLU G 127 25.74 70.33 5.79
CA GLU G 127 25.32 70.25 4.40
C GLU G 127 23.87 69.74 4.31
N THR G 128 23.28 69.91 3.13
CA THR G 128 21.92 69.47 2.88
C THR G 128 21.86 68.76 1.54
N VAL G 129 20.82 67.96 1.36
CA VAL G 129 20.59 67.20 0.14
C VAL G 129 19.29 67.68 -0.49
N THR G 130 19.39 68.23 -1.70
CA THR G 130 18.23 68.76 -2.40
C THR G 130 17.54 67.64 -3.15
N VAL G 131 16.22 67.53 -2.96
CA VAL G 131 15.40 66.52 -3.62
C VAL G 131 14.35 67.25 -4.45
N TYR G 132 14.46 67.12 -5.78
CA TYR G 132 13.52 67.77 -6.67
C TYR G 132 12.13 67.14 -6.50
N PRO G 133 11.07 67.90 -6.80
CA PRO G 133 9.71 67.34 -6.67
C PRO G 133 9.50 66.17 -7.63
N ALA G 134 9.13 65.02 -7.07
CA ALA G 134 8.95 63.80 -7.81
C ALA G 134 7.49 63.36 -7.75
N ASP G 135 7.12 62.48 -8.69
CA ASP G 135 5.74 62.01 -8.77
C ASP G 135 5.43 61.02 -7.65
N VAL G 136 6.39 60.15 -7.32
CA VAL G 136 6.22 59.16 -6.27
C VAL G 136 7.38 59.29 -5.30
N VAL G 137 7.07 59.35 -4.00
CA VAL G 137 8.07 59.51 -2.95
C VAL G 137 7.96 58.33 -1.99
N LEU G 138 9.10 57.68 -1.75
CA LEU G 138 9.18 56.56 -0.82
C LEU G 138 9.84 57.04 0.47
N PHE G 139 9.13 56.90 1.59
CA PHE G 139 9.67 57.25 2.90
C PHE G 139 9.75 55.98 3.74
N GLU G 140 10.96 55.44 3.89
CA GLU G 140 11.18 54.23 4.65
C GLU G 140 11.73 54.57 6.04
N GLY G 141 11.19 53.90 7.05
CA GLY G 141 11.63 54.14 8.41
C GLY G 141 11.00 53.16 9.39
N ILE G 142 11.69 52.87 10.49
CA ILE G 142 11.17 51.93 11.46
C ILE G 142 9.94 52.49 12.16
N LEU G 143 9.84 53.82 12.24
CA LEU G 143 8.74 54.49 12.93
C LEU G 143 7.94 55.38 11.98
N ALA G 144 7.95 55.05 10.68
CA ALA G 144 7.26 55.87 9.70
C ALA G 144 5.75 55.93 9.95
N PHE G 145 5.19 54.99 10.70
CA PHE G 145 3.77 54.99 11.04
C PHE G 145 3.55 55.30 12.52
N TYR G 146 4.49 55.95 13.18
CA TYR G 146 4.34 56.25 14.61
C TYR G 146 3.48 57.49 14.82
N SER G 147 3.96 58.64 14.35
CA SER G 147 3.19 59.87 14.47
C SER G 147 2.00 59.83 13.51
N GLN G 148 0.80 60.06 14.06
CA GLN G 148 -0.42 59.97 13.26
C GLN G 148 -0.42 61.01 12.13
N GLU G 149 0.14 62.19 12.38
CA GLU G 149 0.16 63.23 11.37
C GLU G 149 0.99 62.82 10.16
N VAL G 150 1.97 61.93 10.35
CA VAL G 150 2.79 61.47 9.24
C VAL G 150 2.15 60.30 8.51
N ARG G 151 1.34 59.49 9.19
CA ARG G 151 0.70 58.35 8.53
C ARG G 151 -0.28 58.80 7.46
N ASP G 152 -1.09 59.83 7.76
CA ASP G 152 -2.15 60.24 6.85
C ASP G 152 -1.62 60.80 5.53
N LEU G 153 -0.34 61.19 5.49
CA LEU G 153 0.22 61.73 4.25
C LEU G 153 0.49 60.63 3.24
N PHE G 154 0.71 59.40 3.70
CA PHE G 154 1.01 58.28 2.80
C PHE G 154 -0.29 57.77 2.17
N GLN G 155 -0.41 57.91 0.85
CA GLN G 155 -1.56 57.34 0.15
C GLN G 155 -1.53 55.83 0.19
N MET G 156 -0.35 55.24 0.34
CA MET G 156 -0.18 53.80 0.47
C MET G 156 0.81 53.54 1.59
N LYS G 157 0.48 52.57 2.45
CA LYS G 157 1.30 52.25 3.61
C LYS G 157 1.75 50.80 3.51
N LEU G 158 3.06 50.60 3.40
CA LEU G 158 3.65 49.27 3.28
C LEU G 158 4.44 48.93 4.54
N PHE G 159 4.34 47.66 4.96
CA PHE G 159 5.08 47.16 6.10
C PHE G 159 5.84 45.91 5.68
N VAL G 160 7.13 45.89 5.98
CA VAL G 160 7.99 44.74 5.66
C VAL G 160 8.07 43.87 6.90
N ASP G 161 7.42 42.70 6.85
CA ASP G 161 7.28 41.81 7.99
C ASP G 161 8.15 40.58 7.78
N THR G 162 9.31 40.56 8.44
CA THR G 162 10.14 39.38 8.51
C THR G 162 10.52 39.13 9.97
N ASP G 163 10.69 37.85 10.30
CA ASP G 163 10.75 37.41 11.69
C ASP G 163 11.87 38.12 12.46
N ALA G 164 11.71 38.16 13.78
CA ALA G 164 12.62 38.95 14.62
C ALA G 164 14.01 38.35 14.63
N ASP G 165 14.10 37.03 14.80
CA ASP G 165 15.41 36.39 14.82
C ASP G 165 16.09 36.48 13.45
N THR G 166 15.32 36.42 12.37
CA THR G 166 15.89 36.63 11.05
C THR G 166 16.48 38.04 10.94
N ARG G 167 15.75 39.05 11.44
CA ARG G 167 16.25 40.41 11.39
C ARG G 167 17.52 40.58 12.21
N LEU G 168 17.59 39.91 13.38
CA LEU G 168 18.77 40.00 14.22
C LEU G 168 20.00 39.45 13.50
N SER G 169 19.86 38.29 12.86
CA SER G 169 20.97 37.73 12.11
C SER G 169 21.35 38.62 10.93
N ARG G 170 20.37 39.26 10.30
CA ARG G 170 20.68 40.20 9.22
C ARG G 170 21.43 41.42 9.73
N ARG G 171 21.04 41.92 10.91
CA ARG G 171 21.69 43.12 11.44
C ARG G 171 23.10 42.82 11.94
N VAL G 172 23.30 41.67 12.59
CA VAL G 172 24.62 41.33 13.11
C VAL G 172 25.62 41.20 11.97
N LEU G 173 25.26 40.46 10.93
CA LEU G 173 26.14 40.33 9.77
C LEU G 173 26.35 41.68 9.09
N ARG G 174 25.35 42.56 9.13
CA ARG G 174 25.47 43.87 8.50
C ARG G 174 26.26 44.84 9.37
N ASP G 175 26.07 44.79 10.68
CA ASP G 175 26.74 45.73 11.58
C ASP G 175 28.22 45.44 11.76
N ILE G 176 28.67 44.23 11.47
CA ILE G 176 30.10 43.91 11.59
C ILE G 176 30.86 44.27 10.32
N SER G 177 30.31 43.95 9.15
CA SER G 177 31.03 44.19 7.91
C SER G 177 30.93 45.65 7.47
N GLU G 178 29.75 46.26 7.63
CA GLU G 178 29.54 47.62 7.15
C GLU G 178 29.89 48.69 8.18
N ARG G 179 29.78 48.38 9.47
CA ARG G 179 30.09 49.34 10.52
C ARG G 179 31.32 48.99 11.34
N GLY G 180 31.80 47.75 11.27
CA GLY G 180 33.00 47.38 12.00
C GLY G 180 32.86 47.46 13.50
N ARG G 181 31.75 46.97 14.04
CA ARG G 181 31.48 47.03 15.47
C ARG G 181 31.73 45.66 16.12
N ASP G 182 31.81 45.68 17.44
CA ASP G 182 32.05 44.46 18.21
C ASP G 182 30.76 43.67 18.36
N LEU G 183 30.87 42.34 18.27
CA LEU G 183 29.69 41.49 18.32
C LEU G 183 29.00 41.58 19.68
N GLU G 184 29.77 41.57 20.76
CA GLU G 184 29.17 41.68 22.09
C GLU G 184 28.46 43.02 22.27
N GLN G 185 29.02 44.08 21.68
CA GLN G 185 28.38 45.40 21.79
C GLN G 185 27.11 45.46 20.95
N ILE G 186 27.13 44.82 19.77
CA ILE G 186 25.94 44.82 18.91
C ILE G 186 24.79 44.09 19.59
N LEU G 187 25.05 42.89 20.10
CA LEU G 187 24.00 42.12 20.75
C LEU G 187 23.53 42.80 22.03
N SER G 188 24.46 43.44 22.77
CA SER G 188 24.07 44.17 23.96
C SER G 188 23.22 45.38 23.60
N GLN G 189 23.62 46.13 22.57
CA GLN G 189 22.85 47.29 22.15
C GLN G 189 21.51 46.88 21.55
N TYR G 190 21.46 45.73 20.88
CA TYR G 190 20.20 45.27 20.28
C TYR G 190 19.20 44.88 21.35
N ILE G 191 19.62 44.08 22.33
CA ILE G 191 18.71 43.64 23.38
C ILE G 191 18.31 44.80 24.28
N THR G 192 19.26 45.69 24.59
CA THR G 192 18.98 46.78 25.52
C THR G 192 18.12 47.86 24.87
N PHE G 193 18.41 48.24 23.63
CA PHE G 193 17.77 49.36 22.98
C PHE G 193 16.94 48.97 21.77
N VAL G 194 17.52 48.24 20.82
CA VAL G 194 16.86 48.03 19.54
C VAL G 194 15.63 47.13 19.69
N LYS G 195 15.75 46.05 20.48
CA LYS G 195 14.64 45.11 20.59
C LYS G 195 13.43 45.73 21.28
N PRO G 196 13.54 46.32 22.48
CA PRO G 196 12.33 46.84 23.13
C PRO G 196 11.66 47.96 22.35
N ALA G 197 12.44 48.80 21.67
CA ALA G 197 11.85 49.90 20.91
C ALA G 197 10.99 49.38 19.77
N PHE G 198 11.39 48.28 19.15
CA PHE G 198 10.59 47.71 18.07
C PHE G 198 9.28 47.16 18.60
N GLU G 199 9.32 46.49 19.76
CA GLU G 199 8.09 45.90 20.31
C GLU G 199 7.15 46.95 20.85
N GLU G 200 7.68 48.05 21.40
CA GLU G 200 6.84 49.07 22.02
C GLU G 200 6.32 50.10 21.03
N PHE G 201 7.09 50.41 19.98
CA PHE G 201 6.72 51.47 19.06
C PHE G 201 6.44 50.97 17.65
N CYS G 202 7.33 50.17 17.06
CA CYS G 202 7.16 49.79 15.66
C CYS G 202 6.07 48.74 15.50
N LEU G 203 6.09 47.70 16.34
CA LEU G 203 5.11 46.62 16.20
C LEU G 203 3.65 47.09 16.27
N PRO G 204 3.26 47.97 17.19
CA PRO G 204 1.86 48.43 17.18
C PRO G 204 1.46 49.17 15.92
N THR G 205 2.41 49.75 15.18
CA THR G 205 2.11 50.48 13.97
C THR G 205 1.90 49.59 12.76
N LYS G 206 2.02 48.26 12.93
CA LYS G 206 1.83 47.36 11.80
C LYS G 206 0.38 47.32 11.34
N LYS G 207 -0.57 47.61 12.23
CA LYS G 207 -1.98 47.55 11.89
C LYS G 207 -2.37 48.60 10.87
N TYR G 208 -1.63 49.71 10.78
CA TYR G 208 -1.99 50.78 9.88
C TYR G 208 -1.60 50.51 8.43
N ALA G 209 -0.78 49.49 8.18
CA ALA G 209 -0.32 49.21 6.82
C ALA G 209 -1.46 48.65 5.97
N ASP G 210 -1.43 48.99 4.69
CA ASP G 210 -2.41 48.49 3.73
C ASP G 210 -1.95 47.17 3.10
N VAL G 211 -0.67 47.06 2.79
CA VAL G 211 -0.09 45.87 2.19
C VAL G 211 1.13 45.47 3.00
N ILE G 212 1.24 44.19 3.33
CA ILE G 212 2.36 43.67 4.10
C ILE G 212 3.25 42.87 3.17
N ILE G 213 4.53 43.23 3.13
CA ILE G 213 5.52 42.58 2.27
C ILE G 213 6.41 41.70 3.15
N PRO G 214 6.26 40.39 3.12
CA PRO G 214 7.05 39.53 4.00
C PRO G 214 8.46 39.26 3.47
N ARG G 215 9.34 38.92 4.40
CA ARG G 215 10.71 38.43 4.19
C ARG G 215 11.60 39.37 3.39
N GLY G 216 11.14 40.59 3.11
CA GLY G 216 12.03 41.63 2.63
C GLY G 216 12.30 41.70 1.13
N ALA G 217 13.57 41.87 0.78
CA ALA G 217 13.92 42.24 -0.59
C ALA G 217 13.85 41.06 -1.55
N ASP G 218 14.07 39.83 -1.05
CA ASP G 218 14.01 38.67 -1.92
C ASP G 218 12.59 38.41 -2.43
N ASN G 219 11.59 39.02 -1.82
CA ASN G 219 10.21 38.86 -2.26
C ASN G 219 10.00 39.57 -3.60
N LEU G 220 10.28 38.86 -4.70
CA LEU G 220 10.23 39.50 -6.01
C LEU G 220 8.81 39.73 -6.48
N VAL G 221 7.87 38.86 -6.10
CA VAL G 221 6.48 39.04 -6.51
C VAL G 221 5.90 40.31 -5.89
N ALA G 222 6.24 40.58 -4.63
CA ALA G 222 5.74 41.79 -3.98
C ALA G 222 6.41 43.04 -4.54
N ILE G 223 7.71 42.96 -4.84
CA ILE G 223 8.41 44.10 -5.39
C ILE G 223 7.90 44.42 -6.79
N ASN G 224 7.80 43.40 -7.64
CA ASN G 224 7.25 43.60 -8.98
C ASN G 224 5.81 44.06 -8.94
N LEU G 225 5.09 43.76 -7.87
CA LEU G 225 3.73 44.23 -7.72
C LEU G 225 3.69 45.73 -7.45
N ILE G 226 4.60 46.22 -6.60
CA ILE G 226 4.65 47.65 -6.31
C ILE G 226 5.27 48.40 -7.50
N VAL G 227 6.28 47.81 -8.15
CA VAL G 227 6.90 48.45 -9.30
C VAL G 227 5.89 48.60 -10.44
N GLN G 228 5.07 47.55 -10.66
CA GLN G 228 4.03 47.64 -11.68
C GLN G 228 3.00 48.70 -11.34
N HIS G 229 2.75 48.94 -10.05
CA HIS G 229 1.78 49.94 -9.63
C HIS G 229 2.32 51.36 -9.79
N ILE G 230 3.61 51.55 -9.50
CA ILE G 230 4.21 52.87 -9.63
C ILE G 230 4.26 53.29 -11.10
N GLN G 231 4.62 52.37 -11.98
CA GLN G 231 4.68 52.69 -13.41
C GLN G 231 3.31 53.06 -13.96
N ASP G 232 2.26 52.42 -13.45
CA ASP G 232 0.90 52.78 -13.86
C ASP G 232 0.54 54.17 -13.36
N ILE G 233 1.04 54.54 -12.18
CA ILE G 233 0.81 55.88 -11.66
C ILE G 233 1.55 56.92 -12.50
N LEU G 234 2.75 56.58 -12.96
CA LEU G 234 3.53 57.50 -13.79
C LEU G 234 2.81 57.78 -15.11
N ASN G 235 2.19 56.76 -15.69
CA ASN G 235 1.46 56.93 -16.95
C ASN G 235 0.00 57.27 -16.69
N GLU H 24 1.05 -16.61 -47.54
CA GLU H 24 1.23 -16.70 -46.09
C GLU H 24 0.25 -15.81 -45.35
N PRO H 25 -1.01 -16.26 -45.23
CA PRO H 25 -2.01 -15.45 -44.55
C PRO H 25 -1.84 -15.45 -43.04
N PHE H 26 -2.32 -14.38 -42.41
CA PHE H 26 -2.20 -14.18 -40.97
C PHE H 26 -3.50 -14.63 -40.30
N LEU H 27 -3.44 -15.72 -39.56
CA LEU H 27 -4.61 -16.26 -38.85
C LEU H 27 -4.69 -15.66 -37.46
N ILE H 28 -5.85 -15.07 -37.14
CA ILE H 28 -6.12 -14.51 -35.82
C ILE H 28 -7.32 -15.24 -35.24
N GLY H 29 -7.12 -15.90 -34.11
CA GLY H 29 -8.20 -16.57 -33.42
C GLY H 29 -8.84 -15.65 -32.40
N VAL H 30 -10.17 -15.56 -32.45
CA VAL H 30 -10.94 -14.72 -31.55
C VAL H 30 -11.92 -15.62 -30.81
N SER H 31 -11.74 -15.74 -29.50
CA SER H 31 -12.61 -16.54 -28.66
C SER H 31 -13.32 -15.66 -27.65
N GLY H 32 -14.07 -16.28 -26.76
CA GLY H 32 -14.85 -15.59 -25.75
C GLY H 32 -16.23 -16.20 -25.66
N GLY H 33 -16.85 -16.03 -24.50
CA GLY H 33 -18.17 -16.56 -24.26
C GLY H 33 -19.21 -15.95 -25.19
N THR H 34 -20.42 -16.51 -25.11
CA THR H 34 -21.49 -16.02 -25.95
C THR H 34 -21.86 -14.59 -25.58
N ALA H 35 -22.23 -13.81 -26.59
CA ALA H 35 -22.62 -12.40 -26.44
C ALA H 35 -21.54 -11.55 -25.79
N SER H 36 -20.29 -12.01 -25.78
CA SER H 36 -19.20 -11.19 -25.27
C SER H 36 -18.77 -10.11 -26.25
N GLY H 37 -19.06 -10.28 -27.54
CA GLY H 37 -18.77 -9.24 -28.52
C GLY H 37 -17.80 -9.65 -29.61
N LYS H 38 -17.53 -10.95 -29.76
CA LYS H 38 -16.58 -11.40 -30.76
C LYS H 38 -17.05 -11.06 -32.17
N SER H 39 -18.33 -11.31 -32.45
CA SER H 39 -18.88 -10.97 -33.76
C SER H 39 -18.86 -9.47 -33.99
N SER H 40 -19.24 -8.69 -32.97
CA SER H 40 -19.28 -7.24 -33.13
C SER H 40 -17.88 -6.65 -33.21
N VAL H 41 -16.91 -7.25 -32.52
CA VAL H 41 -15.52 -6.77 -32.62
C VAL H 41 -14.96 -7.03 -34.00
N CYS H 42 -15.10 -8.27 -34.49
CA CYS H 42 -14.57 -8.62 -35.81
C CYS H 42 -15.26 -7.81 -36.89
N ALA H 43 -16.57 -7.61 -36.78
CA ALA H 43 -17.28 -6.79 -37.75
C ALA H 43 -16.78 -5.35 -37.75
N LYS H 44 -16.35 -4.86 -36.59
CA LYS H 44 -15.81 -3.51 -36.53
C LYS H 44 -14.39 -3.45 -37.11
N ILE H 45 -13.59 -4.48 -36.86
CA ILE H 45 -12.21 -4.50 -37.36
C ILE H 45 -12.19 -4.39 -38.88
N VAL H 46 -13.06 -5.15 -39.56
CA VAL H 46 -13.10 -5.10 -41.01
C VAL H 46 -13.76 -3.81 -41.49
N GLN H 47 -14.63 -3.22 -40.69
CA GLN H 47 -15.27 -1.97 -41.08
C GLN H 47 -14.29 -0.81 -41.01
N LEU H 48 -13.49 -0.73 -39.94
CA LEU H 48 -12.48 0.31 -39.84
C LEU H 48 -11.43 0.17 -40.94
N LEU H 49 -11.17 -1.05 -41.39
CA LEU H 49 -10.22 -1.28 -42.47
C LEU H 49 -10.81 -1.03 -43.85
N GLY H 50 -12.07 -0.62 -43.93
CA GLY H 50 -12.69 -0.31 -45.21
C GLY H 50 -12.91 -1.49 -46.12
N GLN H 51 -13.02 -2.70 -45.55
CA GLN H 51 -13.23 -3.88 -46.38
C GLN H 51 -14.66 -3.97 -46.91
N ASN H 52 -15.60 -3.25 -46.30
CA ASN H 52 -16.98 -3.27 -46.79
C ASN H 52 -17.09 -2.58 -48.15
N GLU H 53 -16.23 -1.59 -48.41
CA GLU H 53 -16.22 -0.92 -49.71
C GLU H 53 -15.51 -1.75 -50.77
N VAL H 54 -14.64 -2.68 -50.37
CA VAL H 54 -13.94 -3.54 -51.31
C VAL H 54 -14.84 -4.72 -51.67
N ASP H 55 -14.71 -5.19 -52.91
CA ASP H 55 -15.50 -6.32 -53.37
C ASP H 55 -15.14 -7.58 -52.58
N TYR H 56 -16.09 -8.52 -52.54
CA TYR H 56 -15.89 -9.75 -51.78
C TYR H 56 -14.74 -10.58 -52.33
N ARG H 57 -14.50 -10.50 -53.64
CA ARG H 57 -13.40 -11.24 -54.24
C ARG H 57 -12.04 -10.60 -53.97
N GLN H 58 -12.00 -9.32 -53.63
CA GLN H 58 -10.76 -8.60 -53.37
C GLN H 58 -10.61 -8.22 -51.91
N LYS H 59 -11.34 -8.86 -51.01
CA LYS H 59 -11.24 -8.56 -49.59
C LYS H 59 -9.93 -9.10 -49.03
N GLN H 60 -9.20 -8.24 -48.31
CA GLN H 60 -7.93 -8.63 -47.70
C GLN H 60 -8.07 -9.15 -46.29
N VAL H 61 -9.19 -8.85 -45.62
CA VAL H 61 -9.45 -9.31 -44.26
C VAL H 61 -10.87 -9.88 -44.25
N VAL H 62 -10.97 -11.19 -44.00
CA VAL H 62 -12.26 -11.88 -44.00
C VAL H 62 -12.52 -12.41 -42.59
N ILE H 63 -13.80 -12.67 -42.32
CA ILE H 63 -14.25 -13.16 -41.03
C ILE H 63 -14.84 -14.55 -41.20
N LEU H 64 -14.43 -15.48 -40.34
CA LEU H 64 -14.97 -16.84 -40.31
C LEU H 64 -15.67 -17.07 -38.98
N SER H 65 -16.92 -17.48 -39.03
CA SER H 65 -17.72 -17.74 -37.84
C SER H 65 -17.78 -19.23 -37.57
N GLN H 66 -17.55 -19.62 -36.32
CA GLN H 66 -17.65 -21.02 -35.94
C GLN H 66 -19.07 -21.54 -36.03
N ASP H 67 -20.07 -20.66 -35.95
CA ASP H 67 -21.46 -21.08 -36.04
C ASP H 67 -21.82 -21.61 -37.42
N SER H 68 -21.02 -21.31 -38.44
CA SER H 68 -21.26 -21.86 -39.77
C SER H 68 -20.82 -23.32 -39.89
N PHE H 69 -19.90 -23.77 -39.03
CA PHE H 69 -19.37 -25.12 -39.10
C PHE H 69 -20.08 -26.07 -38.14
N TYR H 70 -21.36 -25.83 -37.85
CA TYR H 70 -22.14 -26.76 -37.05
C TYR H 70 -22.26 -28.10 -37.77
N ARG H 71 -22.19 -29.18 -37.00
CA ARG H 71 -22.25 -30.50 -37.60
C ARG H 71 -23.62 -30.75 -38.23
N VAL H 72 -23.65 -31.75 -39.13
CA VAL H 72 -24.83 -31.98 -39.95
C VAL H 72 -26.01 -32.40 -39.07
N LEU H 73 -27.19 -31.91 -39.43
CA LEU H 73 -28.41 -32.23 -38.69
C LEU H 73 -29.64 -32.06 -39.58
N GLU H 76 -28.83 -35.53 -38.84
CA GLU H 76 -29.85 -36.09 -37.96
C GLU H 76 -29.21 -36.86 -36.81
N GLN H 77 -28.85 -36.12 -35.77
CA GLN H 77 -28.38 -36.73 -34.53
C GLN H 77 -29.50 -36.84 -33.50
N LYS H 78 -30.30 -35.79 -33.37
CA LYS H 78 -31.49 -35.80 -32.53
C LYS H 78 -32.53 -34.94 -33.24
N ALA H 79 -33.56 -35.58 -33.81
CA ALA H 79 -34.59 -34.84 -34.52
C ALA H 79 -35.30 -33.85 -33.60
N LYS H 80 -35.56 -34.27 -32.36
CA LYS H 80 -36.25 -33.42 -31.40
C LYS H 80 -35.25 -32.44 -30.80
N ALA H 81 -35.45 -31.14 -31.08
CA ALA H 81 -34.76 -30.07 -30.39
C ALA H 81 -35.68 -29.22 -29.55
N LEU H 82 -37.00 -29.29 -29.79
CA LEU H 82 -38.00 -28.61 -28.99
C LEU H 82 -38.59 -29.51 -27.90
N LYS H 83 -38.87 -30.78 -28.22
CA LYS H 83 -39.32 -31.73 -27.20
C LYS H 83 -38.22 -31.97 -26.17
N GLY H 84 -37.01 -32.25 -26.64
CA GLY H 84 -35.84 -32.34 -25.79
C GLY H 84 -34.67 -31.65 -26.45
N GLN H 85 -34.15 -30.60 -25.82
CA GLN H 85 -33.16 -29.75 -26.47
C GLN H 85 -31.88 -30.52 -26.78
N PHE H 86 -30.99 -29.88 -27.54
CA PHE H 86 -29.88 -30.55 -28.19
C PHE H 86 -28.51 -30.19 -27.62
N ASN H 87 -28.37 -29.06 -26.94
CA ASN H 87 -27.09 -28.56 -26.46
C ASN H 87 -26.15 -28.29 -27.63
N PHE H 88 -26.37 -27.16 -28.31
CA PHE H 88 -25.56 -26.79 -29.46
C PHE H 88 -24.20 -26.21 -29.09
N ASP H 89 -23.99 -25.88 -27.82
CA ASP H 89 -22.74 -25.27 -27.39
C ASP H 89 -21.67 -26.29 -27.01
N HIS H 90 -21.97 -27.58 -27.16
CA HIS H 90 -21.00 -28.64 -26.89
C HIS H 90 -20.04 -28.79 -28.07
N PRO H 91 -18.76 -29.04 -27.81
CA PRO H 91 -17.81 -29.22 -28.92
C PRO H 91 -18.13 -30.40 -29.82
N ASP H 92 -18.95 -31.34 -29.37
CA ASP H 92 -19.33 -32.47 -30.22
C ASP H 92 -20.21 -32.02 -31.38
N ALA H 93 -20.92 -30.92 -31.23
CA ALA H 93 -21.82 -30.42 -32.26
C ALA H 93 -21.12 -29.55 -33.30
N PHE H 94 -19.79 -29.41 -33.22
CA PHE H 94 -19.02 -28.60 -34.15
C PHE H 94 -18.08 -29.51 -34.92
N ASP H 95 -18.05 -29.33 -36.25
CA ASP H 95 -17.22 -30.15 -37.12
C ASP H 95 -15.75 -29.75 -36.95
N ASN H 96 -15.12 -30.31 -35.91
CA ASN H 96 -13.73 -29.96 -35.63
C ASN H 96 -12.79 -30.44 -36.73
N GLU H 97 -13.19 -31.47 -37.48
CA GLU H 97 -12.35 -31.95 -38.58
C GLU H 97 -12.42 -31.00 -39.77
N LEU H 98 -13.61 -30.51 -40.10
CA LEU H 98 -13.75 -29.58 -41.21
C LEU H 98 -13.15 -28.22 -40.87
N ILE H 99 -13.28 -27.80 -39.61
CA ILE H 99 -12.64 -26.54 -39.19
C ILE H 99 -11.13 -26.64 -39.37
N LEU H 100 -10.54 -27.76 -38.96
CA LEU H 100 -9.10 -27.95 -39.16
C LEU H 100 -8.76 -28.02 -40.64
N LYS H 101 -9.61 -28.65 -41.44
CA LYS H 101 -9.35 -28.75 -42.88
C LYS H 101 -9.52 -27.39 -43.56
N THR H 102 -10.58 -26.65 -43.19
CA THR H 102 -10.82 -25.35 -43.80
C THR H 102 -9.69 -24.38 -43.48
N LEU H 103 -9.25 -24.33 -42.22
CA LEU H 103 -8.20 -23.40 -41.83
C LEU H 103 -6.84 -23.81 -42.38
N LYS H 104 -6.60 -25.12 -42.54
CA LYS H 104 -5.34 -25.57 -43.12
C LYS H 104 -5.23 -25.18 -44.58
N GLU H 105 -6.31 -25.36 -45.35
CA GLU H 105 -6.29 -24.95 -46.75
C GLU H 105 -6.19 -23.44 -46.90
N ILE H 106 -6.65 -22.68 -45.90
CA ILE H 106 -6.52 -21.24 -45.95
C ILE H 106 -5.06 -20.82 -45.75
N THR H 107 -4.37 -21.45 -44.79
CA THR H 107 -2.97 -21.14 -44.58
C THR H 107 -2.11 -21.50 -45.79
N GLU H 108 -2.51 -22.52 -46.56
CA GLU H 108 -1.79 -22.90 -47.76
C GLU H 108 -2.07 -21.94 -48.92
N GLY H 109 -3.00 -21.01 -48.76
CA GLY H 109 -3.30 -20.04 -49.80
C GLY H 109 -4.32 -20.49 -50.81
N LYS H 110 -5.14 -21.48 -50.49
CA LYS H 110 -6.12 -22.03 -51.42
C LYS H 110 -7.51 -21.47 -51.13
N THR H 111 -8.29 -21.30 -52.19
CA THR H 111 -9.67 -20.86 -52.03
C THR H 111 -10.49 -21.96 -51.36
N VAL H 112 -11.35 -21.56 -50.43
CA VAL H 112 -12.17 -22.50 -49.67
C VAL H 112 -13.64 -22.12 -49.81
N GLN H 113 -14.51 -23.09 -49.58
CA GLN H 113 -15.95 -22.90 -49.59
C GLN H 113 -16.49 -23.17 -48.20
N ILE H 114 -17.17 -22.19 -47.63
CA ILE H 114 -17.69 -22.26 -46.26
C ILE H 114 -19.17 -22.59 -46.33
N PRO H 115 -19.66 -23.59 -45.59
CA PRO H 115 -21.08 -23.93 -45.64
C PRO H 115 -21.94 -22.84 -45.00
N VAL H 116 -23.20 -22.82 -45.42
CA VAL H 116 -24.21 -21.93 -44.85
C VAL H 116 -25.08 -22.73 -43.90
N TYR H 117 -25.63 -22.05 -42.90
CA TYR H 117 -26.43 -22.70 -41.88
C TYR H 117 -27.60 -21.82 -41.49
N ASP H 118 -28.74 -22.45 -41.23
CA ASP H 118 -29.92 -21.81 -40.67
C ASP H 118 -30.17 -22.41 -39.30
N PHE H 119 -30.06 -21.57 -38.25
CA PHE H 119 -30.20 -22.06 -36.89
C PHE H 119 -31.59 -22.63 -36.63
N VAL H 120 -32.62 -22.05 -37.25
CA VAL H 120 -33.97 -22.54 -37.06
C VAL H 120 -34.19 -23.84 -37.83
N SER H 121 -33.74 -23.89 -39.08
CA SER H 121 -33.90 -25.09 -39.89
C SER H 121 -33.03 -26.24 -39.39
N HIS H 122 -31.94 -25.94 -38.68
CA HIS H 122 -31.01 -26.95 -38.16
C HIS H 122 -30.50 -27.87 -39.26
N SER H 123 -30.34 -27.33 -40.47
CA SER H 123 -29.87 -28.10 -41.61
C SER H 123 -28.76 -27.32 -42.31
N ARG H 124 -27.96 -28.05 -43.09
CA ARG H 124 -26.84 -27.49 -43.83
C ARG H 124 -27.31 -27.20 -45.27
N LYS H 125 -27.38 -25.92 -45.61
CA LYS H 125 -27.78 -25.54 -46.97
C LYS H 125 -26.73 -26.00 -47.98
N GLU H 126 -27.18 -26.39 -49.16
CA GLU H 126 -26.28 -26.88 -50.18
C GLU H 126 -25.39 -25.76 -50.74
N GLU H 127 -25.86 -24.52 -50.66
CA GLU H 127 -25.07 -23.39 -51.17
C GLU H 127 -23.93 -23.09 -50.21
N THR H 128 -22.75 -22.83 -50.79
CA THR H 128 -21.55 -22.52 -50.02
C THR H 128 -21.06 -21.12 -50.38
N VAL H 129 -20.47 -20.45 -49.39
CA VAL H 129 -19.90 -19.13 -49.58
C VAL H 129 -18.43 -19.30 -49.97
N THR H 130 -18.04 -18.74 -51.11
CA THR H 130 -16.68 -18.86 -51.61
C THR H 130 -15.82 -17.74 -51.01
N VAL H 131 -14.79 -18.13 -50.26
CA VAL H 131 -13.89 -17.17 -49.62
C VAL H 131 -12.53 -17.30 -50.30
N TYR H 132 -12.13 -16.24 -51.01
CA TYR H 132 -10.87 -16.25 -51.72
C TYR H 132 -9.70 -16.10 -50.73
N PRO H 133 -8.49 -16.48 -51.14
CA PRO H 133 -7.34 -16.33 -50.24
C PRO H 133 -7.13 -14.88 -49.84
N ALA H 134 -7.18 -14.64 -48.53
CA ALA H 134 -7.02 -13.31 -47.96
C ALA H 134 -5.72 -13.20 -47.19
N ASP H 135 -5.27 -11.96 -46.98
CA ASP H 135 -4.03 -11.72 -46.26
C ASP H 135 -4.20 -11.96 -44.77
N VAL H 136 -5.34 -11.54 -44.20
CA VAL H 136 -5.65 -11.72 -42.79
C VAL H 136 -7.02 -12.37 -42.69
N VAL H 137 -7.13 -13.40 -41.84
CA VAL H 137 -8.37 -14.13 -41.64
C VAL H 137 -8.70 -14.13 -40.16
N LEU H 138 -9.91 -13.68 -39.82
CA LEU H 138 -10.39 -13.68 -38.45
C LEU H 138 -11.37 -14.84 -38.26
N PHE H 139 -11.09 -15.69 -37.27
CA PHE H 139 -11.96 -16.81 -36.94
C PHE H 139 -12.49 -16.59 -35.53
N GLU H 140 -13.77 -16.29 -35.41
CA GLU H 140 -14.41 -16.06 -34.12
C GLU H 140 -15.30 -17.25 -33.76
N GLY H 141 -15.22 -17.67 -32.50
CA GLY H 141 -16.02 -18.77 -32.02
C GLY H 141 -15.84 -19.03 -30.54
N ILE H 142 -16.89 -19.51 -29.88
CA ILE H 142 -16.81 -19.76 -28.43
C ILE H 142 -15.73 -20.79 -28.12
N LEU H 143 -15.49 -21.73 -29.03
CA LEU H 143 -14.53 -22.81 -28.81
C LEU H 143 -13.39 -22.78 -29.81
N ALA H 144 -13.03 -21.57 -30.28
CA ALA H 144 -11.96 -21.43 -31.26
C ALA H 144 -10.60 -21.87 -30.71
N PHE H 145 -10.44 -21.90 -29.38
CA PHE H 145 -9.19 -22.33 -28.76
C PHE H 145 -9.32 -23.68 -28.08
N TYR H 146 -10.35 -24.47 -28.41
CA TYR H 146 -10.57 -25.73 -27.73
C TYR H 146 -9.62 -26.82 -28.25
N SER H 147 -9.67 -27.09 -29.54
CA SER H 147 -8.83 -28.11 -30.14
C SER H 147 -7.42 -27.58 -30.35
N GLN H 148 -6.42 -28.38 -29.97
CA GLN H 148 -5.03 -27.93 -30.05
C GLN H 148 -4.57 -27.78 -31.50
N GLU H 149 -5.07 -28.64 -32.40
CA GLU H 149 -4.68 -28.54 -33.80
C GLU H 149 -5.14 -27.24 -34.43
N VAL H 150 -6.24 -26.67 -33.94
CA VAL H 150 -6.71 -25.39 -34.47
C VAL H 150 -6.02 -24.23 -33.75
N ARG H 151 -5.64 -24.41 -32.49
CA ARG H 151 -4.98 -23.34 -31.75
C ARG H 151 -3.68 -22.92 -32.42
N ASP H 152 -2.83 -23.88 -32.78
CA ASP H 152 -1.51 -23.56 -33.32
C ASP H 152 -1.59 -22.87 -34.67
N LEU H 153 -2.72 -22.95 -35.36
CA LEU H 153 -2.84 -22.27 -36.65
C LEU H 153 -3.00 -20.77 -36.48
N PHE H 154 -3.53 -20.32 -35.34
CA PHE H 154 -3.72 -18.90 -35.08
C PHE H 154 -2.40 -18.29 -34.62
N GLN H 155 -1.86 -17.37 -35.43
CA GLN H 155 -0.63 -16.69 -35.05
C GLN H 155 -0.85 -15.75 -33.88
N MET H 156 -2.06 -15.20 -33.76
CA MET H 156 -2.45 -14.32 -32.66
C MET H 156 -3.79 -14.79 -32.12
N LYS H 157 -3.85 -15.01 -30.81
CA LYS H 157 -5.04 -15.54 -30.15
C LYS H 157 -5.62 -14.46 -29.24
N LEU H 158 -6.88 -14.10 -29.49
CA LEU H 158 -7.57 -13.06 -28.73
C LEU H 158 -8.77 -13.67 -27.99
N PHE H 159 -9.05 -13.12 -26.82
CA PHE H 159 -10.18 -13.55 -26.00
C PHE H 159 -10.93 -12.32 -25.51
N VAL H 160 -12.25 -12.31 -25.74
CA VAL H 160 -13.12 -11.24 -25.27
C VAL H 160 -13.72 -11.68 -23.94
N ASP H 161 -13.26 -11.08 -22.85
CA ASP H 161 -13.61 -11.54 -21.50
C ASP H 161 -14.63 -10.59 -20.88
N THR H 162 -15.88 -10.73 -21.32
CA THR H 162 -16.98 -9.99 -20.74
C THR H 162 -17.64 -10.81 -19.64
N ASP H 163 -18.03 -10.16 -18.55
CA ASP H 163 -18.56 -10.84 -17.38
C ASP H 163 -19.78 -11.68 -17.74
N ALA H 164 -20.05 -12.67 -16.89
CA ALA H 164 -21.08 -13.66 -17.21
C ALA H 164 -22.47 -13.04 -17.24
N ASP H 165 -22.82 -12.24 -16.22
CA ASP H 165 -24.14 -11.63 -16.18
C ASP H 165 -24.31 -10.61 -17.30
N THR H 166 -23.25 -9.87 -17.62
CA THR H 166 -23.31 -8.92 -18.73
C THR H 166 -23.54 -9.64 -20.05
N ARG H 167 -22.80 -10.74 -20.28
CA ARG H 167 -23.02 -11.54 -21.49
C ARG H 167 -24.42 -12.11 -21.53
N LEU H 168 -24.99 -12.45 -20.35
CA LEU H 168 -26.35 -12.97 -20.32
C LEU H 168 -27.37 -11.88 -20.66
N SER H 169 -27.17 -10.67 -20.12
CA SER H 169 -28.08 -9.58 -20.42
C SER H 169 -28.02 -9.20 -21.90
N ARG H 170 -26.82 -9.24 -22.49
CA ARG H 170 -26.70 -8.97 -23.92
C ARG H 170 -27.40 -10.04 -24.74
N ARG H 171 -27.22 -11.31 -24.36
CA ARG H 171 -27.79 -12.41 -25.15
C ARG H 171 -29.31 -12.43 -25.05
N VAL H 172 -29.85 -12.18 -23.86
CA VAL H 172 -31.31 -12.15 -23.71
C VAL H 172 -31.93 -11.11 -24.62
N LEU H 173 -31.41 -9.88 -24.57
CA LEU H 173 -31.93 -8.82 -25.43
C LEU H 173 -31.68 -9.14 -26.91
N ARG H 174 -30.55 -9.78 -27.21
CA ARG H 174 -30.25 -10.12 -28.59
C ARG H 174 -31.16 -11.23 -29.10
N ASP H 175 -31.41 -12.24 -28.27
CA ASP H 175 -32.21 -13.39 -28.70
C ASP H 175 -33.70 -13.06 -28.80
N ILE H 176 -34.17 -12.03 -28.10
CA ILE H 176 -35.59 -11.68 -28.19
C ILE H 176 -35.87 -10.83 -29.42
N SER H 177 -34.95 -9.97 -29.82
CA SER H 177 -35.15 -9.14 -31.01
C SER H 177 -34.73 -9.85 -32.29
N GLU H 178 -33.54 -10.44 -32.31
CA GLU H 178 -33.06 -11.10 -33.52
C GLU H 178 -33.82 -12.39 -33.79
N ARG H 179 -34.13 -13.15 -32.75
CA ARG H 179 -34.91 -14.38 -32.86
C ARG H 179 -36.29 -14.18 -32.24
N GLY H 180 -37.18 -15.13 -32.53
CA GLY H 180 -38.54 -15.05 -32.02
C GLY H 180 -38.75 -15.87 -30.77
N ARG H 181 -37.69 -16.10 -30.01
CA ARG H 181 -37.77 -16.92 -28.81
C ARG H 181 -38.30 -16.11 -27.63
N ASP H 182 -39.09 -16.77 -26.79
CA ASP H 182 -39.59 -16.15 -25.58
C ASP H 182 -38.54 -16.25 -24.47
N LEU H 183 -38.72 -15.42 -23.43
CA LEU H 183 -37.70 -15.28 -22.39
C LEU H 183 -37.53 -16.56 -21.60
N GLU H 184 -38.63 -17.27 -21.31
CA GLU H 184 -38.54 -18.46 -20.46
C GLU H 184 -37.69 -19.55 -21.12
N GLN H 185 -37.80 -19.70 -22.44
CA GLN H 185 -36.98 -20.69 -23.12
C GLN H 185 -35.52 -20.24 -23.23
N ILE H 186 -35.29 -18.94 -23.39
CA ILE H 186 -33.92 -18.43 -23.51
C ILE H 186 -33.15 -18.70 -22.22
N LEU H 187 -33.75 -18.37 -21.08
CA LEU H 187 -33.07 -18.55 -19.80
C LEU H 187 -32.94 -20.03 -19.45
N SER H 188 -33.96 -20.82 -19.77
CA SER H 188 -33.88 -22.26 -19.52
C SER H 188 -32.82 -22.91 -20.41
N GLN H 189 -32.76 -22.51 -21.68
CA GLN H 189 -31.73 -23.04 -22.57
C GLN H 189 -30.34 -22.55 -22.18
N TYR H 190 -30.24 -21.30 -21.69
CA TYR H 190 -28.93 -20.76 -21.32
C TYR H 190 -28.38 -21.47 -20.08
N ILE H 191 -29.23 -21.66 -19.06
CA ILE H 191 -28.76 -22.25 -17.82
C ILE H 191 -28.46 -23.74 -18.00
N THR H 192 -29.27 -24.42 -18.81
CA THR H 192 -29.11 -25.86 -18.97
C THR H 192 -27.92 -26.21 -19.85
N PHE H 193 -27.58 -25.38 -20.83
CA PHE H 193 -26.60 -25.77 -21.83
C PHE H 193 -25.52 -24.72 -22.06
N VAL H 194 -25.93 -23.46 -22.27
CA VAL H 194 -24.97 -22.42 -22.63
C VAL H 194 -24.01 -22.17 -21.46
N LYS H 195 -24.55 -22.06 -20.24
CA LYS H 195 -23.69 -21.77 -19.09
C LYS H 195 -22.73 -22.92 -18.79
N PRO H 196 -23.16 -24.17 -18.66
CA PRO H 196 -22.19 -25.23 -18.35
C PRO H 196 -21.17 -25.45 -19.45
N ALA H 197 -21.54 -25.30 -20.72
CA ALA H 197 -20.59 -25.50 -21.80
C ALA H 197 -19.51 -24.42 -21.81
N PHE H 198 -19.87 -23.20 -21.42
CA PHE H 198 -18.86 -22.13 -21.35
C PHE H 198 -17.84 -22.43 -20.26
N GLU H 199 -18.31 -22.83 -19.07
CA GLU H 199 -17.40 -23.03 -17.95
C GLU H 199 -16.55 -24.29 -18.13
N GLU H 200 -17.06 -25.29 -18.83
CA GLU H 200 -16.34 -26.54 -18.98
C GLU H 200 -15.39 -26.53 -20.18
N PHE H 201 -15.78 -25.86 -21.27
CA PHE H 201 -15.01 -25.89 -22.50
C PHE H 201 -14.42 -24.55 -22.89
N CYS H 202 -15.14 -23.45 -22.73
CA CYS H 202 -14.64 -22.16 -23.18
C CYS H 202 -13.72 -21.51 -22.15
N LEU H 203 -14.11 -21.52 -20.88
CA LEU H 203 -13.30 -20.87 -19.85
C LEU H 203 -11.89 -21.45 -19.71
N PRO H 204 -11.68 -22.77 -19.72
CA PRO H 204 -10.30 -23.27 -19.65
C PRO H 204 -9.44 -22.85 -20.83
N THR H 205 -10.02 -22.49 -21.96
CA THR H 205 -9.25 -22.07 -23.12
C THR H 205 -8.83 -20.61 -23.06
N LYS H 206 -9.18 -19.90 -22.00
CA LYS H 206 -8.79 -18.50 -21.88
C LYS H 206 -7.29 -18.34 -21.69
N LYS H 207 -6.63 -19.36 -21.13
CA LYS H 207 -5.19 -19.26 -20.87
C LYS H 207 -4.38 -19.23 -22.16
N TYR H 208 -4.92 -19.79 -23.24
CA TYR H 208 -4.20 -19.81 -24.51
C TYR H 208 -4.19 -18.46 -25.22
N ALA H 209 -5.01 -17.51 -24.78
CA ALA H 209 -5.11 -16.23 -25.46
C ALA H 209 -3.85 -15.40 -25.25
N ASP H 210 -3.46 -14.67 -26.29
CA ASP H 210 -2.30 -13.78 -26.22
C ASP H 210 -2.67 -12.37 -25.78
N VAL H 211 -3.86 -11.91 -26.14
CA VAL H 211 -4.35 -10.59 -25.77
C VAL H 211 -5.82 -10.73 -25.38
N ILE H 212 -6.20 -10.13 -24.26
CA ILE H 212 -7.57 -10.20 -23.74
C ILE H 212 -8.22 -8.84 -23.89
N ILE H 213 -9.42 -8.82 -24.45
CA ILE H 213 -10.20 -7.60 -24.62
C ILE H 213 -11.31 -7.61 -23.56
N PRO H 214 -11.30 -6.67 -22.62
CA PRO H 214 -12.14 -6.84 -21.42
C PRO H 214 -13.63 -6.66 -21.64
N ARG H 215 -14.06 -5.76 -22.53
CA ARG H 215 -15.48 -5.45 -22.60
C ARG H 215 -16.13 -5.71 -23.95
N GLY H 216 -15.38 -5.81 -25.02
CA GLY H 216 -15.97 -6.14 -26.31
C GLY H 216 -15.98 -5.00 -27.31
N ALA H 217 -17.12 -4.83 -28.00
CA ALA H 217 -17.18 -3.90 -29.12
C ALA H 217 -16.97 -2.45 -28.69
N ASP H 218 -17.45 -2.09 -27.50
CA ASP H 218 -17.31 -0.70 -27.04
C ASP H 218 -15.86 -0.32 -26.77
N ASN H 219 -14.98 -1.31 -26.56
CA ASN H 219 -13.58 -1.04 -26.27
C ASN H 219 -12.89 -0.54 -27.54
N LEU H 220 -13.02 0.77 -27.77
CA LEU H 220 -12.46 1.37 -28.98
C LEU H 220 -10.94 1.41 -28.96
N VAL H 221 -10.34 1.48 -27.77
CA VAL H 221 -8.88 1.52 -27.67
C VAL H 221 -8.28 0.17 -28.08
N ALA H 222 -8.92 -0.93 -27.67
CA ALA H 222 -8.42 -2.25 -28.03
C ALA H 222 -8.66 -2.56 -29.51
N ILE H 223 -9.79 -2.09 -30.06
CA ILE H 223 -10.09 -2.35 -31.47
C ILE H 223 -9.14 -1.57 -32.37
N ASN H 224 -8.92 -0.29 -32.06
CA ASN H 224 -8.00 0.51 -32.86
C ASN H 224 -6.58 -0.03 -32.79
N LEU H 225 -6.22 -0.69 -31.68
CA LEU H 225 -4.90 -1.31 -31.58
C LEU H 225 -4.76 -2.47 -32.55
N ILE H 226 -5.79 -3.32 -32.64
CA ILE H 226 -5.73 -4.47 -33.53
C ILE H 226 -5.86 -4.04 -34.98
N VAL H 227 -6.69 -3.03 -35.25
CA VAL H 227 -6.84 -2.52 -36.60
C VAL H 227 -5.51 -1.98 -37.13
N GLN H 228 -4.78 -1.25 -36.28
CA GLN H 228 -3.48 -0.74 -36.67
C GLN H 228 -2.49 -1.87 -36.92
N HIS H 229 -2.59 -2.96 -36.14
CA HIS H 229 -1.68 -4.09 -36.33
C HIS H 229 -1.94 -4.78 -37.66
N ILE H 230 -3.21 -4.92 -38.04
CA ILE H 230 -3.53 -5.54 -39.32
C ILE H 230 -3.12 -4.65 -40.47
N GLN H 231 -3.31 -3.34 -40.33
CA GLN H 231 -2.91 -2.42 -41.40
C GLN H 231 -1.40 -2.42 -41.60
N ASP H 232 -0.63 -2.64 -40.54
CA ASP H 232 0.81 -2.80 -40.70
C ASP H 232 1.14 -4.12 -41.39
N ILE H 233 0.34 -5.16 -41.15
CA ILE H 233 0.54 -6.43 -41.83
C ILE H 233 0.16 -6.32 -43.30
N LEU H 234 -0.87 -5.53 -43.61
CA LEU H 234 -1.29 -5.36 -45.00
C LEU H 234 -0.26 -4.61 -45.82
N ASN H 235 0.45 -3.66 -45.21
CA ASN H 235 1.49 -2.93 -45.93
C ASN H 235 2.73 -3.78 -46.18
N GLY H 236 2.96 -4.81 -45.36
CA GLY H 236 4.10 -5.68 -45.54
C GLY H 236 5.21 -5.44 -44.53
#